data_1XAU
# 
_entry.id   1XAU 
# 
_audit_conform.dict_name       mmcif_pdbx.dic 
_audit_conform.dict_version    5.397 
_audit_conform.dict_location   http://mmcif.pdb.org/dictionaries/ascii/mmcif_pdbx.dic 
# 
loop_
_database_2.database_id 
_database_2.database_code 
_database_2.pdbx_database_accession 
_database_2.pdbx_DOI 
PDB   1XAU         pdb_00001xau 10.2210/pdb1xau/pdb 
RCSB  RCSB030149   ?            ?                   
WWPDB D_1000030149 ?            ?                   
# 
loop_
_pdbx_audit_revision_history.ordinal 
_pdbx_audit_revision_history.data_content_type 
_pdbx_audit_revision_history.major_revision 
_pdbx_audit_revision_history.minor_revision 
_pdbx_audit_revision_history.revision_date 
1 'Structure model' 1 0 2004-10-05 
2 'Structure model' 1 1 2008-04-30 
3 'Structure model' 1 2 2011-07-13 
4 'Structure model' 1 3 2024-10-09 
# 
_pdbx_audit_revision_details.ordinal             1 
_pdbx_audit_revision_details.revision_ordinal    1 
_pdbx_audit_revision_details.data_content_type   'Structure model' 
_pdbx_audit_revision_details.provider            repository 
_pdbx_audit_revision_details.type                'Initial release' 
_pdbx_audit_revision_details.description         ? 
_pdbx_audit_revision_details.details             ? 
# 
loop_
_pdbx_audit_revision_group.ordinal 
_pdbx_audit_revision_group.revision_ordinal 
_pdbx_audit_revision_group.data_content_type 
_pdbx_audit_revision_group.group 
1 2 'Structure model' 'Version format compliance' 
2 3 'Structure model' 'Version format compliance' 
3 4 'Structure model' 'Data collection'           
4 4 'Structure model' 'Database references'       
5 4 'Structure model' 'Derived calculations'      
6 4 'Structure model' 'Structure summary'         
# 
loop_
_pdbx_audit_revision_category.ordinal 
_pdbx_audit_revision_category.revision_ordinal 
_pdbx_audit_revision_category.data_content_type 
_pdbx_audit_revision_category.category 
1 4 'Structure model' chem_comp_atom            
2 4 'Structure model' chem_comp_bond            
3 4 'Structure model' database_2                
4 4 'Structure model' pdbx_entry_details        
5 4 'Structure model' pdbx_modification_feature 
6 4 'Structure model' pdbx_struct_conn_angle    
7 4 'Structure model' struct_conn               
8 4 'Structure model' struct_ref_seq_dif        
9 4 'Structure model' struct_site               
# 
loop_
_pdbx_audit_revision_item.ordinal 
_pdbx_audit_revision_item.revision_ordinal 
_pdbx_audit_revision_item.data_content_type 
_pdbx_audit_revision_item.item 
1  4 'Structure model' '_database_2.pdbx_DOI'                        
2  4 'Structure model' '_database_2.pdbx_database_accession'         
3  4 'Structure model' '_pdbx_struct_conn_angle.ptnr1_auth_comp_id'  
4  4 'Structure model' '_pdbx_struct_conn_angle.ptnr1_auth_seq_id'   
5  4 'Structure model' '_pdbx_struct_conn_angle.ptnr1_label_asym_id' 
6  4 'Structure model' '_pdbx_struct_conn_angle.ptnr1_label_atom_id' 
7  4 'Structure model' '_pdbx_struct_conn_angle.ptnr1_label_comp_id' 
8  4 'Structure model' '_pdbx_struct_conn_angle.ptnr1_label_seq_id'  
9  4 'Structure model' '_pdbx_struct_conn_angle.ptnr1_symmetry'      
10 4 'Structure model' '_pdbx_struct_conn_angle.ptnr2_auth_seq_id'   
11 4 'Structure model' '_pdbx_struct_conn_angle.ptnr2_label_asym_id' 
12 4 'Structure model' '_pdbx_struct_conn_angle.ptnr3_auth_comp_id'  
13 4 'Structure model' '_pdbx_struct_conn_angle.ptnr3_auth_seq_id'   
14 4 'Structure model' '_pdbx_struct_conn_angle.ptnr3_label_asym_id' 
15 4 'Structure model' '_pdbx_struct_conn_angle.ptnr3_label_atom_id' 
16 4 'Structure model' '_pdbx_struct_conn_angle.ptnr3_label_comp_id' 
17 4 'Structure model' '_pdbx_struct_conn_angle.ptnr3_label_seq_id'  
18 4 'Structure model' '_pdbx_struct_conn_angle.ptnr3_symmetry'      
19 4 'Structure model' '_pdbx_struct_conn_angle.value'               
20 4 'Structure model' '_struct_conn.pdbx_dist_value'                
21 4 'Structure model' '_struct_conn.ptnr1_auth_comp_id'             
22 4 'Structure model' '_struct_conn.ptnr1_auth_seq_id'              
23 4 'Structure model' '_struct_conn.ptnr1_label_asym_id'            
24 4 'Structure model' '_struct_conn.ptnr1_label_atom_id'            
25 4 'Structure model' '_struct_conn.ptnr1_label_comp_id'            
26 4 'Structure model' '_struct_conn.ptnr1_label_seq_id'             
27 4 'Structure model' '_struct_conn.ptnr1_symmetry'                 
28 4 'Structure model' '_struct_conn.ptnr2_auth_comp_id'             
29 4 'Structure model' '_struct_conn.ptnr2_auth_seq_id'              
30 4 'Structure model' '_struct_conn.ptnr2_label_asym_id'            
31 4 'Structure model' '_struct_conn.ptnr2_label_atom_id'            
32 4 'Structure model' '_struct_conn.ptnr2_label_comp_id'            
33 4 'Structure model' '_struct_conn.ptnr2_label_seq_id'             
34 4 'Structure model' '_struct_conn.ptnr2_symmetry'                 
35 4 'Structure model' '_struct_ref_seq_dif.details'                 
36 4 'Structure model' '_struct_site.pdbx_auth_asym_id'              
37 4 'Structure model' '_struct_site.pdbx_auth_comp_id'              
38 4 'Structure model' '_struct_site.pdbx_auth_seq_id'               
# 
_pdbx_database_status.status_code                     REL 
_pdbx_database_status.entry_id                        1XAU 
_pdbx_database_status.recvd_initial_deposition_date   2004-08-26 
_pdbx_database_status.deposit_site                    RCSB 
_pdbx_database_status.process_site                    RCSB 
_pdbx_database_status.SG_entry                        Y 
_pdbx_database_status.status_code_sf                  REL 
_pdbx_database_status.status_code_mr                  ? 
_pdbx_database_status.pdb_format_compatible           Y 
_pdbx_database_status.status_code_cs                  ? 
_pdbx_database_status.status_code_nmr_data            ? 
_pdbx_database_status.methods_development_category    ? 
# 
_pdbx_database_related.db_name        TargetDB 
_pdbx_database_related.db_id          APC35310 
_pdbx_database_related.details        . 
_pdbx_database_related.content_type   unspecified 
# 
loop_
_audit_author.name 
_audit_author.pdbx_ordinal 
'Nelson, C.A.'                                  1 
'Fremont, D.H.'                                 2 
'Midwest Center for Structural Genomics (MCSG)' 3 
# 
_citation.id                        primary 
_citation.title                     
'Structural determinants of herpesvirus entry mediator recognition by murine B and T lymphocyte attenuator.' 
_citation.journal_abbrev            J.Immunol. 
_citation.journal_volume            180 
_citation.page_first                940 
_citation.page_last                 947 
_citation.year                      2008 
_citation.journal_id_ASTM           JOIMA3 
_citation.country                   US 
_citation.journal_id_ISSN           0022-1767 
_citation.journal_id_CSD            0952 
_citation.book_publisher            ? 
_citation.pdbx_database_id_PubMed   18178834 
_citation.pdbx_database_id_DOI      ? 
# 
loop_
_citation_author.citation_id 
_citation_author.name 
_citation_author.ordinal 
_citation_author.identifier_ORCID 
primary 'Nelson, C.A.'  1 ? 
primary 'Fremont, M.D.' 2 ? 
primary 'Sedy, J.R.'    3 ? 
primary 'Norris, P.S.'  4 ? 
primary 'Ware, C.F.'    5 ? 
primary 'Murphy, K.M.'  6 ? 
primary 'Fremont, D.H.' 7 ? 
# 
loop_
_entity.id 
_entity.type 
_entity.src_method 
_entity.pdbx_description 
_entity.formula_weight 
_entity.pdbx_number_of_molecules 
_entity.pdbx_ec 
_entity.pdbx_mutation 
_entity.pdbx_fragment 
_entity.details 
1 polymer     man 'B- and T-lymphocyte attenuator' 14147.902 1   ? ? 'BTLA ectodomain (residues 30-150)' ? 
2 non-polymer syn 'CADMIUM ION'                    112.411   2   ? ? ?                                   ? 
3 water       nat water                            18.015    225 ? ? ?                                   ? 
# 
_entity_poly.entity_id                      1 
_entity_poly.type                           'polypeptide(L)' 
_entity_poly.nstd_linkage                   no 
_entity_poly.nstd_monomer                   no 
_entity_poly.pdbx_seq_one_letter_code       
;MEKATKRNDEECEVQLNIKRNSKHSAWTGELFKIECPVKYCVHRPNVTWCKHNGTIWVPLEVGPQLYTSWEENRSVPVFV
LHFKPIHLSDNGSYSCSTNFNSQVINSHSVTIHVRERSQNSS
;
_entity_poly.pdbx_seq_one_letter_code_can   
;MEKATKRNDEECEVQLNIKRNSKHSAWTGELFKIECPVKYCVHRPNVTWCKHNGTIWVPLEVGPQLYTSWEENRSVPVFV
LHFKPIHLSDNGSYSCSTNFNSQVINSHSVTIHVRERSQNSS
;
_entity_poly.pdbx_strand_id                 A 
_entity_poly.pdbx_target_identifier         APC35310 
# 
loop_
_pdbx_entity_nonpoly.entity_id 
_pdbx_entity_nonpoly.name 
_pdbx_entity_nonpoly.comp_id 
2 'CADMIUM ION' CD  
3 water         HOH 
# 
loop_
_entity_poly_seq.entity_id 
_entity_poly_seq.num 
_entity_poly_seq.mon_id 
_entity_poly_seq.hetero 
1 1   MET n 
1 2   GLU n 
1 3   LYS n 
1 4   ALA n 
1 5   THR n 
1 6   LYS n 
1 7   ARG n 
1 8   ASN n 
1 9   ASP n 
1 10  GLU n 
1 11  GLU n 
1 12  CYS n 
1 13  GLU n 
1 14  VAL n 
1 15  GLN n 
1 16  LEU n 
1 17  ASN n 
1 18  ILE n 
1 19  LYS n 
1 20  ARG n 
1 21  ASN n 
1 22  SER n 
1 23  LYS n 
1 24  HIS n 
1 25  SER n 
1 26  ALA n 
1 27  TRP n 
1 28  THR n 
1 29  GLY n 
1 30  GLU n 
1 31  LEU n 
1 32  PHE n 
1 33  LYS n 
1 34  ILE n 
1 35  GLU n 
1 36  CYS n 
1 37  PRO n 
1 38  VAL n 
1 39  LYS n 
1 40  TYR n 
1 41  CYS n 
1 42  VAL n 
1 43  HIS n 
1 44  ARG n 
1 45  PRO n 
1 46  ASN n 
1 47  VAL n 
1 48  THR n 
1 49  TRP n 
1 50  CYS n 
1 51  LYS n 
1 52  HIS n 
1 53  ASN n 
1 54  GLY n 
1 55  THR n 
1 56  ILE n 
1 57  TRP n 
1 58  VAL n 
1 59  PRO n 
1 60  LEU n 
1 61  GLU n 
1 62  VAL n 
1 63  GLY n 
1 64  PRO n 
1 65  GLN n 
1 66  LEU n 
1 67  TYR n 
1 68  THR n 
1 69  SER n 
1 70  TRP n 
1 71  GLU n 
1 72  GLU n 
1 73  ASN n 
1 74  ARG n 
1 75  SER n 
1 76  VAL n 
1 77  PRO n 
1 78  VAL n 
1 79  PHE n 
1 80  VAL n 
1 81  LEU n 
1 82  HIS n 
1 83  PHE n 
1 84  LYS n 
1 85  PRO n 
1 86  ILE n 
1 87  HIS n 
1 88  LEU n 
1 89  SER n 
1 90  ASP n 
1 91  ASN n 
1 92  GLY n 
1 93  SER n 
1 94  TYR n 
1 95  SER n 
1 96  CYS n 
1 97  SER n 
1 98  THR n 
1 99  ASN n 
1 100 PHE n 
1 101 ASN n 
1 102 SER n 
1 103 GLN n 
1 104 VAL n 
1 105 ILE n 
1 106 ASN n 
1 107 SER n 
1 108 HIS n 
1 109 SER n 
1 110 VAL n 
1 111 THR n 
1 112 ILE n 
1 113 HIS n 
1 114 VAL n 
1 115 ARG n 
1 116 GLU n 
1 117 ARG n 
1 118 SER n 
1 119 GLN n 
1 120 ASN n 
1 121 SER n 
1 122 SER n 
# 
_entity_src_gen.entity_id                          1 
_entity_src_gen.pdbx_src_id                        1 
_entity_src_gen.pdbx_alt_source_flag               sample 
_entity_src_gen.pdbx_seq_type                      ? 
_entity_src_gen.pdbx_beg_seq_num                   ? 
_entity_src_gen.pdbx_end_seq_num                   ? 
_entity_src_gen.gene_src_common_name               'house mouse' 
_entity_src_gen.gene_src_genus                     Mus 
_entity_src_gen.pdbx_gene_src_gene                 'BALB/c BTLA' 
_entity_src_gen.gene_src_species                   ? 
_entity_src_gen.gene_src_strain                    ? 
_entity_src_gen.gene_src_tissue                    ? 
_entity_src_gen.gene_src_tissue_fraction           ? 
_entity_src_gen.gene_src_details                   ? 
_entity_src_gen.pdbx_gene_src_fragment             ? 
_entity_src_gen.pdbx_gene_src_scientific_name      'Mus musculus' 
_entity_src_gen.pdbx_gene_src_ncbi_taxonomy_id     10090 
_entity_src_gen.pdbx_gene_src_variant              ? 
_entity_src_gen.pdbx_gene_src_cell_line            ? 
_entity_src_gen.pdbx_gene_src_atcc                 ? 
_entity_src_gen.pdbx_gene_src_organ                ? 
_entity_src_gen.pdbx_gene_src_organelle            ? 
_entity_src_gen.pdbx_gene_src_cell                 ? 
_entity_src_gen.pdbx_gene_src_cellular_location    ? 
_entity_src_gen.host_org_common_name               ? 
_entity_src_gen.pdbx_host_org_scientific_name      'Escherichia coli' 
_entity_src_gen.pdbx_host_org_ncbi_taxonomy_id     562 
_entity_src_gen.host_org_genus                     Escherichia 
_entity_src_gen.pdbx_host_org_gene                 ? 
_entity_src_gen.pdbx_host_org_organ                ? 
_entity_src_gen.host_org_species                   ? 
_entity_src_gen.pdbx_host_org_tissue               ? 
_entity_src_gen.pdbx_host_org_tissue_fraction      ? 
_entity_src_gen.pdbx_host_org_strain               'BL21(DE3)RIL codon (+) E.coli cells (Stratagene)' 
_entity_src_gen.pdbx_host_org_variant              ? 
_entity_src_gen.pdbx_host_org_cell_line            ? 
_entity_src_gen.pdbx_host_org_atcc                 ? 
_entity_src_gen.pdbx_host_org_culture_collection   ? 
_entity_src_gen.pdbx_host_org_cell                 ? 
_entity_src_gen.pdbx_host_org_organelle            ? 
_entity_src_gen.pdbx_host_org_cellular_location    ? 
_entity_src_gen.pdbx_host_org_vector_type          PLASMID 
_entity_src_gen.pdbx_host_org_vector               ? 
_entity_src_gen.host_org_details                   ? 
_entity_src_gen.expression_system_id               ? 
_entity_src_gen.plasmid_name                       'pET-28 (EMD Biosciences)' 
_entity_src_gen.plasmid_details                    ? 
_entity_src_gen.pdbx_description                   ? 
# 
loop_
_chem_comp.id 
_chem_comp.type 
_chem_comp.mon_nstd_flag 
_chem_comp.name 
_chem_comp.pdbx_synonyms 
_chem_comp.formula 
_chem_comp.formula_weight 
ALA 'L-peptide linking' y ALANINE         ? 'C3 H7 N O2'     89.093  
ARG 'L-peptide linking' y ARGININE        ? 'C6 H15 N4 O2 1' 175.209 
ASN 'L-peptide linking' y ASPARAGINE      ? 'C4 H8 N2 O3'    132.118 
ASP 'L-peptide linking' y 'ASPARTIC ACID' ? 'C4 H7 N O4'     133.103 
CD  non-polymer         . 'CADMIUM ION'   ? 'Cd 2'           112.411 
CYS 'L-peptide linking' y CYSTEINE        ? 'C3 H7 N O2 S'   121.158 
GLN 'L-peptide linking' y GLUTAMINE       ? 'C5 H10 N2 O3'   146.144 
GLU 'L-peptide linking' y 'GLUTAMIC ACID' ? 'C5 H9 N O4'     147.129 
GLY 'peptide linking'   y GLYCINE         ? 'C2 H5 N O2'     75.067  
HIS 'L-peptide linking' y HISTIDINE       ? 'C6 H10 N3 O2 1' 156.162 
HOH non-polymer         . WATER           ? 'H2 O'           18.015  
ILE 'L-peptide linking' y ISOLEUCINE      ? 'C6 H13 N O2'    131.173 
LEU 'L-peptide linking' y LEUCINE         ? 'C6 H13 N O2'    131.173 
LYS 'L-peptide linking' y LYSINE          ? 'C6 H15 N2 O2 1' 147.195 
MET 'L-peptide linking' y METHIONINE      ? 'C5 H11 N O2 S'  149.211 
PHE 'L-peptide linking' y PHENYLALANINE   ? 'C9 H11 N O2'    165.189 
PRO 'L-peptide linking' y PROLINE         ? 'C5 H9 N O2'     115.130 
SER 'L-peptide linking' y SERINE          ? 'C3 H7 N O3'     105.093 
THR 'L-peptide linking' y THREONINE       ? 'C4 H9 N O3'     119.119 
TRP 'L-peptide linking' y TRYPTOPHAN      ? 'C11 H12 N2 O2'  204.225 
TYR 'L-peptide linking' y TYROSINE        ? 'C9 H11 N O3'    181.189 
VAL 'L-peptide linking' y VALINE          ? 'C5 H11 N O2'    117.146 
# 
loop_
_pdbx_poly_seq_scheme.asym_id 
_pdbx_poly_seq_scheme.entity_id 
_pdbx_poly_seq_scheme.seq_id 
_pdbx_poly_seq_scheme.mon_id 
_pdbx_poly_seq_scheme.ndb_seq_num 
_pdbx_poly_seq_scheme.pdb_seq_num 
_pdbx_poly_seq_scheme.auth_seq_num 
_pdbx_poly_seq_scheme.pdb_mon_id 
_pdbx_poly_seq_scheme.auth_mon_id 
_pdbx_poly_seq_scheme.pdb_strand_id 
_pdbx_poly_seq_scheme.pdb_ins_code 
_pdbx_poly_seq_scheme.hetero 
A 1 1   MET 1   0   ?   ?   ?   A . n 
A 1 2   GLU 2   1   ?   ?   ?   A . n 
A 1 3   LYS 3   2   ?   ?   ?   A . n 
A 1 4   ALA 4   3   ?   ?   ?   A . n 
A 1 5   THR 5   4   ?   ?   ?   A . n 
A 1 6   LYS 6   5   ?   ?   ?   A . n 
A 1 7   ARG 7   6   ?   ?   ?   A . n 
A 1 8   ASN 8   7   ?   ?   ?   A . n 
A 1 9   ASP 9   8   ?   ?   ?   A . n 
A 1 10  GLU 10  9   ?   ?   ?   A . n 
A 1 11  GLU 11  10  ?   ?   ?   A . n 
A 1 12  CYS 12  11  11  CYS CYS A . n 
A 1 13  GLU 13  12  12  GLU GLU A . n 
A 1 14  VAL 14  13  13  VAL VAL A . n 
A 1 15  GLN 15  14  14  GLN GLN A . n 
A 1 16  LEU 16  15  15  LEU LEU A . n 
A 1 17  ASN 17  16  16  ASN ASN A . n 
A 1 18  ILE 18  17  17  ILE ILE A . n 
A 1 19  LYS 19  18  18  LYS LYS A . n 
A 1 20  ARG 20  19  19  ARG ARG A . n 
A 1 21  ASN 21  20  20  ASN ASN A . n 
A 1 22  SER 22  21  21  SER SER A . n 
A 1 23  LYS 23  22  22  LYS LYS A . n 
A 1 24  HIS 24  23  23  HIS HIS A . n 
A 1 25  SER 25  24  24  SER SER A . n 
A 1 26  ALA 26  25  25  ALA ALA A . n 
A 1 27  TRP 27  26  26  TRP TRP A . n 
A 1 28  THR 28  27  27  THR THR A . n 
A 1 29  GLY 29  28  28  GLY GLY A . n 
A 1 30  GLU 30  29  29  GLU GLU A . n 
A 1 31  LEU 31  30  30  LEU LEU A . n 
A 1 32  PHE 32  31  31  PHE PHE A . n 
A 1 33  LYS 33  32  32  LYS LYS A . n 
A 1 34  ILE 34  33  33  ILE ILE A . n 
A 1 35  GLU 35  34  34  GLU GLU A . n 
A 1 36  CYS 36  35  35  CYS CYS A . n 
A 1 37  PRO 37  36  36  PRO PRO A . n 
A 1 38  VAL 38  37  37  VAL VAL A . n 
A 1 39  LYS 39  38  38  LYS LYS A . n 
A 1 40  TYR 40  39  39  TYR TYR A . n 
A 1 41  CYS 41  40  40  CYS CYS A . n 
A 1 42  VAL 42  41  41  VAL VAL A . n 
A 1 43  HIS 43  42  42  HIS HIS A . n 
A 1 44  ARG 44  43  43  ARG ARG A . n 
A 1 45  PRO 45  44  44  PRO PRO A . n 
A 1 46  ASN 46  45  45  ASN ASN A . n 
A 1 47  VAL 47  46  46  VAL VAL A . n 
A 1 48  THR 48  47  47  THR THR A . n 
A 1 49  TRP 49  48  48  TRP TRP A . n 
A 1 50  CYS 50  49  49  CYS CYS A . n 
A 1 51  LYS 51  50  50  LYS LYS A . n 
A 1 52  HIS 52  51  51  HIS HIS A . n 
A 1 53  ASN 53  52  52  ASN ASN A . n 
A 1 54  GLY 54  53  53  GLY GLY A . n 
A 1 55  THR 55  54  54  THR THR A . n 
A 1 56  ILE 56  55  55  ILE ILE A . n 
A 1 57  TRP 57  56  56  TRP TRP A . n 
A 1 58  VAL 58  57  57  VAL VAL A . n 
A 1 59  PRO 59  58  58  PRO PRO A . n 
A 1 60  LEU 60  59  59  LEU LEU A . n 
A 1 61  GLU 61  60  60  GLU GLU A . n 
A 1 62  VAL 62  61  61  VAL VAL A . n 
A 1 63  GLY 63  62  62  GLY GLY A . n 
A 1 64  PRO 64  63  63  PRO PRO A . n 
A 1 65  GLN 65  64  64  GLN GLN A . n 
A 1 66  LEU 66  65  65  LEU LEU A . n 
A 1 67  TYR 67  66  66  TYR TYR A . n 
A 1 68  THR 68  67  67  THR THR A . n 
A 1 69  SER 69  68  68  SER SER A . n 
A 1 70  TRP 70  69  69  TRP TRP A . n 
A 1 71  GLU 71  70  70  GLU GLU A . n 
A 1 72  GLU 72  71  71  GLU GLU A . n 
A 1 73  ASN 73  72  72  ASN ASN A . n 
A 1 74  ARG 74  73  73  ARG ARG A . n 
A 1 75  SER 75  74  74  SER SER A . n 
A 1 76  VAL 76  75  75  VAL VAL A . n 
A 1 77  PRO 77  76  76  PRO PRO A . n 
A 1 78  VAL 78  77  77  VAL VAL A . n 
A 1 79  PHE 79  78  78  PHE PHE A . n 
A 1 80  VAL 80  79  79  VAL VAL A . n 
A 1 81  LEU 81  80  80  LEU LEU A . n 
A 1 82  HIS 82  81  81  HIS HIS A . n 
A 1 83  PHE 83  82  82  PHE PHE A . n 
A 1 84  LYS 84  83  83  LYS LYS A . n 
A 1 85  PRO 85  84  84  PRO PRO A . n 
A 1 86  ILE 86  85  85  ILE ILE A . n 
A 1 87  HIS 87  86  86  HIS HIS A . n 
A 1 88  LEU 88  87  87  LEU LEU A . n 
A 1 89  SER 89  88  88  SER SER A . n 
A 1 90  ASP 90  89  89  ASP ASP A . n 
A 1 91  ASN 91  90  90  ASN ASN A . n 
A 1 92  GLY 92  91  91  GLY GLY A . n 
A 1 93  SER 93  92  92  SER SER A . n 
A 1 94  TYR 94  93  93  TYR TYR A . n 
A 1 95  SER 95  94  94  SER SER A . n 
A 1 96  CYS 96  95  95  CYS CYS A . n 
A 1 97  SER 97  96  96  SER SER A . n 
A 1 98  THR 98  97  97  THR THR A . n 
A 1 99  ASN 99  98  98  ASN ASN A . n 
A 1 100 PHE 100 99  99  PHE PHE A . n 
A 1 101 ASN 101 100 100 ASN ASN A . n 
A 1 102 SER 102 101 101 SER SER A . n 
A 1 103 GLN 103 102 102 GLN GLN A . n 
A 1 104 VAL 104 103 103 VAL VAL A . n 
A 1 105 ILE 105 104 104 ILE ILE A . n 
A 1 106 ASN 106 105 105 ASN ASN A . n 
A 1 107 SER 107 106 106 SER SER A . n 
A 1 108 HIS 108 107 107 HIS HIS A . n 
A 1 109 SER 109 108 108 SER SER A . n 
A 1 110 VAL 110 109 109 VAL VAL A . n 
A 1 111 THR 111 110 110 THR THR A . n 
A 1 112 ILE 112 111 111 ILE ILE A . n 
A 1 113 HIS 113 112 112 HIS HIS A . n 
A 1 114 VAL 114 113 113 VAL VAL A . n 
A 1 115 ARG 115 114 114 ARG ARG A . n 
A 1 116 GLU 116 115 ?   ?   ?   A . n 
A 1 117 ARG 117 116 ?   ?   ?   A . n 
A 1 118 SER 118 117 ?   ?   ?   A . n 
A 1 119 GLN 119 118 ?   ?   ?   A . n 
A 1 120 ASN 120 119 ?   ?   ?   A . n 
A 1 121 SER 121 120 ?   ?   ?   A . n 
A 1 122 SER 122 121 ?   ?   ?   A . n 
# 
loop_
_pdbx_nonpoly_scheme.asym_id 
_pdbx_nonpoly_scheme.entity_id 
_pdbx_nonpoly_scheme.mon_id 
_pdbx_nonpoly_scheme.ndb_seq_num 
_pdbx_nonpoly_scheme.pdb_seq_num 
_pdbx_nonpoly_scheme.auth_seq_num 
_pdbx_nonpoly_scheme.pdb_mon_id 
_pdbx_nonpoly_scheme.auth_mon_id 
_pdbx_nonpoly_scheme.pdb_strand_id 
_pdbx_nonpoly_scheme.pdb_ins_code 
B 2 CD  1   122 1   CD  CD  A . 
C 2 CD  1   123 2   CD  CD  A . 
D 3 HOH 1   201 201 HOH HOH A . 
D 3 HOH 2   202 202 HOH HOH A . 
D 3 HOH 3   203 203 HOH HOH A . 
D 3 HOH 4   204 204 HOH HOH A . 
D 3 HOH 5   205 205 HOH HOH A . 
D 3 HOH 6   206 206 HOH HOH A . 
D 3 HOH 7   207 207 HOH HOH A . 
D 3 HOH 8   208 208 HOH HOH A . 
D 3 HOH 9   209 209 HOH HOH A . 
D 3 HOH 10  210 210 HOH HOH A . 
D 3 HOH 11  211 211 HOH HOH A . 
D 3 HOH 12  212 212 HOH HOH A . 
D 3 HOH 13  213 213 HOH HOH A . 
D 3 HOH 14  214 214 HOH HOH A . 
D 3 HOH 15  215 215 HOH HOH A . 
D 3 HOH 16  216 216 HOH HOH A . 
D 3 HOH 17  217 217 HOH HOH A . 
D 3 HOH 18  218 218 HOH HOH A . 
D 3 HOH 19  219 219 HOH HOH A . 
D 3 HOH 20  220 220 HOH HOH A . 
D 3 HOH 21  221 221 HOH HOH A . 
D 3 HOH 22  222 222 HOH HOH A . 
D 3 HOH 23  223 223 HOH HOH A . 
D 3 HOH 24  224 224 HOH HOH A . 
D 3 HOH 25  225 225 HOH HOH A . 
D 3 HOH 26  226 226 HOH HOH A . 
D 3 HOH 27  227 227 HOH HOH A . 
D 3 HOH 28  228 228 HOH HOH A . 
D 3 HOH 29  229 229 HOH HOH A . 
D 3 HOH 30  230 230 HOH HOH A . 
D 3 HOH 31  231 231 HOH HOH A . 
D 3 HOH 32  232 232 HOH HOH A . 
D 3 HOH 33  233 233 HOH HOH A . 
D 3 HOH 34  234 234 HOH HOH A . 
D 3 HOH 35  235 235 HOH HOH A . 
D 3 HOH 36  236 236 HOH HOH A . 
D 3 HOH 37  237 237 HOH HOH A . 
D 3 HOH 38  238 238 HOH HOH A . 
D 3 HOH 39  239 239 HOH HOH A . 
D 3 HOH 40  240 240 HOH HOH A . 
D 3 HOH 41  241 241 HOH HOH A . 
D 3 HOH 42  242 242 HOH HOH A . 
D 3 HOH 43  243 243 HOH HOH A . 
D 3 HOH 44  244 244 HOH HOH A . 
D 3 HOH 45  245 245 HOH HOH A . 
D 3 HOH 46  246 246 HOH HOH A . 
D 3 HOH 47  247 247 HOH HOH A . 
D 3 HOH 48  248 248 HOH HOH A . 
D 3 HOH 49  249 249 HOH HOH A . 
D 3 HOH 50  250 250 HOH HOH A . 
D 3 HOH 51  251 251 HOH HOH A . 
D 3 HOH 52  252 252 HOH HOH A . 
D 3 HOH 53  253 253 HOH HOH A . 
D 3 HOH 54  254 254 HOH HOH A . 
D 3 HOH 55  255 255 HOH HOH A . 
D 3 HOH 56  256 256 HOH HOH A . 
D 3 HOH 57  257 257 HOH HOH A . 
D 3 HOH 58  258 258 HOH HOH A . 
D 3 HOH 59  259 259 HOH HOH A . 
D 3 HOH 60  260 260 HOH HOH A . 
D 3 HOH 61  261 261 HOH HOH A . 
D 3 HOH 62  262 262 HOH HOH A . 
D 3 HOH 63  263 263 HOH HOH A . 
D 3 HOH 64  264 264 HOH HOH A . 
D 3 HOH 65  265 265 HOH HOH A . 
D 3 HOH 66  266 266 HOH HOH A . 
D 3 HOH 67  267 267 HOH HOH A . 
D 3 HOH 68  268 268 HOH HOH A . 
D 3 HOH 69  269 269 HOH HOH A . 
D 3 HOH 70  270 270 HOH HOH A . 
D 3 HOH 71  271 271 HOH HOH A . 
D 3 HOH 72  272 272 HOH HOH A . 
D 3 HOH 73  273 273 HOH HOH A . 
D 3 HOH 74  274 274 HOH HOH A . 
D 3 HOH 75  275 275 HOH HOH A . 
D 3 HOH 76  276 276 HOH HOH A . 
D 3 HOH 77  277 277 HOH HOH A . 
D 3 HOH 78  278 278 HOH HOH A . 
D 3 HOH 79  279 279 HOH HOH A . 
D 3 HOH 80  280 280 HOH HOH A . 
D 3 HOH 81  281 281 HOH HOH A . 
D 3 HOH 82  282 282 HOH HOH A . 
D 3 HOH 83  283 283 HOH HOH A . 
D 3 HOH 84  284 284 HOH HOH A . 
D 3 HOH 85  285 285 HOH HOH A . 
D 3 HOH 86  286 286 HOH HOH A . 
D 3 HOH 87  287 287 HOH HOH A . 
D 3 HOH 88  288 288 HOH HOH A . 
D 3 HOH 89  289 289 HOH HOH A . 
D 3 HOH 90  290 290 HOH HOH A . 
D 3 HOH 91  291 291 HOH HOH A . 
D 3 HOH 92  292 292 HOH HOH A . 
D 3 HOH 93  293 293 HOH HOH A . 
D 3 HOH 94  294 294 HOH HOH A . 
D 3 HOH 95  295 295 HOH HOH A . 
D 3 HOH 96  296 296 HOH HOH A . 
D 3 HOH 97  297 297 HOH HOH A . 
D 3 HOH 98  298 298 HOH HOH A . 
D 3 HOH 99  299 299 HOH HOH A . 
D 3 HOH 100 300 300 HOH HOH A . 
D 3 HOH 101 301 301 HOH HOH A . 
D 3 HOH 102 302 302 HOH HOH A . 
D 3 HOH 103 303 303 HOH HOH A . 
D 3 HOH 104 304 304 HOH HOH A . 
D 3 HOH 105 305 305 HOH HOH A . 
D 3 HOH 106 306 306 HOH HOH A . 
D 3 HOH 107 307 307 HOH HOH A . 
D 3 HOH 108 308 308 HOH HOH A . 
D 3 HOH 109 309 309 HOH HOH A . 
D 3 HOH 110 310 310 HOH HOH A . 
D 3 HOH 111 311 311 HOH HOH A . 
D 3 HOH 112 312 312 HOH HOH A . 
D 3 HOH 113 313 313 HOH HOH A . 
D 3 HOH 114 314 314 HOH HOH A . 
D 3 HOH 115 315 315 HOH HOH A . 
D 3 HOH 116 316 316 HOH HOH A . 
D 3 HOH 117 317 317 HOH HOH A . 
D 3 HOH 118 318 318 HOH HOH A . 
D 3 HOH 119 319 319 HOH HOH A . 
D 3 HOH 120 320 320 HOH HOH A . 
D 3 HOH 121 321 321 HOH HOH A . 
D 3 HOH 122 322 322 HOH HOH A . 
D 3 HOH 123 323 323 HOH HOH A . 
D 3 HOH 124 324 324 HOH HOH A . 
D 3 HOH 125 325 325 HOH HOH A . 
D 3 HOH 126 326 326 HOH HOH A . 
D 3 HOH 127 327 327 HOH HOH A . 
D 3 HOH 128 328 328 HOH HOH A . 
D 3 HOH 129 329 329 HOH HOH A . 
D 3 HOH 130 330 330 HOH HOH A . 
D 3 HOH 131 331 331 HOH HOH A . 
D 3 HOH 132 332 332 HOH HOH A . 
D 3 HOH 133 333 333 HOH HOH A . 
D 3 HOH 134 334 334 HOH HOH A . 
D 3 HOH 135 335 335 HOH HOH A . 
D 3 HOH 136 336 336 HOH HOH A . 
D 3 HOH 137 337 337 HOH HOH A . 
D 3 HOH 138 338 338 HOH HOH A . 
D 3 HOH 139 339 339 HOH HOH A . 
D 3 HOH 140 340 340 HOH HOH A . 
D 3 HOH 141 341 341 HOH HOH A . 
D 3 HOH 142 342 342 HOH HOH A . 
D 3 HOH 143 343 343 HOH HOH A . 
D 3 HOH 144 344 344 HOH HOH A . 
D 3 HOH 145 345 345 HOH HOH A . 
D 3 HOH 146 346 346 HOH HOH A . 
D 3 HOH 147 347 347 HOH HOH A . 
D 3 HOH 148 348 348 HOH HOH A . 
D 3 HOH 149 349 349 HOH HOH A . 
D 3 HOH 150 350 350 HOH HOH A . 
D 3 HOH 151 351 351 HOH HOH A . 
D 3 HOH 152 352 352 HOH HOH A . 
D 3 HOH 153 353 353 HOH HOH A . 
D 3 HOH 154 354 354 HOH HOH A . 
D 3 HOH 155 355 355 HOH HOH A . 
D 3 HOH 156 356 356 HOH HOH A . 
D 3 HOH 157 357 357 HOH HOH A . 
D 3 HOH 158 358 358 HOH HOH A . 
D 3 HOH 159 359 359 HOH HOH A . 
D 3 HOH 160 360 360 HOH HOH A . 
D 3 HOH 161 361 361 HOH HOH A . 
D 3 HOH 162 362 362 HOH HOH A . 
D 3 HOH 163 363 363 HOH HOH A . 
D 3 HOH 164 364 364 HOH HOH A . 
D 3 HOH 165 365 365 HOH HOH A . 
D 3 HOH 166 366 366 HOH HOH A . 
D 3 HOH 167 367 367 HOH HOH A . 
D 3 HOH 168 368 368 HOH HOH A . 
D 3 HOH 169 369 369 HOH HOH A . 
D 3 HOH 170 370 370 HOH HOH A . 
D 3 HOH 171 371 371 HOH HOH A . 
D 3 HOH 172 372 372 HOH HOH A . 
D 3 HOH 173 373 373 HOH HOH A . 
D 3 HOH 174 374 374 HOH HOH A . 
D 3 HOH 175 375 375 HOH HOH A . 
D 3 HOH 176 376 376 HOH HOH A . 
D 3 HOH 177 377 377 HOH HOH A . 
D 3 HOH 178 378 378 HOH HOH A . 
D 3 HOH 179 379 379 HOH HOH A . 
D 3 HOH 180 380 380 HOH HOH A . 
D 3 HOH 181 381 381 HOH HOH A . 
D 3 HOH 182 382 382 HOH HOH A . 
D 3 HOH 183 383 383 HOH HOH A . 
D 3 HOH 184 384 384 HOH HOH A . 
D 3 HOH 185 385 385 HOH HOH A . 
D 3 HOH 186 386 386 HOH HOH A . 
D 3 HOH 187 387 387 HOH HOH A . 
D 3 HOH 188 388 388 HOH HOH A . 
D 3 HOH 189 389 389 HOH HOH A . 
D 3 HOH 190 390 390 HOH HOH A . 
D 3 HOH 191 391 391 HOH HOH A . 
D 3 HOH 192 392 392 HOH HOH A . 
D 3 HOH 193 393 393 HOH HOH A . 
D 3 HOH 194 394 394 HOH HOH A . 
D 3 HOH 195 395 395 HOH HOH A . 
D 3 HOH 196 396 396 HOH HOH A . 
D 3 HOH 197 397 397 HOH HOH A . 
D 3 HOH 198 398 398 HOH HOH A . 
D 3 HOH 199 399 399 HOH HOH A . 
D 3 HOH 200 400 400 HOH HOH A . 
D 3 HOH 201 401 401 HOH HOH A . 
D 3 HOH 202 402 402 HOH HOH A . 
D 3 HOH 203 403 403 HOH HOH A . 
D 3 HOH 204 404 404 HOH HOH A . 
D 3 HOH 205 405 405 HOH HOH A . 
D 3 HOH 206 406 406 HOH HOH A . 
D 3 HOH 207 407 407 HOH HOH A . 
D 3 HOH 208 408 408 HOH HOH A . 
D 3 HOH 209 409 409 HOH HOH A . 
D 3 HOH 210 410 410 HOH HOH A . 
D 3 HOH 211 411 411 HOH HOH A . 
D 3 HOH 212 412 412 HOH HOH A . 
D 3 HOH 213 413 413 HOH HOH A . 
D 3 HOH 214 414 414 HOH HOH A . 
D 3 HOH 215 415 415 HOH HOH A . 
D 3 HOH 216 416 416 HOH HOH A . 
D 3 HOH 217 417 417 HOH HOH A . 
D 3 HOH 218 418 418 HOH HOH A . 
D 3 HOH 219 419 419 HOH HOH A . 
D 3 HOH 220 420 420 HOH HOH A . 
D 3 HOH 221 421 421 HOH HOH A . 
D 3 HOH 222 422 422 HOH HOH A . 
D 3 HOH 223 423 423 HOH HOH A . 
D 3 HOH 224 424 424 HOH HOH A . 
D 3 HOH 225 425 425 HOH HOH A . 
# 
loop_
_software.name 
_software.classification 
_software.version 
_software.citation_id 
_software.pdbx_ordinal 
CNS    refinement       1.1 ? 1 
MOSFLM 'data reduction' .   ? 2 
d*TREK 'data scaling'   .   ? 3 
SHARP  phasing          .   ? 4 
# 
_cell.entry_id           1XAU 
_cell.length_a           36.670 
_cell.length_b           37.542 
_cell.length_c           90.151 
_cell.angle_alpha        90.00 
_cell.angle_beta         90.00 
_cell.angle_gamma        90.00 
_cell.Z_PDB              4 
_cell.pdbx_unique_axis   ? 
# 
_symmetry.entry_id                         1XAU 
_symmetry.space_group_name_H-M             'P 21 21 21' 
_symmetry.pdbx_full_space_group_name_H-M   ? 
_symmetry.cell_setting                     ? 
_symmetry.Int_Tables_number                19 
_symmetry.space_group_name_Hall            ? 
# 
_exptl.entry_id          1XAU 
_exptl.method            'X-RAY DIFFRACTION' 
_exptl.crystals_number   2 
# 
_exptl_crystal.id                    1 
_exptl_crystal.density_meas          ? 
_exptl_crystal.density_Matthews      2.2 
_exptl_crystal.density_percent_sol   44 
_exptl_crystal.description           ? 
_exptl_crystal.F_000                 ? 
_exptl_crystal.preparation           ? 
# 
_exptl_crystal_grow.crystal_id      1 
_exptl_crystal_grow.method          'VAPOR DIFFUSION, HANGING DROP' 
_exptl_crystal_grow.temp            293.15 
_exptl_crystal_grow.temp_details    ? 
_exptl_crystal_grow.pH              5.8 
_exptl_crystal_grow.pdbx_details    
;10mM Cadmium Chloride, 100mM Citric Acid/NaOH, 220mM Ammonium Acetate, 26% PEG 4000, 10mM Trimethylamine-HCl, pH 5.8, VAPOR DIFFUSION, HANGING DROP, temperature 293.15K
;
_exptl_crystal_grow.pdbx_pH_range   . 
# 
_diffrn.id                     1 
_diffrn.ambient_temp           110 
_diffrn.ambient_temp_details   ? 
_diffrn.crystal_id             1 
# 
_diffrn_detector.diffrn_id              1 
_diffrn_detector.detector               CCD 
_diffrn_detector.type                   NOIR-1 
_diffrn_detector.pdbx_collection_date   2004-08-05 
_diffrn_detector.details                ? 
# 
_diffrn_radiation.diffrn_id                        1 
_diffrn_radiation.wavelength_id                    1 
_diffrn_radiation.pdbx_monochromatic_or_laue_m_l   M 
_diffrn_radiation.monochromator                    'SAGITALLY FOCUSED' 
_diffrn_radiation.pdbx_diffrn_protocol             MAD 
_diffrn_radiation.pdbx_scattering_type             x-ray 
# 
loop_
_diffrn_radiation_wavelength.id 
_diffrn_radiation_wavelength.wavelength 
_diffrn_radiation_wavelength.wt 
1 1.54978 1.0 
2 2.06637 1.0 
# 
_diffrn_source.diffrn_id                   1 
_diffrn_source.source                      SYNCHROTRON 
_diffrn_source.type                        'ALS BEAMLINE 4.2.2' 
_diffrn_source.pdbx_synchrotron_site       ALS 
_diffrn_source.pdbx_synchrotron_beamline   4.2.2 
_diffrn_source.pdbx_wavelength             ? 
_diffrn_source.pdbx_wavelength_list        '1.54978, 2.06637' 
# 
_reflns.entry_id                     1XAU 
_reflns.observed_criterion_sigma_I   2 
_reflns.observed_criterion_sigma_F   2 
_reflns.d_resolution_low             50 
_reflns.d_resolution_high            1.8 
_reflns.number_obs                   11536 
_reflns.number_all                   ? 
_reflns.percent_possible_obs         96.5 
_reflns.pdbx_Rmerge_I_obs            0.056 
_reflns.pdbx_Rsym_value              ? 
_reflns.pdbx_netI_over_sigmaI        14.4 
_reflns.B_iso_Wilson_estimate        18.9 
_reflns.pdbx_redundancy              3.7 
_reflns.R_free_details               ? 
_reflns.limit_h_max                  ? 
_reflns.limit_h_min                  ? 
_reflns.limit_k_max                  ? 
_reflns.limit_k_min                  ? 
_reflns.limit_l_max                  ? 
_reflns.limit_l_min                  ? 
_reflns.observed_criterion_F_max     ? 
_reflns.observed_criterion_F_min     ? 
_reflns.pdbx_chi_squared             ? 
_reflns.pdbx_scaling_rejects         ? 
_reflns.pdbx_diffrn_id               1 
_reflns.pdbx_ordinal                 1 
# 
_reflns_shell.d_res_high             1.83 
_reflns_shell.d_res_low              1.92 
_reflns_shell.percent_possible_all   ? 
_reflns_shell.Rmerge_I_obs           0.185 
_reflns_shell.pdbx_Rsym_value        ? 
_reflns_shell.meanI_over_sigI_obs    4.2 
_reflns_shell.pdbx_redundancy        2.46 
_reflns_shell.percent_possible_obs   ? 
_reflns_shell.number_unique_all      1086 
_reflns_shell.number_measured_all    ? 
_reflns_shell.number_measured_obs    ? 
_reflns_shell.number_unique_obs      ? 
_reflns_shell.pdbx_chi_squared       ? 
_reflns_shell.pdbx_diffrn_id         ? 
_reflns_shell.pdbx_ordinal           1 
# 
_refine.entry_id                                 1XAU 
_refine.ls_number_reflns_obs                     11536 
_refine.ls_number_reflns_all                     ? 
_refine.pdbx_ls_sigma_I                          ? 
_refine.pdbx_ls_sigma_F                          0.0 
_refine.pdbx_data_cutoff_high_absF               997841.34 
_refine.pdbx_data_cutoff_low_absF                0.000000 
_refine.pdbx_data_cutoff_high_rms_absF           ? 
_refine.ls_d_res_low                             28.85 
_refine.ls_d_res_high                            1.80 
_refine.ls_percent_reflns_obs                    95.5 
_refine.ls_R_factor_obs                          0.206 
_refine.ls_R_factor_all                          ? 
_refine.ls_R_factor_R_work                       0.206 
_refine.ls_R_factor_R_free                       0.269 
_refine.ls_R_factor_R_free_error                 0.011 
_refine.ls_R_factor_R_free_error_details         ? 
_refine.ls_percent_reflns_R_free                 5.0 
_refine.ls_number_reflns_R_free                  577 
_refine.ls_number_parameters                     ? 
_refine.ls_number_restraints                     ? 
_refine.occupancy_min                            ? 
_refine.occupancy_max                            ? 
_refine.correlation_coeff_Fo_to_Fc               ? 
_refine.correlation_coeff_Fo_to_Fc_free          ? 
_refine.B_iso_mean                               29.3 
_refine.aniso_B[1][1]                            0.50 
_refine.aniso_B[2][2]                            -1.44 
_refine.aniso_B[3][3]                            0.94 
_refine.aniso_B[1][2]                            0.00 
_refine.aniso_B[1][3]                            0.00 
_refine.aniso_B[2][3]                            0.00 
_refine.solvent_model_details                    'FLAT MODEL' 
_refine.solvent_model_param_ksol                 0.350394 
_refine.solvent_model_param_bsol                 50.7192 
_refine.pdbx_solvent_vdw_probe_radii             ? 
_refine.pdbx_solvent_ion_probe_radii             ? 
_refine.pdbx_solvent_shrinkage_radii             ? 
_refine.pdbx_ls_cross_valid_method               THROUGHOUT 
_refine.details                                  ? 
_refine.pdbx_starting_model                      ? 
_refine.pdbx_method_to_determine_struct          MAD 
_refine.pdbx_isotropic_thermal_model             RESTRAINED 
_refine.pdbx_stereochemistry_target_values       'Engh & Huber' 
_refine.pdbx_stereochem_target_val_spec_case     ? 
_refine.pdbx_R_Free_selection_details            RANDOM 
_refine.pdbx_overall_ESU_R                       ? 
_refine.pdbx_overall_ESU_R_Free                  ? 
_refine.overall_SU_ML                            ? 
_refine.overall_SU_B                             ? 
_refine.ls_redundancy_reflns_obs                 ? 
_refine.B_iso_min                                ? 
_refine.B_iso_max                                ? 
_refine.overall_SU_R_Cruickshank_DPI             ? 
_refine.overall_SU_R_free                        ? 
_refine.ls_wR_factor_R_free                      ? 
_refine.ls_wR_factor_R_work                      ? 
_refine.overall_FOM_free_R_set                   ? 
_refine.overall_FOM_work_R_set                   ? 
_refine.pdbx_refine_id                           'X-RAY DIFFRACTION' 
_refine.pdbx_diffrn_id                           1 
_refine.pdbx_TLS_residual_ADP_flag               ? 
_refine.pdbx_overall_phase_error                 ? 
_refine.pdbx_overall_SU_R_free_Cruickshank_DPI   ? 
_refine.pdbx_overall_SU_R_Blow_DPI               ? 
_refine.pdbx_overall_SU_R_free_Blow_DPI          ? 
# 
_refine_analyze.entry_id                        1XAU 
_refine_analyze.Luzzati_coordinate_error_obs    0.20 
_refine_analyze.Luzzati_sigma_a_obs             0.09 
_refine_analyze.Luzzati_d_res_low_obs           5.00 
_refine_analyze.Luzzati_coordinate_error_free   0.26 
_refine_analyze.Luzzati_sigma_a_free            0.08 
_refine_analyze.Luzzati_d_res_low_free          ? 
_refine_analyze.number_disordered_residues      ? 
_refine_analyze.occupancy_sum_hydrogen          ? 
_refine_analyze.occupancy_sum_non_hydrogen      ? 
_refine_analyze.pdbx_Luzzati_d_res_high_obs     ? 
_refine_analyze.pdbx_refine_id                  'X-RAY DIFFRACTION' 
# 
_refine_hist.pdbx_refine_id                   'X-RAY DIFFRACTION' 
_refine_hist.cycle_id                         LAST 
_refine_hist.pdbx_number_atoms_protein        846 
_refine_hist.pdbx_number_atoms_nucleic_acid   0 
_refine_hist.pdbx_number_atoms_ligand         2 
_refine_hist.number_atoms_solvent             225 
_refine_hist.number_atoms_total               1073 
_refine_hist.d_res_high                       1.80 
_refine_hist.d_res_low                        28.85 
# 
loop_
_refine_ls_restr.type 
_refine_ls_restr.dev_ideal 
_refine_ls_restr.dev_ideal_target 
_refine_ls_restr.weight 
_refine_ls_restr.number 
_refine_ls_restr.pdbx_refine_id 
_refine_ls_restr.pdbx_restraint_function 
c_bond_d           0.023 ?    ? ? 'X-RAY DIFFRACTION' ? 
c_angle_deg        2.2   ?    ? ? 'X-RAY DIFFRACTION' ? 
c_dihedral_angle_d 27.7  ?    ? ? 'X-RAY DIFFRACTION' ? 
c_improper_angle_d 1.43  ?    ? ? 'X-RAY DIFFRACTION' ? 
c_mcbond_it        1.35  1.50 ? ? 'X-RAY DIFFRACTION' ? 
c_mcangle_it       2.31  2.00 ? ? 'X-RAY DIFFRACTION' ? 
c_scbond_it        1.73  2.00 ? ? 'X-RAY DIFFRACTION' ? 
c_scangle_it       2.62  2.50 ? ? 'X-RAY DIFFRACTION' ? 
# 
_refine_ls_shell.pdbx_total_number_of_bins_used   6 
_refine_ls_shell.d_res_high                       1.80 
_refine_ls_shell.d_res_low                        1.86 
_refine_ls_shell.number_reflns_R_work             1403 
_refine_ls_shell.R_factor_R_work                  0.356 
_refine_ls_shell.percent_reflns_obs               75.2 
_refine_ls_shell.R_factor_R_free                  0.446 
_refine_ls_shell.R_factor_R_free_error            0.037 
_refine_ls_shell.percent_reflns_R_free            5.1 
_refine_ls_shell.number_reflns_R_free             76 
_refine_ls_shell.number_reflns_obs                ? 
_refine_ls_shell.redundancy_reflns_obs            ? 
_refine_ls_shell.number_reflns_all                ? 
_refine_ls_shell.pdbx_refine_id                   'X-RAY DIFFRACTION' 
_refine_ls_shell.R_factor_all                     ? 
# 
loop_
_pdbx_xplor_file.serial_no 
_pdbx_xplor_file.param_file 
_pdbx_xplor_file.topol_file 
_pdbx_xplor_file.pdbx_refine_id 
1 PROTEIN_REP.PARAM PROTEIN.TOP 'X-RAY DIFFRACTION' 
2 WATER.PARAM       ?           'X-RAY DIFFRACTION' 
3 ION.PARAM         ?           'X-RAY DIFFRACTION' 
# 
_struct.entry_id                  1XAU 
_struct.title                     'STRUCTURE OF THE BTLA ECTODOMAIN' 
_struct.pdbx_model_details        ? 
_struct.pdbx_CASP_flag            ? 
_struct.pdbx_model_type_details   ? 
# 
_struct_keywords.entry_id        1XAU 
_struct_keywords.pdbx_keywords   'IMMUNE SYSTEM' 
_struct_keywords.text            
;IG DOMAIN, BETA SANDWICH, Structural Genomics, PSI, Protein Structure Initiative, Midwest Center for Structural Genomics, MCSG, IMMUNE SYSTEM
;
# 
loop_
_struct_asym.id 
_struct_asym.pdbx_blank_PDB_chainid_flag 
_struct_asym.pdbx_modified 
_struct_asym.entity_id 
_struct_asym.details 
A N N 1 ? 
B N N 2 ? 
C N N 2 ? 
D N N 3 ? 
# 
_struct_ref.id                         1 
_struct_ref.db_name                    UNP 
_struct_ref.db_code                    BTLA_MOUSE 
_struct_ref.pdbx_db_accession          Q7TSA3 
_struct_ref.entity_id                  1 
_struct_ref.pdbx_seq_one_letter_code   
;EKATKRNDEECEVQLNIKRNSKHSAWTGELFKIECPVKYCVHRPNVTWCKHNGTIWVPLEVGPQLYTSWEENRSVPVFVL
HFKPIHLSDNGSYSCSTNFNSQVINSHSVTIHVRERTQNSS
;
_struct_ref.pdbx_align_begin           30 
_struct_ref.pdbx_db_isoform            ? 
# 
_struct_ref_seq.align_id                      1 
_struct_ref_seq.ref_id                        1 
_struct_ref_seq.pdbx_PDB_id_code              1XAU 
_struct_ref_seq.pdbx_strand_id                A 
_struct_ref_seq.seq_align_beg                 2 
_struct_ref_seq.pdbx_seq_align_beg_ins_code   ? 
_struct_ref_seq.seq_align_end                 122 
_struct_ref_seq.pdbx_seq_align_end_ins_code   ? 
_struct_ref_seq.pdbx_db_accession             Q7TSA3 
_struct_ref_seq.db_align_beg                  30 
_struct_ref_seq.pdbx_db_align_beg_ins_code    ? 
_struct_ref_seq.db_align_end                  150 
_struct_ref_seq.pdbx_db_align_end_ins_code    ? 
_struct_ref_seq.pdbx_auth_seq_align_beg       1 
_struct_ref_seq.pdbx_auth_seq_align_end       121 
# 
loop_
_struct_ref_seq_dif.align_id 
_struct_ref_seq_dif.pdbx_pdb_id_code 
_struct_ref_seq_dif.mon_id 
_struct_ref_seq_dif.pdbx_pdb_strand_id 
_struct_ref_seq_dif.seq_num 
_struct_ref_seq_dif.pdbx_pdb_ins_code 
_struct_ref_seq_dif.pdbx_seq_db_name 
_struct_ref_seq_dif.pdbx_seq_db_accession_code 
_struct_ref_seq_dif.db_mon_id 
_struct_ref_seq_dif.pdbx_seq_db_seq_num 
_struct_ref_seq_dif.details 
_struct_ref_seq_dif.pdbx_auth_seq_num 
_struct_ref_seq_dif.pdbx_ordinal 
1 1XAU MET A 1   ? UNP Q7TSA3 ?   ?   'initiating methionine' 0   1 
1 1XAU SER A 118 ? UNP Q7TSA3 THR 146 'SEE REMARK 999'        117 2 
# 
_pdbx_struct_assembly.id                   1 
_pdbx_struct_assembly.details              author_defined_assembly 
_pdbx_struct_assembly.method_details       ? 
_pdbx_struct_assembly.oligomeric_details   monomeric 
_pdbx_struct_assembly.oligomeric_count     1 
# 
_pdbx_struct_assembly_gen.assembly_id       1 
_pdbx_struct_assembly_gen.oper_expression   1 
_pdbx_struct_assembly_gen.asym_id_list      A,B,C,D 
# 
_pdbx_struct_oper_list.id                   1 
_pdbx_struct_oper_list.type                 'identity operation' 
_pdbx_struct_oper_list.name                 1_555 
_pdbx_struct_oper_list.symmetry_operation   x,y,z 
_pdbx_struct_oper_list.matrix[1][1]         1.0000000000 
_pdbx_struct_oper_list.matrix[1][2]         0.0000000000 
_pdbx_struct_oper_list.matrix[1][3]         0.0000000000 
_pdbx_struct_oper_list.vector[1]            0.0000000000 
_pdbx_struct_oper_list.matrix[2][1]         0.0000000000 
_pdbx_struct_oper_list.matrix[2][2]         1.0000000000 
_pdbx_struct_oper_list.matrix[2][3]         0.0000000000 
_pdbx_struct_oper_list.vector[2]            0.0000000000 
_pdbx_struct_oper_list.matrix[3][1]         0.0000000000 
_pdbx_struct_oper_list.matrix[3][2]         0.0000000000 
_pdbx_struct_oper_list.matrix[3][3]         1.0000000000 
_pdbx_struct_oper_list.vector[3]            0.0000000000 
# 
_struct_biol.id                    1 
_struct_biol.pdbx_parent_biol_id   ? 
_struct_biol.details               ? 
# 
_struct_conf.conf_type_id            HELX_P 
_struct_conf.id                      HELX_P1 
_struct_conf.pdbx_PDB_helix_id       1 
_struct_conf.beg_label_comp_id       HIS 
_struct_conf.beg_label_asym_id       A 
_struct_conf.beg_label_seq_id        87 
_struct_conf.pdbx_beg_PDB_ins_code   ? 
_struct_conf.end_label_comp_id       ASN 
_struct_conf.end_label_asym_id       A 
_struct_conf.end_label_seq_id        91 
_struct_conf.pdbx_end_PDB_ins_code   ? 
_struct_conf.beg_auth_comp_id        HIS 
_struct_conf.beg_auth_asym_id        A 
_struct_conf.beg_auth_seq_id         86 
_struct_conf.end_auth_comp_id        ASN 
_struct_conf.end_auth_asym_id        A 
_struct_conf.end_auth_seq_id         90 
_struct_conf.pdbx_PDB_helix_class    5 
_struct_conf.details                 ? 
_struct_conf.pdbx_PDB_helix_length   5 
# 
_struct_conf_type.id          HELX_P 
_struct_conf_type.criteria    ? 
_struct_conf_type.reference   ? 
# 
loop_
_struct_conn.id 
_struct_conn.conn_type_id 
_struct_conn.pdbx_leaving_atom_flag 
_struct_conn.pdbx_PDB_id 
_struct_conn.ptnr1_label_asym_id 
_struct_conn.ptnr1_label_comp_id 
_struct_conn.ptnr1_label_seq_id 
_struct_conn.ptnr1_label_atom_id 
_struct_conn.pdbx_ptnr1_label_alt_id 
_struct_conn.pdbx_ptnr1_PDB_ins_code 
_struct_conn.pdbx_ptnr1_standard_comp_id 
_struct_conn.ptnr1_symmetry 
_struct_conn.ptnr2_label_asym_id 
_struct_conn.ptnr2_label_comp_id 
_struct_conn.ptnr2_label_seq_id 
_struct_conn.ptnr2_label_atom_id 
_struct_conn.pdbx_ptnr2_label_alt_id 
_struct_conn.pdbx_ptnr2_PDB_ins_code 
_struct_conn.ptnr1_auth_asym_id 
_struct_conn.ptnr1_auth_comp_id 
_struct_conn.ptnr1_auth_seq_id 
_struct_conn.ptnr2_auth_asym_id 
_struct_conn.ptnr2_auth_comp_id 
_struct_conn.ptnr2_auth_seq_id 
_struct_conn.ptnr2_symmetry 
_struct_conn.pdbx_ptnr3_label_atom_id 
_struct_conn.pdbx_ptnr3_label_seq_id 
_struct_conn.pdbx_ptnr3_label_comp_id 
_struct_conn.pdbx_ptnr3_label_asym_id 
_struct_conn.pdbx_ptnr3_label_alt_id 
_struct_conn.pdbx_ptnr3_PDB_ins_code 
_struct_conn.details 
_struct_conn.pdbx_dist_value 
_struct_conn.pdbx_value_order 
_struct_conn.pdbx_role 
disulf1  disulf ? ? A CYS 12  SG  ? ? ? 1_555 A CYS 41 SG ? ? A CYS 11  A CYS 40  1_555 ? ? ? ? ? ? ? 2.048 ? ? 
disulf2  disulf ? ? A CYS 36  SG  ? ? ? 1_555 A CYS 96 SG ? ? A CYS 35  A CYS 95  1_555 ? ? ? ? ? ? ? 2.049 ? ? 
metalc1  metalc ? ? A HIS 24  ND1 ? ? ? 1_555 C CD  .  CD ? ? A HIS 23  A CD  123 1_555 ? ? ? ? ? ? ? 2.283 ? ? 
metalc2  metalc ? ? A HIS 43  ND1 ? ? ? 4_465 B CD  .  CD ? ? A HIS 42  A CD  122 1_555 ? ? ? ? ? ? ? 2.232 ? ? 
metalc3  metalc ? ? A HIS 108 NE2 ? ? ? 1_555 B CD  .  CD ? ? A HIS 107 A CD  122 1_555 ? ? ? ? ? ? ? 2.284 ? ? 
metalc4  metalc ? ? B CD  .   CD  ? ? ? 1_555 D HOH .  O  ? ? A CD  122 A HOH 203 1_555 ? ? ? ? ? ? ? 2.648 ? ? 
metalc5  metalc ? ? B CD  .   CD  ? ? ? 1_555 D HOH .  O  ? ? A CD  122 A HOH 240 1_555 ? ? ? ? ? ? ? 2.437 ? ? 
metalc6  metalc ? ? B CD  .   CD  ? ? ? 1_555 D HOH .  O  ? ? A CD  122 A HOH 251 1_555 ? ? ? ? ? ? ? 1.792 ? ? 
metalc7  metalc ? ? B CD  .   CD  ? ? ? 1_555 D HOH .  O  ? ? A CD  122 A HOH 275 1_555 ? ? ? ? ? ? ? 2.185 ? ? 
metalc8  metalc ? ? C CD  .   CD  ? ? ? 1_555 D HOH .  O  ? ? A CD  123 A HOH 208 1_555 ? ? ? ? ? ? ? 2.228 ? ? 
metalc9  metalc ? ? C CD  .   CD  ? ? ? 1_555 D HOH .  O  ? ? A CD  123 A HOH 209 3_745 ? ? ? ? ? ? ? 2.423 ? ? 
metalc10 metalc ? ? C CD  .   CD  ? ? ? 1_555 D HOH .  O  ? ? A CD  123 A HOH 211 1_555 ? ? ? ? ? ? ? 2.232 ? ? 
metalc11 metalc ? ? C CD  .   CD  ? ? ? 1_555 D HOH .  O  ? ? A CD  123 A HOH 214 1_555 ? ? ? ? ? ? ? 2.310 ? ? 
metalc12 metalc ? ? C CD  .   CD  ? ? ? 1_555 D HOH .  O  ? ? A CD  123 A HOH 227 1_555 ? ? ? ? ? ? ? 2.315 ? ? 
# 
loop_
_struct_conn_type.id 
_struct_conn_type.criteria 
_struct_conn_type.reference 
disulf ? ? 
metalc ? ? 
# 
loop_
_pdbx_struct_conn_angle.id 
_pdbx_struct_conn_angle.ptnr1_label_atom_id 
_pdbx_struct_conn_angle.ptnr1_label_alt_id 
_pdbx_struct_conn_angle.ptnr1_label_asym_id 
_pdbx_struct_conn_angle.ptnr1_label_comp_id 
_pdbx_struct_conn_angle.ptnr1_label_seq_id 
_pdbx_struct_conn_angle.ptnr1_auth_atom_id 
_pdbx_struct_conn_angle.ptnr1_auth_asym_id 
_pdbx_struct_conn_angle.ptnr1_auth_comp_id 
_pdbx_struct_conn_angle.ptnr1_auth_seq_id 
_pdbx_struct_conn_angle.ptnr1_PDB_ins_code 
_pdbx_struct_conn_angle.ptnr1_symmetry 
_pdbx_struct_conn_angle.ptnr2_label_atom_id 
_pdbx_struct_conn_angle.ptnr2_label_alt_id 
_pdbx_struct_conn_angle.ptnr2_label_asym_id 
_pdbx_struct_conn_angle.ptnr2_label_comp_id 
_pdbx_struct_conn_angle.ptnr2_label_seq_id 
_pdbx_struct_conn_angle.ptnr2_auth_atom_id 
_pdbx_struct_conn_angle.ptnr2_auth_asym_id 
_pdbx_struct_conn_angle.ptnr2_auth_comp_id 
_pdbx_struct_conn_angle.ptnr2_auth_seq_id 
_pdbx_struct_conn_angle.ptnr2_PDB_ins_code 
_pdbx_struct_conn_angle.ptnr2_symmetry 
_pdbx_struct_conn_angle.ptnr3_label_atom_id 
_pdbx_struct_conn_angle.ptnr3_label_alt_id 
_pdbx_struct_conn_angle.ptnr3_label_asym_id 
_pdbx_struct_conn_angle.ptnr3_label_comp_id 
_pdbx_struct_conn_angle.ptnr3_label_seq_id 
_pdbx_struct_conn_angle.ptnr3_auth_atom_id 
_pdbx_struct_conn_angle.ptnr3_auth_asym_id 
_pdbx_struct_conn_angle.ptnr3_auth_comp_id 
_pdbx_struct_conn_angle.ptnr3_auth_seq_id 
_pdbx_struct_conn_angle.ptnr3_PDB_ins_code 
_pdbx_struct_conn_angle.ptnr3_symmetry 
_pdbx_struct_conn_angle.value 
_pdbx_struct_conn_angle.value_esd 
1  ND1 ? A HIS 24  ? A HIS 23  ? 1_555 CD ? C CD . ? A CD 123 ? 1_555 O   ? D HOH .   ? A HOH 208 ? 1_555 106.0 ? 
2  ND1 ? A HIS 24  ? A HIS 23  ? 1_555 CD ? C CD . ? A CD 123 ? 1_555 O   ? D HOH .   ? A HOH 209 ? 3_745 97.8  ? 
3  O   ? D HOH .   ? A HOH 208 ? 1_555 CD ? C CD . ? A CD 123 ? 1_555 O   ? D HOH .   ? A HOH 209 ? 3_745 155.9 ? 
4  ND1 ? A HIS 24  ? A HIS 23  ? 1_555 CD ? C CD . ? A CD 123 ? 1_555 O   ? D HOH .   ? A HOH 211 ? 1_555 98.9  ? 
5  O   ? D HOH .   ? A HOH 208 ? 1_555 CD ? C CD . ? A CD 123 ? 1_555 O   ? D HOH .   ? A HOH 211 ? 1_555 87.0  ? 
6  O   ? D HOH .   ? A HOH 209 ? 3_745 CD ? C CD . ? A CD 123 ? 1_555 O   ? D HOH .   ? A HOH 211 ? 1_555 85.7  ? 
7  ND1 ? A HIS 24  ? A HIS 23  ? 1_555 CD ? C CD . ? A CD 123 ? 1_555 O   ? D HOH .   ? A HOH 214 ? 1_555 169.6 ? 
8  O   ? D HOH .   ? A HOH 208 ? 1_555 CD ? C CD . ? A CD 123 ? 1_555 O   ? D HOH .   ? A HOH 214 ? 1_555 69.6  ? 
9  O   ? D HOH .   ? A HOH 209 ? 3_745 CD ? C CD . ? A CD 123 ? 1_555 O   ? D HOH .   ? A HOH 214 ? 1_555 87.6  ? 
10 O   ? D HOH .   ? A HOH 211 ? 1_555 CD ? C CD . ? A CD 123 ? 1_555 O   ? D HOH .   ? A HOH 214 ? 1_555 90.4  ? 
11 ND1 ? A HIS 24  ? A HIS 23  ? 1_555 CD ? C CD . ? A CD 123 ? 1_555 O   ? D HOH .   ? A HOH 227 ? 1_555 91.6  ? 
12 O   ? D HOH .   ? A HOH 208 ? 1_555 CD ? C CD . ? A CD 123 ? 1_555 O   ? D HOH .   ? A HOH 227 ? 1_555 90.2  ? 
13 O   ? D HOH .   ? A HOH 209 ? 3_745 CD ? C CD . ? A CD 123 ? 1_555 O   ? D HOH .   ? A HOH 227 ? 1_555 92.8  ? 
14 O   ? D HOH .   ? A HOH 211 ? 1_555 CD ? C CD . ? A CD 123 ? 1_555 O   ? D HOH .   ? A HOH 227 ? 1_555 169.4 ? 
15 O   ? D HOH .   ? A HOH 214 ? 1_555 CD ? C CD . ? A CD 123 ? 1_555 O   ? D HOH .   ? A HOH 227 ? 1_555 79.1  ? 
16 ND1 ? A HIS 43  ? A HIS 42  ? 4_465 CD ? B CD . ? A CD 122 ? 1_555 NE2 ? A HIS 108 ? A HIS 107 ? 1_555 105.3 ? 
17 ND1 ? A HIS 43  ? A HIS 42  ? 4_465 CD ? B CD . ? A CD 122 ? 1_555 O   ? D HOH .   ? A HOH 203 ? 1_555 96.7  ? 
18 NE2 ? A HIS 108 ? A HIS 107 ? 1_555 CD ? B CD . ? A CD 122 ? 1_555 O   ? D HOH .   ? A HOH 203 ? 1_555 85.3  ? 
19 ND1 ? A HIS 43  ? A HIS 42  ? 4_465 CD ? B CD . ? A CD 122 ? 1_555 O   ? D HOH .   ? A HOH 240 ? 1_555 96.1  ? 
20 NE2 ? A HIS 108 ? A HIS 107 ? 1_555 CD ? B CD . ? A CD 122 ? 1_555 O   ? D HOH .   ? A HOH 240 ? 1_555 158.5 ? 
21 O   ? D HOH .   ? A HOH 203 ? 1_555 CD ? B CD . ? A CD 122 ? 1_555 O   ? D HOH .   ? A HOH 240 ? 1_555 94.1  ? 
22 ND1 ? A HIS 43  ? A HIS 42  ? 4_465 CD ? B CD . ? A CD 122 ? 1_555 O   ? D HOH .   ? A HOH 251 ? 1_555 89.3  ? 
23 NE2 ? A HIS 108 ? A HIS 107 ? 1_555 CD ? B CD . ? A CD 122 ? 1_555 O   ? D HOH .   ? A HOH 251 ? 1_555 98.2  ? 
24 O   ? D HOH .   ? A HOH 203 ? 1_555 CD ? B CD . ? A CD 122 ? 1_555 O   ? D HOH .   ? A HOH 251 ? 1_555 172.1 ? 
25 O   ? D HOH .   ? A HOH 240 ? 1_555 CD ? B CD . ? A CD 122 ? 1_555 O   ? D HOH .   ? A HOH 251 ? 1_555 80.1  ? 
26 ND1 ? A HIS 43  ? A HIS 42  ? 4_465 CD ? B CD . ? A CD 122 ? 1_555 O   ? D HOH .   ? A HOH 275 ? 1_555 162.1 ? 
27 NE2 ? A HIS 108 ? A HIS 107 ? 1_555 CD ? B CD . ? A CD 122 ? 1_555 O   ? D HOH .   ? A HOH 275 ? 1_555 92.6  ? 
28 O   ? D HOH .   ? A HOH 203 ? 1_555 CD ? B CD . ? A CD 122 ? 1_555 O   ? D HOH .   ? A HOH 275 ? 1_555 86.2  ? 
29 O   ? D HOH .   ? A HOH 240 ? 1_555 CD ? B CD . ? A CD 122 ? 1_555 O   ? D HOH .   ? A HOH 275 ? 1_555 65.9  ? 
30 O   ? D HOH .   ? A HOH 251 ? 1_555 CD ? B CD . ? A CD 122 ? 1_555 O   ? D HOH .   ? A HOH 275 ? 1_555 86.5  ? 
# 
loop_
_pdbx_modification_feature.ordinal 
_pdbx_modification_feature.label_comp_id 
_pdbx_modification_feature.label_asym_id 
_pdbx_modification_feature.label_seq_id 
_pdbx_modification_feature.label_alt_id 
_pdbx_modification_feature.modified_residue_label_comp_id 
_pdbx_modification_feature.modified_residue_label_asym_id 
_pdbx_modification_feature.modified_residue_label_seq_id 
_pdbx_modification_feature.modified_residue_label_alt_id 
_pdbx_modification_feature.auth_comp_id 
_pdbx_modification_feature.auth_asym_id 
_pdbx_modification_feature.auth_seq_id 
_pdbx_modification_feature.PDB_ins_code 
_pdbx_modification_feature.symmetry 
_pdbx_modification_feature.modified_residue_auth_comp_id 
_pdbx_modification_feature.modified_residue_auth_asym_id 
_pdbx_modification_feature.modified_residue_auth_seq_id 
_pdbx_modification_feature.modified_residue_PDB_ins_code 
_pdbx_modification_feature.modified_residue_symmetry 
_pdbx_modification_feature.comp_id_linking_atom 
_pdbx_modification_feature.modified_residue_id_linking_atom 
_pdbx_modification_feature.modified_residue_id 
_pdbx_modification_feature.ref_pcm_id 
_pdbx_modification_feature.ref_comp_id 
_pdbx_modification_feature.type 
_pdbx_modification_feature.category 
1 CYS A 12 ? CYS A 41 ? CYS A 11 ? 1_555 CYS A 40 ? 1_555 SG SG . . . None 'Disulfide bridge' 
2 CYS A 36 ? CYS A 96 ? CYS A 35 ? 1_555 CYS A 95 ? 1_555 SG SG . . . None 'Disulfide bridge' 
# 
_struct_mon_prot_cis.pdbx_id                1 
_struct_mon_prot_cis.label_comp_id          LYS 
_struct_mon_prot_cis.label_seq_id           84 
_struct_mon_prot_cis.label_asym_id          A 
_struct_mon_prot_cis.label_alt_id           . 
_struct_mon_prot_cis.pdbx_PDB_ins_code      ? 
_struct_mon_prot_cis.auth_comp_id           LYS 
_struct_mon_prot_cis.auth_seq_id            83 
_struct_mon_prot_cis.auth_asym_id           A 
_struct_mon_prot_cis.pdbx_label_comp_id_2   PRO 
_struct_mon_prot_cis.pdbx_label_seq_id_2    85 
_struct_mon_prot_cis.pdbx_label_asym_id_2   A 
_struct_mon_prot_cis.pdbx_PDB_ins_code_2    ? 
_struct_mon_prot_cis.pdbx_auth_comp_id_2    PRO 
_struct_mon_prot_cis.pdbx_auth_seq_id_2     84 
_struct_mon_prot_cis.pdbx_auth_asym_id_2    A 
_struct_mon_prot_cis.pdbx_PDB_model_num     1 
_struct_mon_prot_cis.pdbx_omega_angle       -0.11 
# 
loop_
_struct_sheet.id 
_struct_sheet.type 
_struct_sheet.number_strands 
_struct_sheet.details 
A ? 4 ? 
B ? 5 ? 
C ? 4 ? 
# 
loop_
_struct_sheet_order.sheet_id 
_struct_sheet_order.range_id_1 
_struct_sheet_order.range_id_2 
_struct_sheet_order.offset 
_struct_sheet_order.sense 
A 1 2 ? anti-parallel 
A 2 3 ? anti-parallel 
A 3 4 ? anti-parallel 
B 1 2 ? parallel      
B 2 3 ? anti-parallel 
B 3 4 ? anti-parallel 
B 4 5 ? anti-parallel 
C 1 2 ? parallel      
C 2 3 ? anti-parallel 
C 3 4 ? anti-parallel 
# 
loop_
_struct_sheet_range.sheet_id 
_struct_sheet_range.id 
_struct_sheet_range.beg_label_comp_id 
_struct_sheet_range.beg_label_asym_id 
_struct_sheet_range.beg_label_seq_id 
_struct_sheet_range.pdbx_beg_PDB_ins_code 
_struct_sheet_range.end_label_comp_id 
_struct_sheet_range.end_label_asym_id 
_struct_sheet_range.end_label_seq_id 
_struct_sheet_range.pdbx_end_PDB_ins_code 
_struct_sheet_range.beg_auth_comp_id 
_struct_sheet_range.beg_auth_asym_id 
_struct_sheet_range.beg_auth_seq_id 
_struct_sheet_range.end_auth_comp_id 
_struct_sheet_range.end_auth_asym_id 
_struct_sheet_range.end_auth_seq_id 
A 1 GLN A 15  ? LEU A 16  ? GLN A 14  LEU A 15  
A 2 PHE A 32  ? LYS A 39  ? PHE A 31  LYS A 38  
A 3 VAL A 78  ? PHE A 83  ? VAL A 77  PHE A 82  
A 4 LEU A 66  ? GLU A 71  ? LEU A 65  GLU A 70  
B 1 SER A 22  ? TRP A 27  ? SER A 21  TRP A 26  
B 2 VAL A 110 ? ARG A 115 ? VAL A 109 ARG A 114 
B 3 GLY A 92  ? PHE A 100 ? GLY A 91  PHE A 99  
B 4 VAL A 47  ? HIS A 52  ? VAL A 46  HIS A 51  
B 5 TRP A 57  ? PRO A 59  ? TRP A 56  PRO A 58  
C 1 SER A 22  ? TRP A 27  ? SER A 21  TRP A 26  
C 2 VAL A 110 ? ARG A 115 ? VAL A 109 ARG A 114 
C 3 GLY A 92  ? PHE A 100 ? GLY A 91  PHE A 99  
C 4 GLN A 103 ? ASN A 106 ? GLN A 102 ASN A 105 
# 
loop_
_pdbx_struct_sheet_hbond.sheet_id 
_pdbx_struct_sheet_hbond.range_id_1 
_pdbx_struct_sheet_hbond.range_id_2 
_pdbx_struct_sheet_hbond.range_1_label_atom_id 
_pdbx_struct_sheet_hbond.range_1_label_comp_id 
_pdbx_struct_sheet_hbond.range_1_label_asym_id 
_pdbx_struct_sheet_hbond.range_1_label_seq_id 
_pdbx_struct_sheet_hbond.range_1_PDB_ins_code 
_pdbx_struct_sheet_hbond.range_1_auth_atom_id 
_pdbx_struct_sheet_hbond.range_1_auth_comp_id 
_pdbx_struct_sheet_hbond.range_1_auth_asym_id 
_pdbx_struct_sheet_hbond.range_1_auth_seq_id 
_pdbx_struct_sheet_hbond.range_2_label_atom_id 
_pdbx_struct_sheet_hbond.range_2_label_comp_id 
_pdbx_struct_sheet_hbond.range_2_label_asym_id 
_pdbx_struct_sheet_hbond.range_2_label_seq_id 
_pdbx_struct_sheet_hbond.range_2_PDB_ins_code 
_pdbx_struct_sheet_hbond.range_2_auth_atom_id 
_pdbx_struct_sheet_hbond.range_2_auth_comp_id 
_pdbx_struct_sheet_hbond.range_2_auth_asym_id 
_pdbx_struct_sheet_hbond.range_2_auth_seq_id 
A 1 2 N GLN A 15  ? N GLN A 14  O LYS A 39  ? O LYS A 38  
A 2 3 N PHE A 32  ? N PHE A 31  O PHE A 83  ? O PHE A 82  
A 3 4 O VAL A 80  ? O VAL A 79  N SER A 69  ? N SER A 68  
B 1 2 N ALA A 26  ? N ALA A 25  O ARG A 115 ? O ARG A 114 
B 2 3 O ILE A 112 ? O ILE A 111 N GLY A 92  ? N GLY A 91  
B 3 4 O SER A 95  ? O SER A 94  N CYS A 50  ? N CYS A 49  
B 4 5 N LYS A 51  ? N LYS A 50  O VAL A 58  ? O VAL A 57  
C 1 2 N ALA A 26  ? N ALA A 25  O ARG A 115 ? O ARG A 114 
C 2 3 O ILE A 112 ? O ILE A 111 N GLY A 92  ? N GLY A 91  
C 3 4 N THR A 98  ? N THR A 97  O ILE A 105 ? O ILE A 104 
# 
loop_
_struct_site.id 
_struct_site.pdbx_evidence_code 
_struct_site.pdbx_auth_asym_id 
_struct_site.pdbx_auth_comp_id 
_struct_site.pdbx_auth_seq_id 
_struct_site.pdbx_auth_ins_code 
_struct_site.pdbx_num_residues 
_struct_site.details 
AC1 Software A CD 122 ? 6 'BINDING SITE FOR RESIDUE CD A 122' 
AC2 Software A CD 123 ? 6 'BINDING SITE FOR RESIDUE CD A 123' 
# 
loop_
_struct_site_gen.id 
_struct_site_gen.site_id 
_struct_site_gen.pdbx_num_res 
_struct_site_gen.label_comp_id 
_struct_site_gen.label_asym_id 
_struct_site_gen.label_seq_id 
_struct_site_gen.pdbx_auth_ins_code 
_struct_site_gen.auth_comp_id 
_struct_site_gen.auth_asym_id 
_struct_site_gen.auth_seq_id 
_struct_site_gen.label_atom_id 
_struct_site_gen.label_alt_id 
_struct_site_gen.symmetry 
_struct_site_gen.details 
1  AC1 6 HIS A 43  ? HIS A 42  . ? 4_465 ? 
2  AC1 6 HIS A 108 ? HIS A 107 . ? 1_555 ? 
3  AC1 6 HOH D .   ? HOH A 203 . ? 1_555 ? 
4  AC1 6 HOH D .   ? HOH A 240 . ? 1_555 ? 
5  AC1 6 HOH D .   ? HOH A 251 . ? 1_555 ? 
6  AC1 6 HOH D .   ? HOH A 275 . ? 1_555 ? 
7  AC2 6 HIS A 24  ? HIS A 23  . ? 1_555 ? 
8  AC2 6 HOH D .   ? HOH A 208 . ? 1_555 ? 
9  AC2 6 HOH D .   ? HOH A 209 . ? 3_745 ? 
10 AC2 6 HOH D .   ? HOH A 211 . ? 1_555 ? 
11 AC2 6 HOH D .   ? HOH A 214 . ? 1_555 ? 
12 AC2 6 HOH D .   ? HOH A 227 . ? 1_555 ? 
# 
_pdbx_entry_details.entry_id                   1XAU 
_pdbx_entry_details.compound_details           ? 
_pdbx_entry_details.source_details             ? 
_pdbx_entry_details.nonpolymer_details         ? 
_pdbx_entry_details.sequence_details           ? 
_pdbx_entry_details.has_ligand_of_interest     ? 
_pdbx_entry_details.has_protein_modification   Y 
# 
loop_
_pdbx_validate_close_contact.id 
_pdbx_validate_close_contact.PDB_model_num 
_pdbx_validate_close_contact.auth_atom_id_1 
_pdbx_validate_close_contact.auth_asym_id_1 
_pdbx_validate_close_contact.auth_comp_id_1 
_pdbx_validate_close_contact.auth_seq_id_1 
_pdbx_validate_close_contact.PDB_ins_code_1 
_pdbx_validate_close_contact.label_alt_id_1 
_pdbx_validate_close_contact.auth_atom_id_2 
_pdbx_validate_close_contact.auth_asym_id_2 
_pdbx_validate_close_contact.auth_comp_id_2 
_pdbx_validate_close_contact.auth_seq_id_2 
_pdbx_validate_close_contact.PDB_ins_code_2 
_pdbx_validate_close_contact.label_alt_id_2 
_pdbx_validate_close_contact.dist 
1  1 O   A HOH 206 ? ? O A HOH 373 ? ? 1.90 
2  1 N   A GLY 62  ? ? O A HOH 373 ? ? 1.94 
3  1 OE1 A GLU 12  ? ? O A HOH 291 ? ? 1.98 
4  1 O   A HOH 208 ? ? O A HOH 262 ? ? 1.99 
5  1 O   A HOH 257 ? ? O A HOH 337 ? ? 2.03 
6  1 O   A HOH 203 ? ? O A HOH 317 ? ? 2.07 
7  1 O   A PHE 82  ? ? O A HOH 318 ? ? 2.11 
8  1 O   A HOH 257 ? ? O A HOH 417 ? ? 2.12 
9  1 O   A HOH 215 ? ? O A HOH 228 ? ? 2.13 
10 1 O   A HOH 361 ? ? O A HOH 417 ? ? 2.16 
11 1 O   A HOH 308 ? ? O A HOH 377 ? ? 2.17 
12 1 O   A HOH 237 ? ? O A HOH 279 ? ? 2.18 
# 
loop_
_pdbx_validate_symm_contact.id 
_pdbx_validate_symm_contact.PDB_model_num 
_pdbx_validate_symm_contact.auth_atom_id_1 
_pdbx_validate_symm_contact.auth_asym_id_1 
_pdbx_validate_symm_contact.auth_comp_id_1 
_pdbx_validate_symm_contact.auth_seq_id_1 
_pdbx_validate_symm_contact.PDB_ins_code_1 
_pdbx_validate_symm_contact.label_alt_id_1 
_pdbx_validate_symm_contact.site_symmetry_1 
_pdbx_validate_symm_contact.auth_atom_id_2 
_pdbx_validate_symm_contact.auth_asym_id_2 
_pdbx_validate_symm_contact.auth_comp_id_2 
_pdbx_validate_symm_contact.auth_seq_id_2 
_pdbx_validate_symm_contact.PDB_ins_code_2 
_pdbx_validate_symm_contact.label_alt_id_2 
_pdbx_validate_symm_contact.site_symmetry_2 
_pdbx_validate_symm_contact.dist 
1 1 O A HOH 204 ? ? 1_555 O A HOH 318 ? ? 3_755 1.70 
2 1 O A HOH 227 ? ? 1_555 O A HOH 358 ? ? 3_745 2.11 
# 
_pdbx_validate_rmsd_angle.id                         1 
_pdbx_validate_rmsd_angle.PDB_model_num              1 
_pdbx_validate_rmsd_angle.auth_atom_id_1             N 
_pdbx_validate_rmsd_angle.auth_asym_id_1             A 
_pdbx_validate_rmsd_angle.auth_comp_id_1             ASN 
_pdbx_validate_rmsd_angle.auth_seq_id_1              98 
_pdbx_validate_rmsd_angle.PDB_ins_code_1             ? 
_pdbx_validate_rmsd_angle.label_alt_id_1             ? 
_pdbx_validate_rmsd_angle.auth_atom_id_2             CA 
_pdbx_validate_rmsd_angle.auth_asym_id_2             A 
_pdbx_validate_rmsd_angle.auth_comp_id_2             ASN 
_pdbx_validate_rmsd_angle.auth_seq_id_2              98 
_pdbx_validate_rmsd_angle.PDB_ins_code_2             ? 
_pdbx_validate_rmsd_angle.label_alt_id_2             ? 
_pdbx_validate_rmsd_angle.auth_atom_id_3             C 
_pdbx_validate_rmsd_angle.auth_asym_id_3             A 
_pdbx_validate_rmsd_angle.auth_comp_id_3             ASN 
_pdbx_validate_rmsd_angle.auth_seq_id_3              98 
_pdbx_validate_rmsd_angle.PDB_ins_code_3             ? 
_pdbx_validate_rmsd_angle.label_alt_id_3             ? 
_pdbx_validate_rmsd_angle.angle_value                94.77 
_pdbx_validate_rmsd_angle.angle_target_value         111.00 
_pdbx_validate_rmsd_angle.angle_deviation            -16.23 
_pdbx_validate_rmsd_angle.angle_standard_deviation   2.70 
_pdbx_validate_rmsd_angle.linker_flag                N 
# 
loop_
_pdbx_validate_torsion.id 
_pdbx_validate_torsion.PDB_model_num 
_pdbx_validate_torsion.auth_comp_id 
_pdbx_validate_torsion.auth_asym_id 
_pdbx_validate_torsion.auth_seq_id 
_pdbx_validate_torsion.PDB_ins_code 
_pdbx_validate_torsion.label_alt_id 
_pdbx_validate_torsion.phi 
_pdbx_validate_torsion.psi 
1 1 VAL A 41  ? ? -123.82 -75.19  
2 1 ASN A 72  ? ? -69.90  30.23   
3 1 ASN A 100 ? ? 77.37   -133.33 
# 
_pdbx_SG_project.id                    1 
_pdbx_SG_project.project_name          'PSI, Protein Structure Initiative' 
_pdbx_SG_project.full_name_of_center   'Midwest Center for Structural Genomics' 
_pdbx_SG_project.initial_of_center     MCSG 
# 
_pdbx_database_remark.id     999 
_pdbx_database_remark.text   
;SEQUENCE
GB 31880025 is for the mouse strain "129/SvEv" while 
the deposited sequence is from the mouse strain BALB/c. 
The BALB/c sequence has not yet been submitted to genbank.
;
# 
loop_
_pdbx_unobs_or_zero_occ_residues.id 
_pdbx_unobs_or_zero_occ_residues.PDB_model_num 
_pdbx_unobs_or_zero_occ_residues.polymer_flag 
_pdbx_unobs_or_zero_occ_residues.occupancy_flag 
_pdbx_unobs_or_zero_occ_residues.auth_asym_id 
_pdbx_unobs_or_zero_occ_residues.auth_comp_id 
_pdbx_unobs_or_zero_occ_residues.auth_seq_id 
_pdbx_unobs_or_zero_occ_residues.PDB_ins_code 
_pdbx_unobs_or_zero_occ_residues.label_asym_id 
_pdbx_unobs_or_zero_occ_residues.label_comp_id 
_pdbx_unobs_or_zero_occ_residues.label_seq_id 
1  1 Y 1 A MET 0   ? A MET 1   
2  1 Y 1 A GLU 1   ? A GLU 2   
3  1 Y 1 A LYS 2   ? A LYS 3   
4  1 Y 1 A ALA 3   ? A ALA 4   
5  1 Y 1 A THR 4   ? A THR 5   
6  1 Y 1 A LYS 5   ? A LYS 6   
7  1 Y 1 A ARG 6   ? A ARG 7   
8  1 Y 1 A ASN 7   ? A ASN 8   
9  1 Y 1 A ASP 8   ? A ASP 9   
10 1 Y 1 A GLU 9   ? A GLU 10  
11 1 Y 1 A GLU 10  ? A GLU 11  
12 1 Y 1 A GLU 115 ? A GLU 116 
13 1 Y 1 A ARG 116 ? A ARG 117 
14 1 Y 1 A SER 117 ? A SER 118 
15 1 Y 1 A GLN 118 ? A GLN 119 
16 1 Y 1 A ASN 119 ? A ASN 120 
17 1 Y 1 A SER 120 ? A SER 121 
18 1 Y 1 A SER 121 ? A SER 122 
# 
loop_
_chem_comp_atom.comp_id 
_chem_comp_atom.atom_id 
_chem_comp_atom.type_symbol 
_chem_comp_atom.pdbx_aromatic_flag 
_chem_comp_atom.pdbx_stereo_config 
_chem_comp_atom.pdbx_ordinal 
ALA N    N  N N 1   
ALA CA   C  N S 2   
ALA C    C  N N 3   
ALA O    O  N N 4   
ALA CB   C  N N 5   
ALA OXT  O  N N 6   
ALA H    H  N N 7   
ALA H2   H  N N 8   
ALA HA   H  N N 9   
ALA HB1  H  N N 10  
ALA HB2  H  N N 11  
ALA HB3  H  N N 12  
ALA HXT  H  N N 13  
ARG N    N  N N 14  
ARG CA   C  N S 15  
ARG C    C  N N 16  
ARG O    O  N N 17  
ARG CB   C  N N 18  
ARG CG   C  N N 19  
ARG CD   C  N N 20  
ARG NE   N  N N 21  
ARG CZ   C  N N 22  
ARG NH1  N  N N 23  
ARG NH2  N  N N 24  
ARG OXT  O  N N 25  
ARG H    H  N N 26  
ARG H2   H  N N 27  
ARG HA   H  N N 28  
ARG HB2  H  N N 29  
ARG HB3  H  N N 30  
ARG HG2  H  N N 31  
ARG HG3  H  N N 32  
ARG HD2  H  N N 33  
ARG HD3  H  N N 34  
ARG HE   H  N N 35  
ARG HH11 H  N N 36  
ARG HH12 H  N N 37  
ARG HH21 H  N N 38  
ARG HH22 H  N N 39  
ARG HXT  H  N N 40  
ASN N    N  N N 41  
ASN CA   C  N S 42  
ASN C    C  N N 43  
ASN O    O  N N 44  
ASN CB   C  N N 45  
ASN CG   C  N N 46  
ASN OD1  O  N N 47  
ASN ND2  N  N N 48  
ASN OXT  O  N N 49  
ASN H    H  N N 50  
ASN H2   H  N N 51  
ASN HA   H  N N 52  
ASN HB2  H  N N 53  
ASN HB3  H  N N 54  
ASN HD21 H  N N 55  
ASN HD22 H  N N 56  
ASN HXT  H  N N 57  
ASP N    N  N N 58  
ASP CA   C  N S 59  
ASP C    C  N N 60  
ASP O    O  N N 61  
ASP CB   C  N N 62  
ASP CG   C  N N 63  
ASP OD1  O  N N 64  
ASP OD2  O  N N 65  
ASP OXT  O  N N 66  
ASP H    H  N N 67  
ASP H2   H  N N 68  
ASP HA   H  N N 69  
ASP HB2  H  N N 70  
ASP HB3  H  N N 71  
ASP HD2  H  N N 72  
ASP HXT  H  N N 73  
CD  CD   CD N N 74  
CYS N    N  N N 75  
CYS CA   C  N R 76  
CYS C    C  N N 77  
CYS O    O  N N 78  
CYS CB   C  N N 79  
CYS SG   S  N N 80  
CYS OXT  O  N N 81  
CYS H    H  N N 82  
CYS H2   H  N N 83  
CYS HA   H  N N 84  
CYS HB2  H  N N 85  
CYS HB3  H  N N 86  
CYS HG   H  N N 87  
CYS HXT  H  N N 88  
GLN N    N  N N 89  
GLN CA   C  N S 90  
GLN C    C  N N 91  
GLN O    O  N N 92  
GLN CB   C  N N 93  
GLN CG   C  N N 94  
GLN CD   C  N N 95  
GLN OE1  O  N N 96  
GLN NE2  N  N N 97  
GLN OXT  O  N N 98  
GLN H    H  N N 99  
GLN H2   H  N N 100 
GLN HA   H  N N 101 
GLN HB2  H  N N 102 
GLN HB3  H  N N 103 
GLN HG2  H  N N 104 
GLN HG3  H  N N 105 
GLN HE21 H  N N 106 
GLN HE22 H  N N 107 
GLN HXT  H  N N 108 
GLU N    N  N N 109 
GLU CA   C  N S 110 
GLU C    C  N N 111 
GLU O    O  N N 112 
GLU CB   C  N N 113 
GLU CG   C  N N 114 
GLU CD   C  N N 115 
GLU OE1  O  N N 116 
GLU OE2  O  N N 117 
GLU OXT  O  N N 118 
GLU H    H  N N 119 
GLU H2   H  N N 120 
GLU HA   H  N N 121 
GLU HB2  H  N N 122 
GLU HB3  H  N N 123 
GLU HG2  H  N N 124 
GLU HG3  H  N N 125 
GLU HE2  H  N N 126 
GLU HXT  H  N N 127 
GLY N    N  N N 128 
GLY CA   C  N N 129 
GLY C    C  N N 130 
GLY O    O  N N 131 
GLY OXT  O  N N 132 
GLY H    H  N N 133 
GLY H2   H  N N 134 
GLY HA2  H  N N 135 
GLY HA3  H  N N 136 
GLY HXT  H  N N 137 
HIS N    N  N N 138 
HIS CA   C  N S 139 
HIS C    C  N N 140 
HIS O    O  N N 141 
HIS CB   C  N N 142 
HIS CG   C  Y N 143 
HIS ND1  N  Y N 144 
HIS CD2  C  Y N 145 
HIS CE1  C  Y N 146 
HIS NE2  N  Y N 147 
HIS OXT  O  N N 148 
HIS H    H  N N 149 
HIS H2   H  N N 150 
HIS HA   H  N N 151 
HIS HB2  H  N N 152 
HIS HB3  H  N N 153 
HIS HD1  H  N N 154 
HIS HD2  H  N N 155 
HIS HE1  H  N N 156 
HIS HE2  H  N N 157 
HIS HXT  H  N N 158 
HOH O    O  N N 159 
HOH H1   H  N N 160 
HOH H2   H  N N 161 
ILE N    N  N N 162 
ILE CA   C  N S 163 
ILE C    C  N N 164 
ILE O    O  N N 165 
ILE CB   C  N S 166 
ILE CG1  C  N N 167 
ILE CG2  C  N N 168 
ILE CD1  C  N N 169 
ILE OXT  O  N N 170 
ILE H    H  N N 171 
ILE H2   H  N N 172 
ILE HA   H  N N 173 
ILE HB   H  N N 174 
ILE HG12 H  N N 175 
ILE HG13 H  N N 176 
ILE HG21 H  N N 177 
ILE HG22 H  N N 178 
ILE HG23 H  N N 179 
ILE HD11 H  N N 180 
ILE HD12 H  N N 181 
ILE HD13 H  N N 182 
ILE HXT  H  N N 183 
LEU N    N  N N 184 
LEU CA   C  N S 185 
LEU C    C  N N 186 
LEU O    O  N N 187 
LEU CB   C  N N 188 
LEU CG   C  N N 189 
LEU CD1  C  N N 190 
LEU CD2  C  N N 191 
LEU OXT  O  N N 192 
LEU H    H  N N 193 
LEU H2   H  N N 194 
LEU HA   H  N N 195 
LEU HB2  H  N N 196 
LEU HB3  H  N N 197 
LEU HG   H  N N 198 
LEU HD11 H  N N 199 
LEU HD12 H  N N 200 
LEU HD13 H  N N 201 
LEU HD21 H  N N 202 
LEU HD22 H  N N 203 
LEU HD23 H  N N 204 
LEU HXT  H  N N 205 
LYS N    N  N N 206 
LYS CA   C  N S 207 
LYS C    C  N N 208 
LYS O    O  N N 209 
LYS CB   C  N N 210 
LYS CG   C  N N 211 
LYS CD   C  N N 212 
LYS CE   C  N N 213 
LYS NZ   N  N N 214 
LYS OXT  O  N N 215 
LYS H    H  N N 216 
LYS H2   H  N N 217 
LYS HA   H  N N 218 
LYS HB2  H  N N 219 
LYS HB3  H  N N 220 
LYS HG2  H  N N 221 
LYS HG3  H  N N 222 
LYS HD2  H  N N 223 
LYS HD3  H  N N 224 
LYS HE2  H  N N 225 
LYS HE3  H  N N 226 
LYS HZ1  H  N N 227 
LYS HZ2  H  N N 228 
LYS HZ3  H  N N 229 
LYS HXT  H  N N 230 
MET N    N  N N 231 
MET CA   C  N S 232 
MET C    C  N N 233 
MET O    O  N N 234 
MET CB   C  N N 235 
MET CG   C  N N 236 
MET SD   S  N N 237 
MET CE   C  N N 238 
MET OXT  O  N N 239 
MET H    H  N N 240 
MET H2   H  N N 241 
MET HA   H  N N 242 
MET HB2  H  N N 243 
MET HB3  H  N N 244 
MET HG2  H  N N 245 
MET HG3  H  N N 246 
MET HE1  H  N N 247 
MET HE2  H  N N 248 
MET HE3  H  N N 249 
MET HXT  H  N N 250 
PHE N    N  N N 251 
PHE CA   C  N S 252 
PHE C    C  N N 253 
PHE O    O  N N 254 
PHE CB   C  N N 255 
PHE CG   C  Y N 256 
PHE CD1  C  Y N 257 
PHE CD2  C  Y N 258 
PHE CE1  C  Y N 259 
PHE CE2  C  Y N 260 
PHE CZ   C  Y N 261 
PHE OXT  O  N N 262 
PHE H    H  N N 263 
PHE H2   H  N N 264 
PHE HA   H  N N 265 
PHE HB2  H  N N 266 
PHE HB3  H  N N 267 
PHE HD1  H  N N 268 
PHE HD2  H  N N 269 
PHE HE1  H  N N 270 
PHE HE2  H  N N 271 
PHE HZ   H  N N 272 
PHE HXT  H  N N 273 
PRO N    N  N N 274 
PRO CA   C  N S 275 
PRO C    C  N N 276 
PRO O    O  N N 277 
PRO CB   C  N N 278 
PRO CG   C  N N 279 
PRO CD   C  N N 280 
PRO OXT  O  N N 281 
PRO H    H  N N 282 
PRO HA   H  N N 283 
PRO HB2  H  N N 284 
PRO HB3  H  N N 285 
PRO HG2  H  N N 286 
PRO HG3  H  N N 287 
PRO HD2  H  N N 288 
PRO HD3  H  N N 289 
PRO HXT  H  N N 290 
SER N    N  N N 291 
SER CA   C  N S 292 
SER C    C  N N 293 
SER O    O  N N 294 
SER CB   C  N N 295 
SER OG   O  N N 296 
SER OXT  O  N N 297 
SER H    H  N N 298 
SER H2   H  N N 299 
SER HA   H  N N 300 
SER HB2  H  N N 301 
SER HB3  H  N N 302 
SER HG   H  N N 303 
SER HXT  H  N N 304 
THR N    N  N N 305 
THR CA   C  N S 306 
THR C    C  N N 307 
THR O    O  N N 308 
THR CB   C  N R 309 
THR OG1  O  N N 310 
THR CG2  C  N N 311 
THR OXT  O  N N 312 
THR H    H  N N 313 
THR H2   H  N N 314 
THR HA   H  N N 315 
THR HB   H  N N 316 
THR HG1  H  N N 317 
THR HG21 H  N N 318 
THR HG22 H  N N 319 
THR HG23 H  N N 320 
THR HXT  H  N N 321 
TRP N    N  N N 322 
TRP CA   C  N S 323 
TRP C    C  N N 324 
TRP O    O  N N 325 
TRP CB   C  N N 326 
TRP CG   C  Y N 327 
TRP CD1  C  Y N 328 
TRP CD2  C  Y N 329 
TRP NE1  N  Y N 330 
TRP CE2  C  Y N 331 
TRP CE3  C  Y N 332 
TRP CZ2  C  Y N 333 
TRP CZ3  C  Y N 334 
TRP CH2  C  Y N 335 
TRP OXT  O  N N 336 
TRP H    H  N N 337 
TRP H2   H  N N 338 
TRP HA   H  N N 339 
TRP HB2  H  N N 340 
TRP HB3  H  N N 341 
TRP HD1  H  N N 342 
TRP HE1  H  N N 343 
TRP HE3  H  N N 344 
TRP HZ2  H  N N 345 
TRP HZ3  H  N N 346 
TRP HH2  H  N N 347 
TRP HXT  H  N N 348 
TYR N    N  N N 349 
TYR CA   C  N S 350 
TYR C    C  N N 351 
TYR O    O  N N 352 
TYR CB   C  N N 353 
TYR CG   C  Y N 354 
TYR CD1  C  Y N 355 
TYR CD2  C  Y N 356 
TYR CE1  C  Y N 357 
TYR CE2  C  Y N 358 
TYR CZ   C  Y N 359 
TYR OH   O  N N 360 
TYR OXT  O  N N 361 
TYR H    H  N N 362 
TYR H2   H  N N 363 
TYR HA   H  N N 364 
TYR HB2  H  N N 365 
TYR HB3  H  N N 366 
TYR HD1  H  N N 367 
TYR HD2  H  N N 368 
TYR HE1  H  N N 369 
TYR HE2  H  N N 370 
TYR HH   H  N N 371 
TYR HXT  H  N N 372 
VAL N    N  N N 373 
VAL CA   C  N S 374 
VAL C    C  N N 375 
VAL O    O  N N 376 
VAL CB   C  N N 377 
VAL CG1  C  N N 378 
VAL CG2  C  N N 379 
VAL OXT  O  N N 380 
VAL H    H  N N 381 
VAL H2   H  N N 382 
VAL HA   H  N N 383 
VAL HB   H  N N 384 
VAL HG11 H  N N 385 
VAL HG12 H  N N 386 
VAL HG13 H  N N 387 
VAL HG21 H  N N 388 
VAL HG22 H  N N 389 
VAL HG23 H  N N 390 
VAL HXT  H  N N 391 
# 
loop_
_chem_comp_bond.comp_id 
_chem_comp_bond.atom_id_1 
_chem_comp_bond.atom_id_2 
_chem_comp_bond.value_order 
_chem_comp_bond.pdbx_aromatic_flag 
_chem_comp_bond.pdbx_stereo_config 
_chem_comp_bond.pdbx_ordinal 
ALA N   CA   sing N N 1   
ALA N   H    sing N N 2   
ALA N   H2   sing N N 3   
ALA CA  C    sing N N 4   
ALA CA  CB   sing N N 5   
ALA CA  HA   sing N N 6   
ALA C   O    doub N N 7   
ALA C   OXT  sing N N 8   
ALA CB  HB1  sing N N 9   
ALA CB  HB2  sing N N 10  
ALA CB  HB3  sing N N 11  
ALA OXT HXT  sing N N 12  
ARG N   CA   sing N N 13  
ARG N   H    sing N N 14  
ARG N   H2   sing N N 15  
ARG CA  C    sing N N 16  
ARG CA  CB   sing N N 17  
ARG CA  HA   sing N N 18  
ARG C   O    doub N N 19  
ARG C   OXT  sing N N 20  
ARG CB  CG   sing N N 21  
ARG CB  HB2  sing N N 22  
ARG CB  HB3  sing N N 23  
ARG CG  CD   sing N N 24  
ARG CG  HG2  sing N N 25  
ARG CG  HG3  sing N N 26  
ARG CD  NE   sing N N 27  
ARG CD  HD2  sing N N 28  
ARG CD  HD3  sing N N 29  
ARG NE  CZ   sing N N 30  
ARG NE  HE   sing N N 31  
ARG CZ  NH1  sing N N 32  
ARG CZ  NH2  doub N N 33  
ARG NH1 HH11 sing N N 34  
ARG NH1 HH12 sing N N 35  
ARG NH2 HH21 sing N N 36  
ARG NH2 HH22 sing N N 37  
ARG OXT HXT  sing N N 38  
ASN N   CA   sing N N 39  
ASN N   H    sing N N 40  
ASN N   H2   sing N N 41  
ASN CA  C    sing N N 42  
ASN CA  CB   sing N N 43  
ASN CA  HA   sing N N 44  
ASN C   O    doub N N 45  
ASN C   OXT  sing N N 46  
ASN CB  CG   sing N N 47  
ASN CB  HB2  sing N N 48  
ASN CB  HB3  sing N N 49  
ASN CG  OD1  doub N N 50  
ASN CG  ND2  sing N N 51  
ASN ND2 HD21 sing N N 52  
ASN ND2 HD22 sing N N 53  
ASN OXT HXT  sing N N 54  
ASP N   CA   sing N N 55  
ASP N   H    sing N N 56  
ASP N   H2   sing N N 57  
ASP CA  C    sing N N 58  
ASP CA  CB   sing N N 59  
ASP CA  HA   sing N N 60  
ASP C   O    doub N N 61  
ASP C   OXT  sing N N 62  
ASP CB  CG   sing N N 63  
ASP CB  HB2  sing N N 64  
ASP CB  HB3  sing N N 65  
ASP CG  OD1  doub N N 66  
ASP CG  OD2  sing N N 67  
ASP OD2 HD2  sing N N 68  
ASP OXT HXT  sing N N 69  
CYS N   CA   sing N N 70  
CYS N   H    sing N N 71  
CYS N   H2   sing N N 72  
CYS CA  C    sing N N 73  
CYS CA  CB   sing N N 74  
CYS CA  HA   sing N N 75  
CYS C   O    doub N N 76  
CYS C   OXT  sing N N 77  
CYS CB  SG   sing N N 78  
CYS CB  HB2  sing N N 79  
CYS CB  HB3  sing N N 80  
CYS SG  HG   sing N N 81  
CYS OXT HXT  sing N N 82  
GLN N   CA   sing N N 83  
GLN N   H    sing N N 84  
GLN N   H2   sing N N 85  
GLN CA  C    sing N N 86  
GLN CA  CB   sing N N 87  
GLN CA  HA   sing N N 88  
GLN C   O    doub N N 89  
GLN C   OXT  sing N N 90  
GLN CB  CG   sing N N 91  
GLN CB  HB2  sing N N 92  
GLN CB  HB3  sing N N 93  
GLN CG  CD   sing N N 94  
GLN CG  HG2  sing N N 95  
GLN CG  HG3  sing N N 96  
GLN CD  OE1  doub N N 97  
GLN CD  NE2  sing N N 98  
GLN NE2 HE21 sing N N 99  
GLN NE2 HE22 sing N N 100 
GLN OXT HXT  sing N N 101 
GLU N   CA   sing N N 102 
GLU N   H    sing N N 103 
GLU N   H2   sing N N 104 
GLU CA  C    sing N N 105 
GLU CA  CB   sing N N 106 
GLU CA  HA   sing N N 107 
GLU C   O    doub N N 108 
GLU C   OXT  sing N N 109 
GLU CB  CG   sing N N 110 
GLU CB  HB2  sing N N 111 
GLU CB  HB3  sing N N 112 
GLU CG  CD   sing N N 113 
GLU CG  HG2  sing N N 114 
GLU CG  HG3  sing N N 115 
GLU CD  OE1  doub N N 116 
GLU CD  OE2  sing N N 117 
GLU OE2 HE2  sing N N 118 
GLU OXT HXT  sing N N 119 
GLY N   CA   sing N N 120 
GLY N   H    sing N N 121 
GLY N   H2   sing N N 122 
GLY CA  C    sing N N 123 
GLY CA  HA2  sing N N 124 
GLY CA  HA3  sing N N 125 
GLY C   O    doub N N 126 
GLY C   OXT  sing N N 127 
GLY OXT HXT  sing N N 128 
HIS N   CA   sing N N 129 
HIS N   H    sing N N 130 
HIS N   H2   sing N N 131 
HIS CA  C    sing N N 132 
HIS CA  CB   sing N N 133 
HIS CA  HA   sing N N 134 
HIS C   O    doub N N 135 
HIS C   OXT  sing N N 136 
HIS CB  CG   sing N N 137 
HIS CB  HB2  sing N N 138 
HIS CB  HB3  sing N N 139 
HIS CG  ND1  sing Y N 140 
HIS CG  CD2  doub Y N 141 
HIS ND1 CE1  doub Y N 142 
HIS ND1 HD1  sing N N 143 
HIS CD2 NE2  sing Y N 144 
HIS CD2 HD2  sing N N 145 
HIS CE1 NE2  sing Y N 146 
HIS CE1 HE1  sing N N 147 
HIS NE2 HE2  sing N N 148 
HIS OXT HXT  sing N N 149 
HOH O   H1   sing N N 150 
HOH O   H2   sing N N 151 
ILE N   CA   sing N N 152 
ILE N   H    sing N N 153 
ILE N   H2   sing N N 154 
ILE CA  C    sing N N 155 
ILE CA  CB   sing N N 156 
ILE CA  HA   sing N N 157 
ILE C   O    doub N N 158 
ILE C   OXT  sing N N 159 
ILE CB  CG1  sing N N 160 
ILE CB  CG2  sing N N 161 
ILE CB  HB   sing N N 162 
ILE CG1 CD1  sing N N 163 
ILE CG1 HG12 sing N N 164 
ILE CG1 HG13 sing N N 165 
ILE CG2 HG21 sing N N 166 
ILE CG2 HG22 sing N N 167 
ILE CG2 HG23 sing N N 168 
ILE CD1 HD11 sing N N 169 
ILE CD1 HD12 sing N N 170 
ILE CD1 HD13 sing N N 171 
ILE OXT HXT  sing N N 172 
LEU N   CA   sing N N 173 
LEU N   H    sing N N 174 
LEU N   H2   sing N N 175 
LEU CA  C    sing N N 176 
LEU CA  CB   sing N N 177 
LEU CA  HA   sing N N 178 
LEU C   O    doub N N 179 
LEU C   OXT  sing N N 180 
LEU CB  CG   sing N N 181 
LEU CB  HB2  sing N N 182 
LEU CB  HB3  sing N N 183 
LEU CG  CD1  sing N N 184 
LEU CG  CD2  sing N N 185 
LEU CG  HG   sing N N 186 
LEU CD1 HD11 sing N N 187 
LEU CD1 HD12 sing N N 188 
LEU CD1 HD13 sing N N 189 
LEU CD2 HD21 sing N N 190 
LEU CD2 HD22 sing N N 191 
LEU CD2 HD23 sing N N 192 
LEU OXT HXT  sing N N 193 
LYS N   CA   sing N N 194 
LYS N   H    sing N N 195 
LYS N   H2   sing N N 196 
LYS CA  C    sing N N 197 
LYS CA  CB   sing N N 198 
LYS CA  HA   sing N N 199 
LYS C   O    doub N N 200 
LYS C   OXT  sing N N 201 
LYS CB  CG   sing N N 202 
LYS CB  HB2  sing N N 203 
LYS CB  HB3  sing N N 204 
LYS CG  CD   sing N N 205 
LYS CG  HG2  sing N N 206 
LYS CG  HG3  sing N N 207 
LYS CD  CE   sing N N 208 
LYS CD  HD2  sing N N 209 
LYS CD  HD3  sing N N 210 
LYS CE  NZ   sing N N 211 
LYS CE  HE2  sing N N 212 
LYS CE  HE3  sing N N 213 
LYS NZ  HZ1  sing N N 214 
LYS NZ  HZ2  sing N N 215 
LYS NZ  HZ3  sing N N 216 
LYS OXT HXT  sing N N 217 
MET N   CA   sing N N 218 
MET N   H    sing N N 219 
MET N   H2   sing N N 220 
MET CA  C    sing N N 221 
MET CA  CB   sing N N 222 
MET CA  HA   sing N N 223 
MET C   O    doub N N 224 
MET C   OXT  sing N N 225 
MET CB  CG   sing N N 226 
MET CB  HB2  sing N N 227 
MET CB  HB3  sing N N 228 
MET CG  SD   sing N N 229 
MET CG  HG2  sing N N 230 
MET CG  HG3  sing N N 231 
MET SD  CE   sing N N 232 
MET CE  HE1  sing N N 233 
MET CE  HE2  sing N N 234 
MET CE  HE3  sing N N 235 
MET OXT HXT  sing N N 236 
PHE N   CA   sing N N 237 
PHE N   H    sing N N 238 
PHE N   H2   sing N N 239 
PHE CA  C    sing N N 240 
PHE CA  CB   sing N N 241 
PHE CA  HA   sing N N 242 
PHE C   O    doub N N 243 
PHE C   OXT  sing N N 244 
PHE CB  CG   sing N N 245 
PHE CB  HB2  sing N N 246 
PHE CB  HB3  sing N N 247 
PHE CG  CD1  doub Y N 248 
PHE CG  CD2  sing Y N 249 
PHE CD1 CE1  sing Y N 250 
PHE CD1 HD1  sing N N 251 
PHE CD2 CE2  doub Y N 252 
PHE CD2 HD2  sing N N 253 
PHE CE1 CZ   doub Y N 254 
PHE CE1 HE1  sing N N 255 
PHE CE2 CZ   sing Y N 256 
PHE CE2 HE2  sing N N 257 
PHE CZ  HZ   sing N N 258 
PHE OXT HXT  sing N N 259 
PRO N   CA   sing N N 260 
PRO N   CD   sing N N 261 
PRO N   H    sing N N 262 
PRO CA  C    sing N N 263 
PRO CA  CB   sing N N 264 
PRO CA  HA   sing N N 265 
PRO C   O    doub N N 266 
PRO C   OXT  sing N N 267 
PRO CB  CG   sing N N 268 
PRO CB  HB2  sing N N 269 
PRO CB  HB3  sing N N 270 
PRO CG  CD   sing N N 271 
PRO CG  HG2  sing N N 272 
PRO CG  HG3  sing N N 273 
PRO CD  HD2  sing N N 274 
PRO CD  HD3  sing N N 275 
PRO OXT HXT  sing N N 276 
SER N   CA   sing N N 277 
SER N   H    sing N N 278 
SER N   H2   sing N N 279 
SER CA  C    sing N N 280 
SER CA  CB   sing N N 281 
SER CA  HA   sing N N 282 
SER C   O    doub N N 283 
SER C   OXT  sing N N 284 
SER CB  OG   sing N N 285 
SER CB  HB2  sing N N 286 
SER CB  HB3  sing N N 287 
SER OG  HG   sing N N 288 
SER OXT HXT  sing N N 289 
THR N   CA   sing N N 290 
THR N   H    sing N N 291 
THR N   H2   sing N N 292 
THR CA  C    sing N N 293 
THR CA  CB   sing N N 294 
THR CA  HA   sing N N 295 
THR C   O    doub N N 296 
THR C   OXT  sing N N 297 
THR CB  OG1  sing N N 298 
THR CB  CG2  sing N N 299 
THR CB  HB   sing N N 300 
THR OG1 HG1  sing N N 301 
THR CG2 HG21 sing N N 302 
THR CG2 HG22 sing N N 303 
THR CG2 HG23 sing N N 304 
THR OXT HXT  sing N N 305 
TRP N   CA   sing N N 306 
TRP N   H    sing N N 307 
TRP N   H2   sing N N 308 
TRP CA  C    sing N N 309 
TRP CA  CB   sing N N 310 
TRP CA  HA   sing N N 311 
TRP C   O    doub N N 312 
TRP C   OXT  sing N N 313 
TRP CB  CG   sing N N 314 
TRP CB  HB2  sing N N 315 
TRP CB  HB3  sing N N 316 
TRP CG  CD1  doub Y N 317 
TRP CG  CD2  sing Y N 318 
TRP CD1 NE1  sing Y N 319 
TRP CD1 HD1  sing N N 320 
TRP CD2 CE2  doub Y N 321 
TRP CD2 CE3  sing Y N 322 
TRP NE1 CE2  sing Y N 323 
TRP NE1 HE1  sing N N 324 
TRP CE2 CZ2  sing Y N 325 
TRP CE3 CZ3  doub Y N 326 
TRP CE3 HE3  sing N N 327 
TRP CZ2 CH2  doub Y N 328 
TRP CZ2 HZ2  sing N N 329 
TRP CZ3 CH2  sing Y N 330 
TRP CZ3 HZ3  sing N N 331 
TRP CH2 HH2  sing N N 332 
TRP OXT HXT  sing N N 333 
TYR N   CA   sing N N 334 
TYR N   H    sing N N 335 
TYR N   H2   sing N N 336 
TYR CA  C    sing N N 337 
TYR CA  CB   sing N N 338 
TYR CA  HA   sing N N 339 
TYR C   O    doub N N 340 
TYR C   OXT  sing N N 341 
TYR CB  CG   sing N N 342 
TYR CB  HB2  sing N N 343 
TYR CB  HB3  sing N N 344 
TYR CG  CD1  doub Y N 345 
TYR CG  CD2  sing Y N 346 
TYR CD1 CE1  sing Y N 347 
TYR CD1 HD1  sing N N 348 
TYR CD2 CE2  doub Y N 349 
TYR CD2 HD2  sing N N 350 
TYR CE1 CZ   doub Y N 351 
TYR CE1 HE1  sing N N 352 
TYR CE2 CZ   sing Y N 353 
TYR CE2 HE2  sing N N 354 
TYR CZ  OH   sing N N 355 
TYR OH  HH   sing N N 356 
TYR OXT HXT  sing N N 357 
VAL N   CA   sing N N 358 
VAL N   H    sing N N 359 
VAL N   H2   sing N N 360 
VAL CA  C    sing N N 361 
VAL CA  CB   sing N N 362 
VAL CA  HA   sing N N 363 
VAL C   O    doub N N 364 
VAL C   OXT  sing N N 365 
VAL CB  CG1  sing N N 366 
VAL CB  CG2  sing N N 367 
VAL CB  HB   sing N N 368 
VAL CG1 HG11 sing N N 369 
VAL CG1 HG12 sing N N 370 
VAL CG1 HG13 sing N N 371 
VAL CG2 HG21 sing N N 372 
VAL CG2 HG22 sing N N 373 
VAL CG2 HG23 sing N N 374 
VAL OXT HXT  sing N N 375 
# 
_atom_sites.entry_id                    1XAU 
_atom_sites.fract_transf_matrix[1][1]   0.00260714 
_atom_sites.fract_transf_matrix[1][2]   0.01814083 
_atom_sites.fract_transf_matrix[1][3]   0.02019322 
_atom_sites.fract_transf_matrix[2][1]   0.00743892 
_atom_sites.fract_transf_matrix[2][2]   0.01854196 
_atom_sites.fract_transf_matrix[2][3]   -0.01761783 
_atom_sites.fract_transf_matrix[3][1]   -0.01059871 
_atom_sites.fract_transf_matrix[3][2]   0.00299545 
_atom_sites.fract_transf_matrix[3][3]   -0.00132260 
_atom_sites.fract_transf_vector[1]      0.855631 
_atom_sites.fract_transf_vector[2]      0.754803 
_atom_sites.fract_transf_vector[3]      0.163895 
# 
loop_
_atom_type.symbol 
C  
CD 
N  
O  
S  
# 
loop_
_atom_site.group_PDB 
_atom_site.id 
_atom_site.type_symbol 
_atom_site.label_atom_id 
_atom_site.label_alt_id 
_atom_site.label_comp_id 
_atom_site.label_asym_id 
_atom_site.label_entity_id 
_atom_site.label_seq_id 
_atom_site.pdbx_PDB_ins_code 
_atom_site.Cartn_x 
_atom_site.Cartn_y 
_atom_site.Cartn_z 
_atom_site.occupancy 
_atom_site.B_iso_or_equiv 
_atom_site.pdbx_formal_charge 
_atom_site.auth_seq_id 
_atom_site.auth_comp_id 
_atom_site.auth_asym_id 
_atom_site.auth_atom_id 
_atom_site.pdbx_PDB_model_num 
ATOM   1    N  N   . CYS A 1 12  ? 19.880  -9.789  6.274   1.00 43.42 ? 11  CYS A N   1 
ATOM   2    C  CA  . CYS A 1 12  ? 18.836  -8.688  6.187   1.00 42.55 ? 11  CYS A CA  1 
ATOM   3    C  C   . CYS A 1 12  ? 18.796  -8.159  4.731   1.00 41.88 ? 11  CYS A C   1 
ATOM   4    O  O   . CYS A 1 12  ? 19.841  -7.943  4.112   1.00 42.07 ? 11  CYS A O   1 
ATOM   5    C  CB  . CYS A 1 12  ? 19.208  -7.558  7.189   1.00 43.54 ? 11  CYS A CB  1 
ATOM   6    S  SG  . CYS A 1 12  ? 17.974  -6.211  7.374   1.00 44.43 ? 11  CYS A SG  1 
ATOM   7    N  N   . GLU A 1 13  ? 17.594  -7.994  4.168   1.00 40.14 ? 12  GLU A N   1 
ATOM   8    C  CA  . GLU A 1 13  ? 17.444  -7.479  2.791   1.00 38.10 ? 12  GLU A CA  1 
ATOM   9    C  C   . GLU A 1 13  ? 16.170  -6.631  2.899   1.00 35.31 ? 12  GLU A C   1 
ATOM   10   O  O   . GLU A 1 13  ? 15.318  -6.951  3.736   1.00 35.23 ? 12  GLU A O   1 
ATOM   11   C  CB  . GLU A 1 13  ? 17.256  -8.640  1.765   1.00 40.18 ? 12  GLU A CB  1 
ATOM   12   C  CG  . GLU A 1 13  ? 16.276  -9.752  2.208   1.00 42.29 ? 12  GLU A CG  1 
ATOM   13   C  CD  . GLU A 1 13  ? 15.883  -10.745 1.072   1.00 43.49 ? 12  GLU A CD  1 
ATOM   14   O  OE1 . GLU A 1 13  ? 15.605  -10.296 -0.082  1.00 44.83 ? 12  GLU A OE1 1 
ATOM   15   O  OE2 . GLU A 1 13  ? 15.824  -11.969 1.333   1.00 43.91 ? 12  GLU A OE2 1 
ATOM   16   N  N   . VAL A 1 14  ? 16.047  -5.557  2.123   1.00 31.93 ? 13  VAL A N   1 
ATOM   17   C  CA  . VAL A 1 14  ? 14.828  -4.703  2.228   1.00 28.94 ? 13  VAL A CA  1 
ATOM   18   C  C   . VAL A 1 14  ? 13.707  -5.455  1.528   1.00 26.35 ? 13  VAL A C   1 
ATOM   19   O  O   . VAL A 1 14  ? 13.885  -5.910  0.392   1.00 24.48 ? 13  VAL A O   1 
ATOM   20   C  CB  . VAL A 1 14  ? 15.028  -3.324  1.540   1.00 28.82 ? 13  VAL A CB  1 
ATOM   21   C  CG1 . VAL A 1 14  ? 13.697  -2.579  1.407   1.00 28.38 ? 13  VAL A CG1 1 
ATOM   22   C  CG2 . VAL A 1 14  ? 16.041  -2.443  2.390   1.00 30.31 ? 13  VAL A CG2 1 
ATOM   23   N  N   . GLN A 1 15  ? 12.575  -5.623  2.204   1.00 24.23 ? 14  GLN A N   1 
ATOM   24   C  CA  . GLN A 1 15  ? 11.493  -6.355  1.572   1.00 22.78 ? 14  GLN A CA  1 
ATOM   25   C  C   . GLN A 1 15  ? 10.169  -5.645  1.822   1.00 21.56 ? 14  GLN A C   1 
ATOM   26   O  O   . GLN A 1 15  ? 9.995   -5.071  2.881   1.00 20.43 ? 14  GLN A O   1 
ATOM   27   C  CB  . GLN A 1 15  ? 11.324  -7.719  2.213   1.00 25.94 ? 14  GLN A CB  1 
ATOM   28   C  CG  . GLN A 1 15  ? 12.510  -8.549  2.274   1.00 29.86 ? 14  GLN A CG  1 
ATOM   29   C  CD  . GLN A 1 15  ? 12.161  -9.965  2.716   1.00 32.61 ? 14  GLN A CD  1 
ATOM   30   O  OE1 . GLN A 1 15  ? 11.738  -10.211 3.875   1.00 33.89 ? 14  GLN A OE1 1 
ATOM   31   N  NE2 . GLN A 1 15  ? 12.303  -10.909 1.771   1.00 32.79 ? 14  GLN A NE2 1 
ATOM   32   N  N   . LEU A 1 16  ? 9.231   -5.791  0.887   1.00 19.82 ? 15  LEU A N   1 
ATOM   33   C  CA  . LEU A 1 16  ? 7.856   -5.231  1.058   1.00 20.67 ? 15  LEU A CA  1 
ATOM   34   C  C   . LEU A 1 16  ? 7.018   -6.513  1.160   1.00 20.74 ? 15  LEU A C   1 
ATOM   35   O  O   . LEU A 1 16  ? 7.001   -7.356  0.239   1.00 21.92 ? 15  LEU A O   1 
ATOM   36   C  CB  . LEU A 1 16  ? 7.506   -4.403  -0.186  1.00 19.58 ? 15  LEU A CB  1 
ATOM   37   C  CG  . LEU A 1 16  ? 8.438   -3.245  -0.439  1.00 19.82 ? 15  LEU A CG  1 
ATOM   38   C  CD1 . LEU A 1 16  ? 7.924   -2.441  -1.656  1.00 20.62 ? 15  LEU A CD1 1 
ATOM   39   C  CD2 . LEU A 1 16  ? 8.519   -2.316  0.783   1.00 19.38 ? 15  LEU A CD2 1 
ATOM   40   N  N   . ASN A 1 17  ? 6.373   -6.667  2.316   1.00 21.42 ? 16  ASN A N   1 
ATOM   41   C  CA  . ASN A 1 17  ? 5.733   -7.899  2.662   1.00 22.18 ? 16  ASN A CA  1 
ATOM   42   C  C   . ASN A 1 17  ? 4.208   -8.032  2.727   1.00 23.03 ? 16  ASN A C   1 
ATOM   43   O  O   . ASN A 1 17  ? 3.667   -8.620  3.648   1.00 23.47 ? 16  ASN A O   1 
ATOM   44   C  CB  . ASN A 1 17  ? 6.378   -8.405  3.964   1.00 23.01 ? 16  ASN A CB  1 
ATOM   45   C  CG  . ASN A 1 17  ? 7.846   -8.870  3.757   1.00 24.94 ? 16  ASN A CG  1 
ATOM   46   O  OD1 . ASN A 1 17  ? 8.232   -9.233  2.654   1.00 24.16 ? 16  ASN A OD1 1 
ATOM   47   N  ND2 . ASN A 1 17  ? 8.646   -8.897  4.832   1.00 25.37 ? 16  ASN A ND2 1 
ATOM   48   N  N   . ILE A 1 18  ? 3.514   -7.479  1.746   1.00 22.20 ? 17  ILE A N   1 
ATOM   49   C  CA  . ILE A 1 18  ? 2.067   -7.693  1.674   1.00 22.51 ? 17  ILE A CA  1 
ATOM   50   C  C   . ILE A 1 18  ? 1.995   -9.209  1.343   1.00 24.01 ? 17  ILE A C   1 
ATOM   51   O  O   . ILE A 1 18  ? 2.792   -9.677  0.526   1.00 23.68 ? 17  ILE A O   1 
ATOM   52   C  CB  . ILE A 1 18  ? 1.522   -6.883  0.498   1.00 22.16 ? 17  ILE A CB  1 
ATOM   53   C  CG1 . ILE A 1 18  ? 1.511   -5.407  0.897   1.00 20.90 ? 17  ILE A CG1 1 
ATOM   54   C  CG2 . ILE A 1 18  ? 0.100   -7.385  0.044   1.00 22.44 ? 17  ILE A CG2 1 
ATOM   55   C  CD1 . ILE A 1 18  ? 1.033   -4.481  -0.247  1.00 19.61 ? 17  ILE A CD1 1 
ATOM   56   N  N   . LYS A 1 19  ? 1.074   -9.950  1.948   1.00 25.79 ? 18  LYS A N   1 
ATOM   57   C  CA  . LYS A 1 19  ? 0.942   -11.384 1.620   1.00 28.55 ? 18  LYS A CA  1 
ATOM   58   C  C   . LYS A 1 19  ? 0.412   -11.608 0.232   1.00 28.68 ? 18  LYS A C   1 
ATOM   59   O  O   . LYS A 1 19  ? -0.446  -10.848 -0.225  1.00 28.39 ? 18  LYS A O   1 
ATOM   60   C  CB  . LYS A 1 19  ? -0.006  -12.066 2.601   1.00 31.09 ? 18  LYS A CB  1 
ATOM   61   C  CG  . LYS A 1 19  ? 0.714   -12.557 3.857   1.00 34.64 ? 18  LYS A CG  1 
ATOM   62   C  CD  . LYS A 1 19  ? -0.264  -13.310 4.790   1.00 36.93 ? 18  LYS A CD  1 
ATOM   63   C  CE  . LYS A 1 19  ? -0.031  -14.824 4.717   1.00 38.42 ? 18  LYS A CE  1 
ATOM   64   N  NZ  . LYS A 1 19  ? 1.440   -15.199 5.025   1.00 39.95 ? 18  LYS A NZ  1 
ATOM   65   N  N   . ARG A 1 20  ? 0.881   -12.669 -0.419  1.00 29.18 ? 19  ARG A N   1 
ATOM   66   C  CA  . ARG A 1 20  ? 0.435   -12.996 -1.774  1.00 30.77 ? 19  ARG A CA  1 
ATOM   67   C  C   . ARG A 1 20  ? -1.066  -13.241 -1.783  1.00 30.48 ? 19  ARG A C   1 
ATOM   68   O  O   . ARG A 1 20  ? -1.600  -13.741 -0.829  1.00 29.64 ? 19  ARG A O   1 
ATOM   69   C  CB  . ARG A 1 20  ? 1.137   -14.257 -2.268  1.00 32.37 ? 19  ARG A CB  1 
ATOM   70   C  CG  . ARG A 1 20  ? 1.132   -14.416 -3.779  1.00 35.06 ? 19  ARG A CG  1 
ATOM   71   C  CD  . ARG A 1 20  ? 1.573   -15.859 -4.135  1.00 38.41 ? 19  ARG A CD  1 
ATOM   72   N  NE  . ARG A 1 20  ? 2.847   -15.915 -4.853  1.00 40.75 ? 19  ARG A NE  1 
ATOM   73   C  CZ  . ARG A 1 20  ? 3.093   -15.305 -6.017  1.00 42.15 ? 19  ARG A CZ  1 
ATOM   74   N  NH1 . ARG A 1 20  ? 2.132   -14.581 -6.600  1.00 43.69 ? 19  ARG A NH1 1 
ATOM   75   N  NH2 . ARG A 1 20  ? 4.312   -15.385 -6.581  1.00 42.79 ? 19  ARG A NH2 1 
ATOM   76   N  N   . ASN A 1 21  ? -1.750  -12.838 -2.826  1.00 31.29 ? 20  ASN A N   1 
ATOM   77   C  CA  . ASN A 1 21  ? -3.184  -13.140 -2.870  1.00 32.32 ? 20  ASN A CA  1 
ATOM   78   C  C   . ASN A 1 21  ? -3.966  -12.420 -1.780  1.00 30.57 ? 20  ASN A C   1 
ATOM   79   O  O   . ASN A 1 21  ? -4.995  -12.892 -1.370  1.00 31.19 ? 20  ASN A O   1 
ATOM   80   C  CB  . ASN A 1 21  ? -3.291  -14.663 -2.703  1.00 35.26 ? 20  ASN A CB  1 
ATOM   81   C  CG  . ASN A 1 21  ? -4.717  -15.176 -2.625  1.00 39.04 ? 20  ASN A CG  1 
ATOM   82   O  OD1 . ASN A 1 21  ? -5.566  -14.866 -3.511  1.00 41.36 ? 20  ASN A OD1 1 
ATOM   83   N  ND2 . ASN A 1 21  ? -5.008  -16.000 -1.567  1.00 40.34 ? 20  ASN A ND2 1 
ATOM   84   N  N   . SER A 1 22  ? -3.465  -11.307 -1.255  1.00 27.99 ? 21  SER A N   1 
ATOM   85   C  CA  . SER A 1 22  ? -4.224  -10.591 -0.214  1.00 26.13 ? 21  SER A CA  1 
ATOM   86   C  C   . SER A 1 22  ? -5.516  -9.977  -0.793  1.00 23.93 ? 21  SER A C   1 
ATOM   87   O  O   . SER A 1 22  ? -5.458  -9.371  -1.870  1.00 22.59 ? 21  SER A O   1 
ATOM   88   C  CB  . SER A 1 22  ? -3.313  -9.509  0.358   1.00 26.07 ? 21  SER A CB  1 
ATOM   89   O  OG  . SER A 1 22  ? -3.953  -8.975  1.460   1.00 31.05 ? 21  SER A OG  1 
ATOM   90   N  N   . LYS A 1 23  ? -6.672  -10.108 -0.129  1.00 22.15 ? 22  LYS A N   1 
ATOM   91   C  CA  . LYS A 1 23  ? -7.930  -9.536  -0.695  1.00 22.01 ? 22  LYS A CA  1 
ATOM   92   C  C   . LYS A 1 23  ? -8.776  -9.077  0.490   1.00 21.39 ? 22  LYS A C   1 
ATOM   93   O  O   . LYS A 1 23  ? -8.812  -9.809  1.504   1.00 19.00 ? 22  LYS A O   1 
ATOM   94   C  CB  . LYS A 1 23  ? -8.722  -10.632 -1.441  1.00 24.58 ? 22  LYS A CB  1 
ATOM   95   C  CG  . LYS A 1 23  ? -7.887  -11.195 -2.633  1.00 28.51 ? 22  LYS A CG  1 
ATOM   96   C  CD  . LYS A 1 23  ? -8.377  -12.601 -3.137  1.00 31.84 ? 22  LYS A CD  1 
ATOM   97   C  CE  . LYS A 1 23  ? -8.384  -13.641 -1.981  1.00 33.97 ? 22  LYS A CE  1 
ATOM   98   N  NZ  . LYS A 1 23  ? -8.126  -15.127 -2.360  1.00 36.39 ? 22  LYS A NZ  1 
ATOM   99   N  N   . HIS A 1 24  ? -9.406  -7.897  0.382   1.00 19.62 ? 23  HIS A N   1 
ATOM   100  C  CA  . HIS A 1 24  ? -10.262 -7.393  1.440   1.00 18.77 ? 23  HIS A CA  1 
ATOM   101  C  C   . HIS A 1 24  ? -11.453 -6.662  0.873   1.00 18.92 ? 23  HIS A C   1 
ATOM   102  O  O   . HIS A 1 24  ? -11.380 -6.112  -0.221  1.00 18.07 ? 23  HIS A O   1 
ATOM   103  C  CB  . HIS A 1 24  ? -9.482  -6.424  2.416   1.00 18.53 ? 23  HIS A CB  1 
ATOM   104  C  CG  . HIS A 1 24  ? -8.495  -7.145  3.276   1.00 18.73 ? 23  HIS A CG  1 
ATOM   105  N  ND1 . HIS A 1 24  ? -8.893  -7.917  4.341   1.00 20.42 ? 23  HIS A ND1 1 
ATOM   106  C  CD2 . HIS A 1 24  ? -7.153  -7.342  3.134   1.00 19.45 ? 23  HIS A CD2 1 
ATOM   107  C  CE1 . HIS A 1 24  ? -7.844  -8.566  4.829   1.00 20.96 ? 23  HIS A CE1 1 
ATOM   108  N  NE2 . HIS A 1 24  ? -6.778  -8.228  4.116   1.00 20.65 ? 23  HIS A NE2 1 
ATOM   109  N  N   . SER A 1 25  ? -12.554 -6.637  1.622   1.00 18.32 ? 24  SER A N   1 
ATOM   110  C  CA  . SER A 1 25  ? -13.723 -5.912  1.167   1.00 20.21 ? 24  SER A CA  1 
ATOM   111  C  C   . SER A 1 25  ? -13.964 -4.736  2.169   1.00 19.17 ? 24  SER A C   1 
ATOM   112  O  O   . SER A 1 25  ? -13.632 -4.817  3.331   1.00 19.72 ? 24  SER A O   1 
ATOM   113  C  CB  . SER A 1 25  ? -14.968 -6.834  1.112   1.00 21.04 ? 24  SER A CB  1 
ATOM   114  O  OG  . SER A 1 25  ? -14.815 -7.867  0.110   1.00 24.20 ? 24  SER A OG  1 
ATOM   115  N  N   . ALA A 1 26  ? -14.580 -3.679  1.699   1.00 18.96 ? 25  ALA A N   1 
ATOM   116  C  CA  . ALA A 1 26  ? -14.827 -2.518  2.502   1.00 18.80 ? 25  ALA A CA  1 
ATOM   117  C  C   . ALA A 1 26  ? -16.231 -2.012  2.061   1.00 18.68 ? 25  ALA A C   1 
ATOM   118  O  O   . ALA A 1 26  ? -16.810 -2.494  1.052   1.00 18.96 ? 25  ALA A O   1 
ATOM   119  C  CB  . ALA A 1 26  ? -13.788 -1.471  2.185   1.00 18.83 ? 25  ALA A CB  1 
ATOM   120  N  N   . TRP A 1 27  ? -16.763 -1.063  2.815   1.00 17.91 ? 26  TRP A N   1 
ATOM   121  C  CA  . TRP A 1 27  ? -18.076 -0.486  2.503   1.00 19.15 ? 26  TRP A CA  1 
ATOM   122  C  C   . TRP A 1 27  ? -17.858 0.959   2.141   1.00 19.21 ? 26  TRP A C   1 
ATOM   123  O  O   . TRP A 1 27  ? -17.094 1.650   2.812   1.00 18.52 ? 26  TRP A O   1 
ATOM   124  C  CB  . TRP A 1 27  ? -18.975 -0.484  3.754   1.00 20.71 ? 26  TRP A CB  1 
ATOM   125  C  CG  . TRP A 1 27  ? -19.356 -1.875  4.182   1.00 24.54 ? 26  TRP A CG  1 
ATOM   126  C  CD1 . TRP A 1 27  ? -18.790 -2.607  5.165   1.00 25.80 ? 26  TRP A CD1 1 
ATOM   127  C  CD2 . TRP A 1 27  ? -20.304 -2.723  3.535   1.00 26.21 ? 26  TRP A CD2 1 
ATOM   128  N  NE1 . TRP A 1 27  ? -19.325 -3.889  5.179   1.00 26.87 ? 26  TRP A NE1 1 
ATOM   129  C  CE2 . TRP A 1 27  ? -20.257 -3.977  4.182   1.00 27.71 ? 26  TRP A CE2 1 
ATOM   130  C  CE3 . TRP A 1 27  ? -21.186 -2.547  2.469   1.00 26.91 ? 26  TRP A CE3 1 
ATOM   131  C  CZ2 . TRP A 1 27  ? -21.070 -5.062  3.797   1.00 29.38 ? 26  TRP A CZ2 1 
ATOM   132  C  CZ3 . TRP A 1 27  ? -22.002 -3.606  2.089   1.00 28.91 ? 26  TRP A CZ3 1 
ATOM   133  C  CH2 . TRP A 1 27  ? -21.943 -4.853  2.747   1.00 29.42 ? 26  TRP A CH2 1 
ATOM   134  N  N   . THR A 1 28  ? -18.559 1.461   1.140   1.00 18.91 ? 27  THR A N   1 
ATOM   135  C  CA  . THR A 1 28  ? -18.383 2.838   0.788   1.00 21.34 ? 27  THR A CA  1 
ATOM   136  C  C   . THR A 1 28  ? -18.686 3.735   1.961   1.00 20.78 ? 27  THR A C   1 
ATOM   137  O  O   . THR A 1 28  ? -19.599 3.428   2.750   1.00 19.80 ? 27  THR A O   1 
ATOM   138  C  CB  . THR A 1 28  ? -19.259 3.205   -0.381  1.00 23.24 ? 27  THR A CB  1 
ATOM   139  O  OG1 . THR A 1 28  ? -18.941 4.551   -0.713  1.00 27.16 ? 27  THR A OG1 1 
ATOM   140  C  CG2 . THR A 1 28  ? -20.745 3.155   -0.016  1.00 24.11 ? 27  THR A CG2 1 
ATOM   141  N  N   . GLY A 1 29  ? -17.911 4.809   2.116   1.00 20.45 ? 28  GLY A N   1 
ATOM   142  C  CA  . GLY A 1 29  ? -18.076 5.718   3.261   1.00 20.35 ? 28  GLY A CA  1 
ATOM   143  C  C   . GLY A 1 29  ? -17.317 5.356   4.541   1.00 20.84 ? 28  GLY A C   1 
ATOM   144  O  O   . GLY A 1 29  ? -17.203 6.165   5.466   1.00 21.11 ? 28  GLY A O   1 
ATOM   145  N  N   . GLU A 1 30  ? -16.838 4.117   4.680   1.00 20.85 ? 29  GLU A N   1 
ATOM   146  C  CA  . GLU A 1 30  ? -16.039 3.755   5.848   1.00 21.11 ? 29  GLU A CA  1 
ATOM   147  C  C   . GLU A 1 30  ? -14.644 4.364   5.789   1.00 19.72 ? 29  GLU A C   1 
ATOM   148  O  O   . GLU A 1 30  ? -14.166 4.673   4.684   1.00 19.58 ? 29  GLU A O   1 
ATOM   149  C  CB  . GLU A 1 30  ? -15.763 2.237   5.905   1.00 22.43 ? 29  GLU A CB  1 
ATOM   150  C  CG  . GLU A 1 30  ? -16.921 1.375   6.228   1.00 25.06 ? 29  GLU A CG  1 
ATOM   151  C  CD  . GLU A 1 30  ? -16.451 -0.087  6.379   1.00 25.29 ? 29  GLU A CD  1 
ATOM   152  O  OE1 . GLU A 1 30  ? -15.780 -0.633  5.433   1.00 24.40 ? 29  GLU A OE1 1 
ATOM   153  O  OE2 . GLU A 1 30  ? -16.748 -0.670  7.435   1.00 25.16 ? 29  GLU A OE2 1 
ATOM   154  N  N   . LEU A 1 31  ? -14.010 4.577   6.967   1.00 18.18 ? 30  LEU A N   1 
ATOM   155  C  CA  . LEU A 1 31  ? -12.550 4.981   7.023   1.00 17.93 ? 30  LEU A CA  1 
ATOM   156  C  C   . LEU A 1 31  ? -11.909 3.609   6.800   1.00 17.69 ? 30  LEU A C   1 
ATOM   157  O  O   . LEU A 1 31  ? -12.236 2.681   7.530   1.00 18.52 ? 30  LEU A O   1 
ATOM   158  C  CB  . LEU A 1 31  ? -12.151 5.451   8.422   1.00 19.29 ? 30  LEU A CB  1 
ATOM   159  C  CG  . LEU A 1 31  ? -12.060 6.985   8.509   1.00 22.84 ? 30  LEU A CG  1 
ATOM   160  C  CD1 . LEU A 1 31  ? -13.103 7.601   7.721   1.00 22.60 ? 30  LEU A CD1 1 
ATOM   161  C  CD2 . LEU A 1 31  ? -12.006 7.461   9.944   1.00 22.38 ? 30  LEU A CD2 1 
ATOM   162  N  N   . PHE A 1 32  ? -10.970 3.446   5.877   1.00 15.53 ? 31  PHE A N   1 
ATOM   163  C  CA  . PHE A 1 32  ? -10.439 2.081   5.623   1.00 15.14 ? 31  PHE A CA  1 
ATOM   164  C  C   . PHE A 1 32  ? -8.949  2.210   5.359   1.00 15.52 ? 31  PHE A C   1 
ATOM   165  O  O   . PHE A 1 32  ? -8.489  3.269   4.922   1.00 16.46 ? 31  PHE A O   1 
ATOM   166  C  CB  . PHE A 1 32  ? -11.095 1.517   4.358   1.00 16.25 ? 31  PHE A CB  1 
ATOM   167  C  CG  . PHE A 1 32  ? -10.679 0.058   4.007   1.00 17.09 ? 31  PHE A CG  1 
ATOM   168  C  CD1 . PHE A 1 32  ? -11.299 -1.011  4.662   1.00 19.14 ? 31  PHE A CD1 1 
ATOM   169  C  CD2 . PHE A 1 32  ? -9.749  -0.203  3.013   1.00 18.79 ? 31  PHE A CD2 1 
ATOM   170  C  CE1 . PHE A 1 32  ? -10.975 -2.374  4.312   1.00 19.18 ? 31  PHE A CE1 1 
ATOM   171  C  CE2 . PHE A 1 32  ? -9.423  -1.584  2.663   1.00 19.44 ? 31  PHE A CE2 1 
ATOM   172  C  CZ  . PHE A 1 32  ? -10.040 -2.621  3.327   1.00 19.68 ? 31  PHE A CZ  1 
ATOM   173  N  N   . LYS A 1 33  ? -8.164  1.177   5.649   1.00 14.06 ? 32  LYS A N   1 
ATOM   174  C  CA  . LYS A 1 33  ? -6.768  1.285   5.339   1.00 14.19 ? 32  LYS A CA  1 
ATOM   175  C  C   . LYS A 1 33  ? -6.177  -0.021  4.802   1.00 14.81 ? 32  LYS A C   1 
ATOM   176  O  O   . LYS A 1 33  ? -6.759  -1.111  5.046   1.00 15.01 ? 32  LYS A O   1 
ATOM   177  C  CB  . LYS A 1 33  ? -5.953  1.650   6.582   1.00 15.03 ? 32  LYS A CB  1 
ATOM   178  C  CG  . LYS A 1 33  ? -6.060  0.654   7.788   1.00 16.77 ? 32  LYS A CG  1 
ATOM   179  C  CD  . LYS A 1 33  ? -5.186  1.111   8.994   1.00 18.74 ? 32  LYS A CD  1 
ATOM   180  C  CE  . LYS A 1 33  ? -5.528  0.150   10.199  1.00 20.90 ? 32  LYS A CE  1 
ATOM   181  N  NZ  . LYS A 1 33  ? -4.647  0.184   11.463  1.00 20.08 ? 32  LYS A NZ  1 
ATOM   182  N  N   . ILE A 1 34  ? -5.100  0.089   4.008   1.00 14.70 ? 33  ILE A N   1 
ATOM   183  C  CA  . ILE A 1 34  ? -4.366  -1.111  3.625   1.00 16.14 ? 33  ILE A CA  1 
ATOM   184  C  C   . ILE A 1 34  ? -2.929  -0.901  4.062   1.00 16.60 ? 33  ILE A C   1 
ATOM   185  O  O   . ILE A 1 34  ? -2.453  0.220   4.256   1.00 16.46 ? 33  ILE A O   1 
ATOM   186  C  CB  . ILE A 1 34  ? -4.459  -1.443  2.156   1.00 17.80 ? 33  ILE A CB  1 
ATOM   187  C  CG1 . ILE A 1 34  ? -3.996  -0.299  1.335   1.00 18.57 ? 33  ILE A CG1 1 
ATOM   188  C  CG2 . ILE A 1 34  ? -5.937  -1.855  1.848   1.00 18.45 ? 33  ILE A CG2 1 
ATOM   189  C  CD1 . ILE A 1 34  ? -4.154  -0.609  -0.217  1.00 21.18 ? 33  ILE A CD1 1 
ATOM   190  N  N   . GLU A 1 35  ? -2.252  -2.010  4.272   1.00 17.24 ? 34  GLU A N   1 
ATOM   191  C  CA  . GLU A 1 35  ? -0.942  -1.941  4.887   1.00 17.30 ? 34  GLU A CA  1 
ATOM   192  C  C   . GLU A 1 35  ? 0.120   -2.625  4.082   1.00 18.26 ? 34  GLU A C   1 
ATOM   193  O  O   . GLU A 1 35  ? -0.117  -3.699  3.539   1.00 17.39 ? 34  GLU A O   1 
ATOM   194  C  CB  . GLU A 1 35  ? -1.032  -2.694  6.209   1.00 19.50 ? 34  GLU A CB  1 
ATOM   195  C  CG  . GLU A 1 35  ? -2.026  -2.074  7.199   1.00 22.68 ? 34  GLU A CG  1 
ATOM   196  C  CD  . GLU A 1 35  ? -1.999  -2.755  8.542   1.00 25.62 ? 34  GLU A CD  1 
ATOM   197  O  OE1 . GLU A 1 35  ? -1.386  -3.864  8.727   1.00 26.66 ? 34  GLU A OE1 1 
ATOM   198  O  OE2 . GLU A 1 35  ? -2.591  -2.158  9.440   1.00 27.31 ? 34  GLU A OE2 1 
ATOM   199  N  N   . CYS A 1 36  ? 1.325   -2.079  4.187   1.00 17.21 ? 35  CYS A N   1 
ATOM   200  C  CA  . CYS A 1 36  ? 2.488   -2.675  3.495   1.00 18.79 ? 35  CYS A CA  1 
ATOM   201  C  C   . CYS A 1 36  ? 3.589   -2.869  4.527   1.00 18.79 ? 35  CYS A C   1 
ATOM   202  O  O   . CYS A 1 36  ? 4.279   -1.912  4.851   1.00 18.73 ? 35  CYS A O   1 
ATOM   203  C  CB  . CYS A 1 36  ? 2.886   -1.706  2.392   1.00 19.81 ? 35  CYS A CB  1 
ATOM   204  S  SG  . CYS A 1 36  ? 4.505   -1.871  1.575   1.00 24.55 ? 35  CYS A SG  1 
ATOM   205  N  N   . PRO A 1 37  ? 3.719   -4.060  5.112   1.00 19.59 ? 36  PRO A N   1 
ATOM   206  C  CA  . PRO A 1 37  ? 4.792   -4.290  6.115   1.00 19.73 ? 36  PRO A CA  1 
ATOM   207  C  C   . PRO A 1 37  ? 6.159   -4.098  5.392   1.00 20.10 ? 36  PRO A C   1 
ATOM   208  O  O   . PRO A 1 37  ? 6.331   -4.541  4.249   1.00 20.06 ? 36  PRO A O   1 
ATOM   209  C  CB  . PRO A 1 37  ? 4.583   -5.740  6.506   1.00 21.67 ? 36  PRO A CB  1 
ATOM   210  C  CG  . PRO A 1 37  ? 3.181   -5.975  6.332   1.00 21.72 ? 36  PRO A CG  1 
ATOM   211  C  CD  . PRO A 1 37  ? 2.882   -5.281  4.989   1.00 20.88 ? 36  PRO A CD  1 
ATOM   212  N  N   . VAL A 1 38  ? 7.119   -3.448  6.023   1.00 20.13 ? 37  VAL A N   1 
ATOM   213  C  CA  . VAL A 1 38  ? 8.415   -3.195  5.391   1.00 20.92 ? 37  VAL A CA  1 
ATOM   214  C  C   . VAL A 1 38  ? 9.555   -3.655  6.268   1.00 22.57 ? 37  VAL A C   1 
ATOM   215  O  O   . VAL A 1 38  ? 9.684   -3.170  7.435   1.00 23.00 ? 37  VAL A O   1 
ATOM   216  C  CB  . VAL A 1 38  ? 8.631   -1.668  5.117   1.00 21.28 ? 37  VAL A CB  1 
ATOM   217  C  CG1 . VAL A 1 38  ? 9.918   -1.416  4.328   1.00 20.87 ? 37  VAL A CG1 1 
ATOM   218  C  CG2 . VAL A 1 38  ? 7.382   -1.097  4.307   1.00 20.88 ? 37  VAL A CG2 1 
ATOM   219  N  N   . LYS A 1 39  ? 10.349  -4.587  5.751   1.00 23.11 ? 38  LYS A N   1 
ATOM   220  C  CA  . LYS A 1 39  ? 11.538  -5.048  6.487   1.00 24.60 ? 38  LYS A CA  1 
ATOM   221  C  C   . LYS A 1 39  ? 12.746  -4.253  5.921   1.00 23.41 ? 38  LYS A C   1 
ATOM   222  O  O   . LYS A 1 39  ? 12.965  -4.207  4.733   1.00 22.34 ? 38  LYS A O   1 
ATOM   223  C  CB  . LYS A 1 39  ? 11.794  -6.547  6.249   1.00 26.80 ? 38  LYS A CB  1 
ATOM   224  C  CG  . LYS A 1 39  ? 13.044  -7.068  7.011   1.00 31.53 ? 38  LYS A CG  1 
ATOM   225  C  CD  . LYS A 1 39  ? 13.322  -8.549  6.613   1.00 34.51 ? 38  LYS A CD  1 
ATOM   226  C  CE  . LYS A 1 39  ? 14.391  -9.199  7.494   1.00 36.66 ? 38  LYS A CE  1 
ATOM   227  N  NZ  . LYS A 1 39  ? 15.683  -8.412  7.563   1.00 38.55 ? 38  LYS A NZ  1 
ATOM   228  N  N   . TYR A 1 40  ? 13.516  -3.574  6.754   1.00 23.76 ? 39  TYR A N   1 
ATOM   229  C  CA  . TYR A 1 40  ? 14.662  -2.857  6.200   1.00 24.76 ? 39  TYR A CA  1 
ATOM   230  C  C   . TYR A 1 40  ? 15.784  -3.009  7.212   1.00 26.27 ? 39  TYR A C   1 
ATOM   231  O  O   . TYR A 1 40  ? 15.515  -3.483  8.330   1.00 26.06 ? 39  TYR A O   1 
ATOM   232  C  CB  . TYR A 1 40  ? 14.338  -1.397  5.867   1.00 24.47 ? 39  TYR A CB  1 
ATOM   233  C  CG  . TYR A 1 40  ? 13.908  -0.562  7.019   1.00 23.78 ? 39  TYR A CG  1 
ATOM   234  C  CD1 . TYR A 1 40  ? 14.838  0.157   7.785   1.00 24.40 ? 39  TYR A CD1 1 
ATOM   235  C  CD2 . TYR A 1 40  ? 12.565  -0.433  7.320   1.00 24.72 ? 39  TYR A CD2 1 
ATOM   236  C  CE1 . TYR A 1 40  ? 14.401  1.002   8.848   1.00 24.14 ? 39  TYR A CE1 1 
ATOM   237  C  CE2 . TYR A 1 40  ? 12.125  0.383   8.328   1.00 23.66 ? 39  TYR A CE2 1 
ATOM   238  C  CZ  . TYR A 1 40  ? 13.046  1.104   9.090   1.00 24.17 ? 39  TYR A CZ  1 
ATOM   239  O  OH  . TYR A 1 40  ? 12.524  1.935   10.055  1.00 24.38 ? 39  TYR A OH  1 
ATOM   240  N  N   . CYS A 1 41  ? 16.991  -2.663  6.794   1.00 27.28 ? 40  CYS A N   1 
ATOM   241  C  CA  . CYS A 1 41  ? 18.175  -2.900  7.586   1.00 30.68 ? 40  CYS A CA  1 
ATOM   242  C  C   . CYS A 1 41  ? 18.719  -1.731  8.358   1.00 28.79 ? 40  CYS A C   1 
ATOM   243  O  O   . CYS A 1 41  ? 18.981  -1.878  9.537   1.00 30.34 ? 40  CYS A O   1 
ATOM   244  C  CB  . CYS A 1 41  ? 19.250  -3.533  6.694   1.00 34.30 ? 40  CYS A CB  1 
ATOM   245  S  SG  . CYS A 1 41  ? 18.462  -4.967  5.821   1.00 41.52 ? 40  CYS A SG  1 
ATOM   246  N  N   . VAL A 1 42  ? 18.868  -0.594  7.713   1.00 27.57 ? 41  VAL A N   1 
ATOM   247  C  CA  . VAL A 1 42  ? 19.391  0.540   8.441   1.00 25.04 ? 41  VAL A CA  1 
ATOM   248  C  C   . VAL A 1 42  ? 18.386  1.666   8.309   1.00 24.84 ? 41  VAL A C   1 
ATOM   249  O  O   . VAL A 1 42  ? 17.636  1.913   9.244   1.00 23.63 ? 41  VAL A O   1 
ATOM   250  C  CB  . VAL A 1 42  ? 20.791  0.859   7.891   1.00 24.42 ? 41  VAL A CB  1 
ATOM   251  C  CG1 . VAL A 1 42  ? 21.342  2.122   8.555   1.00 23.41 ? 41  VAL A CG1 1 
ATOM   252  C  CG2 . VAL A 1 42  ? 21.682  -0.328  8.221   1.00 23.67 ? 41  VAL A CG2 1 
ATOM   253  N  N   . HIS A 1 43  ? 18.325  2.307   7.153   1.00 23.90 ? 42  HIS A N   1 
ATOM   254  C  CA  . HIS A 1 43  ? 17.400  3.408   6.978   1.00 24.30 ? 42  HIS A CA  1 
ATOM   255  C  C   . HIS A 1 43  ? 16.110  3.006   6.289   1.00 23.42 ? 42  HIS A C   1 
ATOM   256  O  O   . HIS A 1 43  ? 16.122  2.118   5.465   1.00 23.13 ? 42  HIS A O   1 
ATOM   257  C  CB  . HIS A 1 43  ? 18.094  4.485   6.184   1.00 25.25 ? 42  HIS A CB  1 
ATOM   258  C  CG  . HIS A 1 43  ? 19.247  5.072   6.928   1.00 28.05 ? 42  HIS A CG  1 
ATOM   259  N  ND1 . HIS A 1 43  ? 20.531  5.114   6.412   1.00 28.51 ? 42  HIS A ND1 1 
ATOM   260  C  CD2 . HIS A 1 43  ? 19.310  5.599   8.176   1.00 28.71 ? 42  HIS A CD2 1 
ATOM   261  C  CE1 . HIS A 1 43  ? 21.328  5.665   7.317   1.00 28.37 ? 42  HIS A CE1 1 
ATOM   262  N  NE2 . HIS A 1 43  ? 20.616  5.967   8.389   1.00 28.54 ? 42  HIS A NE2 1 
ATOM   263  N  N   . ARG A 1 44  ? 15.033  3.678   6.664   1.00 23.20 ? 43  ARG A N   1 
ATOM   264  C  CA  . ARG A 1 44  ? 13.700  3.380   6.137   1.00 23.20 ? 43  ARG A CA  1 
ATOM   265  C  C   . ARG A 1 44  ? 13.613  3.833   4.706   1.00 22.85 ? 43  ARG A C   1 
ATOM   266  O  O   . ARG A 1 44  ? 13.966  4.982   4.321   1.00 22.08 ? 43  ARG A O   1 
ATOM   267  C  CB  . ARG A 1 44  ? 12.650  4.058   7.045   1.00 25.01 ? 43  ARG A CB  1 
ATOM   268  C  CG  . ARG A 1 44  ? 11.241  3.609   6.814   1.00 27.72 ? 43  ARG A CG  1 
ATOM   269  C  CD  . ARG A 1 44  ? 10.437  4.101   8.043   1.00 29.71 ? 43  ARG A CD  1 
ATOM   270  N  NE  . ARG A 1 44  ? 10.068  5.472   7.746   1.00 31.92 ? 43  ARG A NE  1 
ATOM   271  C  CZ  . ARG A 1 44  ? 9.371   6.254   8.572   1.00 33.47 ? 43  ARG A CZ  1 
ATOM   272  N  NH1 . ARG A 1 44  ? 8.958   5.762   9.748   1.00 33.73 ? 43  ARG A NH1 1 
ATOM   273  N  NH2 . ARG A 1 44  ? 9.138   7.526   8.225   1.00 34.63 ? 43  ARG A NH2 1 
ATOM   274  N  N   . PRO A 1 45  ? 13.174  2.944   3.838   1.00 22.47 ? 44  PRO A N   1 
ATOM   275  C  CA  . PRO A 1 45  ? 13.070  3.343   2.417   1.00 22.52 ? 44  PRO A CA  1 
ATOM   276  C  C   . PRO A 1 45  ? 11.886  4.323   2.155   1.00 21.99 ? 44  PRO A C   1 
ATOM   277  O  O   . PRO A 1 45  ? 11.029  4.401   2.977   1.00 20.17 ? 44  PRO A O   1 
ATOM   278  C  CB  . PRO A 1 45  ? 12.832  2.000   1.688   1.00 22.77 ? 44  PRO A CB  1 
ATOM   279  C  CG  . PRO A 1 45  ? 12.279  1.141   2.722   1.00 22.89 ? 44  PRO A CG  1 
ATOM   280  C  CD  . PRO A 1 45  ? 13.009  1.493   4.009   1.00 23.26 ? 44  PRO A CD  1 
ATOM   281  N  N   . ASN A 1 46  ? 11.888  5.064   1.037   1.00 22.99 ? 45  ASN A N   1 
ATOM   282  C  CA  . ASN A 1 46  ? 10.771  5.976   0.707   1.00 24.08 ? 45  ASN A CA  1 
ATOM   283  C  C   . ASN A 1 46  ? 9.901   4.995   -0.096  1.00 22.87 ? 45  ASN A C   1 
ATOM   284  O  O   . ASN A 1 46  ? 10.257  4.578   -1.186  1.00 22.52 ? 45  ASN A O   1 
ATOM   285  C  CB  . ASN A 1 46  ? 11.216  7.098   -0.242  1.00 27.46 ? 45  ASN A CB  1 
ATOM   286  C  CG  . ASN A 1 46  ? 10.070  8.057   -0.619  1.00 29.24 ? 45  ASN A CG  1 
ATOM   287  O  OD1 . ASN A 1 46  ? 8.909   7.927   -0.160  1.00 32.44 ? 45  ASN A OD1 1 
ATOM   288  N  ND2 . ASN A 1 46  ? 10.400  9.067   -1.421  1.00 32.52 ? 45  ASN A ND2 1 
ATOM   289  N  N   . VAL A 1 47  ? 8.761   4.656   0.452   1.00 20.46 ? 46  VAL A N   1 
ATOM   290  C  CA  . VAL A 1 47  ? 7.904   3.701   -0.217  1.00 19.91 ? 46  VAL A CA  1 
ATOM   291  C  C   . VAL A 1 47  ? 6.712   4.416   -0.819  1.00 18.78 ? 46  VAL A C   1 
ATOM   292  O  O   . VAL A 1 47  ? 6.243   5.376   -0.203  1.00 19.45 ? 46  VAL A O   1 
ATOM   293  C  CB  . VAL A 1 47  ? 7.364   2.739   0.806   1.00 19.65 ? 46  VAL A CB  1 
ATOM   294  C  CG1 . VAL A 1 47  ? 6.411   1.681   0.117   1.00 19.63 ? 46  VAL A CG1 1 
ATOM   295  C  CG2 . VAL A 1 47  ? 8.568   1.995   1.486   1.00 19.47 ? 46  VAL A CG2 1 
ATOM   296  N  N   . THR A 1 48  ? 6.242   3.958   -1.965  1.00 19.52 ? 47  THR A N   1 
ATOM   297  C  CA  . THR A 1 48  ? 5.078   4.612   -2.566  1.00 20.32 ? 47  THR A CA  1 
ATOM   298  C  C   . THR A 1 48  ? 3.995   3.604   -2.918  1.00 19.27 ? 47  THR A C   1 
ATOM   299  O  O   . THR A 1 48  ? 4.280   2.449   -3.055  1.00 19.70 ? 47  THR A O   1 
ATOM   300  C  CB  . THR A 1 48  ? 5.469   5.435   -3.802  1.00 22.36 ? 47  THR A CB  1 
ATOM   301  O  OG1 . THR A 1 48  ? 5.988   4.599   -4.793  1.00 26.11 ? 47  THR A OG1 1 
ATOM   302  C  CG2 . THR A 1 48  ? 6.648   6.381   -3.476  1.00 24.47 ? 47  THR A CG2 1 
ATOM   303  N  N   . TRP A 1 49  ? 2.756   4.048   -3.060  1.00 16.10 ? 48  TRP A N   1 
ATOM   304  C  CA  . TRP A 1 49  ? 1.689   3.099   -3.383  1.00 16.35 ? 48  TRP A CA  1 
ATOM   305  C  C   . TRP A 1 49  ? 1.423   3.222   -4.871  1.00 16.71 ? 48  TRP A C   1 
ATOM   306  O  O   . TRP A 1 49  ? 1.548   4.325   -5.457  1.00 16.55 ? 48  TRP A O   1 
ATOM   307  C  CB  . TRP A 1 49  ? 0.404   3.474   -2.632  1.00 15.89 ? 48  TRP A CB  1 
ATOM   308  C  CG  . TRP A 1 49  ? 0.476   3.048   -1.181  1.00 15.44 ? 48  TRP A CG  1 
ATOM   309  C  CD1 . TRP A 1 49  ? 0.879   3.803   -0.075  1.00 17.03 ? 48  TRP A CD1 1 
ATOM   310  C  CD2 . TRP A 1 49  ? 0.194   1.756   -0.698  1.00 16.15 ? 48  TRP A CD2 1 
ATOM   311  N  NE1 . TRP A 1 49  ? 0.824   3.024   1.069   1.00 16.56 ? 48  TRP A NE1 1 
ATOM   312  C  CE2 . TRP A 1 49  ? 0.407   1.763   0.718   1.00 16.46 ? 48  TRP A CE2 1 
ATOM   313  C  CE3 . TRP A 1 49  ? -0.224  0.565   -1.326  1.00 15.31 ? 48  TRP A CE3 1 
ATOM   314  C  CZ2 . TRP A 1 49  ? 0.192   0.632   1.506   1.00 17.22 ? 48  TRP A CZ2 1 
ATOM   315  C  CZ3 . TRP A 1 49  ? -0.437  -0.556  -0.555  1.00 16.82 ? 48  TRP A CZ3 1 
ATOM   316  C  CH2 . TRP A 1 49  ? -0.237  -0.515  0.886   1.00 16.27 ? 48  TRP A CH2 1 
ATOM   317  N  N   . CYS A 1 50  ? 0.984   2.112   -5.442  1.00 16.84 ? 49  CYS A N   1 
ATOM   318  C  CA  . CYS A 1 50  ? 0.643   2.045   -6.849  1.00 16.99 ? 49  CYS A CA  1 
ATOM   319  C  C   . CYS A 1 50  ? -0.734  1.398   -6.960  1.00 15.56 ? 49  CYS A C   1 
ATOM   320  O  O   . CYS A 1 50  ? -1.121  0.621   -6.095  1.00 14.30 ? 49  CYS A O   1 
ATOM   321  C  CB  . CYS A 1 50  ? 1.579   1.128   -7.645  1.00 18.50 ? 49  CYS A CB  1 
ATOM   322  S  SG  . CYS A 1 50  ? 3.328   1.558   -7.548  1.00 29.44 ? 49  CYS A SG  1 
ATOM   323  N  N   . LYS A 1 51  ? -1.463  1.711   -8.036  1.00 14.60 ? 50  LYS A N   1 
ATOM   324  C  CA  . LYS A 1 51  ? -2.765  1.097   -8.225  1.00 15.58 ? 50  LYS A CA  1 
ATOM   325  C  C   . LYS A 1 51  ? -2.797  0.650   -9.696  1.00 16.30 ? 50  LYS A C   1 
ATOM   326  O  O   . LYS A 1 51  ? -2.357  1.399   -10.568 1.00 17.29 ? 50  LYS A O   1 
ATOM   327  C  CB  . LYS A 1 51  ? -3.895  2.082   -7.981  1.00 17.01 ? 50  LYS A CB  1 
ATOM   328  C  CG  . LYS A 1 51  ? -5.294  1.442   -8.183  1.00 19.67 ? 50  LYS A CG  1 
ATOM   329  C  CD  . LYS A 1 51  ? -6.452  2.445   -7.834  1.00 21.28 ? 50  LYS A CD  1 
ATOM   330  C  CE  . LYS A 1 51  ? -7.823  1.808   -8.040  1.00 22.75 ? 50  LYS A CE  1 
ATOM   331  N  NZ  . LYS A 1 51  ? -8.926  2.795   -7.792  1.00 25.22 ? 50  LYS A NZ  1 
ATOM   332  N  N   . HIS A 1 52  ? -3.308  -0.525  -9.962  1.00 16.46 ? 51  HIS A N   1 
ATOM   333  C  CA  . HIS A 1 52  ? -3.343  -1.031  -11.349 1.00 18.17 ? 51  HIS A CA  1 
ATOM   334  C  C   . HIS A 1 52  ? -4.464  -0.358  -12.113 1.00 19.99 ? 51  HIS A C   1 
ATOM   335  O  O   . HIS A 1 52  ? -5.595  -0.323  -11.580 1.00 17.99 ? 51  HIS A O   1 
ATOM   336  C  CB  . HIS A 1 52  ? -3.595  -2.510  -11.324 1.00 19.66 ? 51  HIS A CB  1 
ATOM   337  C  CG  . HIS A 1 52  ? -3.177  -3.224  -12.578 1.00 21.75 ? 51  HIS A CG  1 
ATOM   338  N  ND1 . HIS A 1 52  ? -4.085  -3.633  -13.550 1.00 23.21 ? 51  HIS A ND1 1 
ATOM   339  C  CD2 . HIS A 1 52  ? -1.945  -3.590  -13.024 1.00 22.80 ? 51  HIS A CD2 1 
ATOM   340  C  CE1 . HIS A 1 52  ? -3.420  -4.212  -14.543 1.00 24.21 ? 51  HIS A CE1 1 
ATOM   341  N  NE2 . HIS A 1 52  ? -2.119  -4.197  -14.257 1.00 23.28 ? 51  HIS A NE2 1 
ATOM   342  N  N   . ASN A 1 53  ? -4.181  0.162   -13.315 1.00 20.52 ? 52  ASN A N   1 
ATOM   343  C  CA  . ASN A 1 53  ? -5.243  0.879   -14.026 1.00 23.22 ? 52  ASN A CA  1 
ATOM   344  C  C   . ASN A 1 53  ? -5.942  0.044   -15.057 1.00 24.55 ? 52  ASN A C   1 
ATOM   345  O  O   . ASN A 1 53  ? -6.597  0.597   -15.962 1.00 26.53 ? 52  ASN A O   1 
ATOM   346  C  CB  . ASN A 1 53  ? -4.698  2.137   -14.700 1.00 23.85 ? 52  ASN A CB  1 
ATOM   347  C  CG  . ASN A 1 53  ? -3.749  1.821   -15.831 1.00 25.04 ? 52  ASN A CG  1 
ATOM   348  O  OD1 . ASN A 1 53  ? -3.543  0.640   -16.172 1.00 24.73 ? 52  ASN A OD1 1 
ATOM   349  N  ND2 . ASN A 1 53  ? -3.147  2.856   -16.410 1.00 25.93 ? 52  ASN A ND2 1 
ATOM   350  N  N   . GLY A 1 54  ? -5.784  -1.259  -14.976 1.00 25.08 ? 53  GLY A N   1 
ATOM   351  C  CA  . GLY A 1 54  ? -6.429  -2.086  -15.980 1.00 25.74 ? 53  GLY A CA  1 
ATOM   352  C  C   . GLY A 1 54  ? -5.429  -2.696  -16.934 1.00 26.11 ? 53  GLY A C   1 
ATOM   353  O  O   . GLY A 1 54  ? -5.645  -3.835  -17.443 1.00 26.49 ? 53  GLY A O   1 
ATOM   354  N  N   . THR A 1 55  ? -4.341  -1.971  -17.216 1.00 25.50 ? 54  THR A N   1 
ATOM   355  C  CA  . THR A 1 55  ? -3.287  -2.551  -18.066 1.00 25.78 ? 54  THR A CA  1 
ATOM   356  C  C   . THR A 1 55  ? -1.917  -2.511  -17.379 1.00 25.17 ? 54  THR A C   1 
ATOM   357  O  O   . THR A 1 55  ? -1.143  -3.495  -17.476 1.00 26.31 ? 54  THR A O   1 
ATOM   358  C  CB  . THR A 1 55  ? -3.222  -1.859  -19.409 1.00 25.60 ? 54  THR A CB  1 
ATOM   359  O  OG1 . THR A 1 55  ? -3.128  -0.445  -19.180 1.00 26.16 ? 54  THR A OG1 1 
ATOM   360  C  CG2 . THR A 1 55  ? -4.535  -2.213  -20.238 1.00 26.54 ? 54  THR A CG2 1 
ATOM   361  N  N   . ILE A 1 56  ? -1.642  -1.445  -16.625 1.00 23.71 ? 55  ILE A N   1 
ATOM   362  C  CA  . ILE A 1 56  ? -0.360  -1.341  -15.941 1.00 22.96 ? 55  ILE A CA  1 
ATOM   363  C  C   . ILE A 1 56  ? -0.465  -0.790  -14.509 1.00 22.12 ? 55  ILE A C   1 
ATOM   364  O  O   . ILE A 1 56  ? -1.527  -0.298  -14.096 1.00 21.86 ? 55  ILE A O   1 
ATOM   365  C  CB  . ILE A 1 56  ? 0.576   -0.386  -16.641 1.00 23.99 ? 55  ILE A CB  1 
ATOM   366  C  CG1 . ILE A 1 56  ? -0.130  0.964   -16.786 1.00 24.74 ? 55  ILE A CG1 1 
ATOM   367  C  CG2 . ILE A 1 56  ? 1.027   -1.004  -18.047 1.00 24.66 ? 55  ILE A CG2 1 
ATOM   368  C  CD1 . ILE A 1 56  ? 0.732   2.024   -17.425 1.00 26.91 ? 55  ILE A CD1 1 
ATOM   369  N  N   . TRP A 1 57  ? 0.651   -0.849  -13.794 1.00 19.88 ? 56  TRP A N   1 
ATOM   370  C  CA  . TRP A 1 57  ? 0.668   -0.327  -12.439 1.00 19.98 ? 56  TRP A CA  1 
ATOM   371  C  C   . TRP A 1 57  ? 1.073   1.138   -12.529 1.00 19.89 ? 56  TRP A C   1 
ATOM   372  O  O   . TRP A 1 57  ? 2.053   1.470   -13.242 1.00 20.89 ? 56  TRP A O   1 
ATOM   373  C  CB  . TRP A 1 57  ? 1.694   -1.109  -11.589 1.00 19.77 ? 56  TRP A CB  1 
ATOM   374  C  CG  . TRP A 1 57  ? 1.215   -2.455  -11.186 1.00 21.58 ? 56  TRP A CG  1 
ATOM   375  C  CD1 . TRP A 1 57  ? 1.526   -3.684  -11.780 1.00 21.18 ? 56  TRP A CD1 1 
ATOM   376  C  CD2 . TRP A 1 57  ? 0.324   -2.733  -10.114 1.00 21.07 ? 56  TRP A CD2 1 
ATOM   377  N  NE1 . TRP A 1 57  ? 0.856   -4.707  -11.098 1.00 23.12 ? 56  TRP A NE1 1 
ATOM   378  C  CE2 . TRP A 1 57  ? 0.121   -4.139  -10.079 1.00 22.16 ? 56  TRP A CE2 1 
ATOM   379  C  CE3 . TRP A 1 57  ? -0.339  -1.925  -9.164  1.00 20.75 ? 56  TRP A CE3 1 
ATOM   380  C  CZ2 . TRP A 1 57  ? -0.708  -4.760  -9.113  1.00 22.05 ? 56  TRP A CZ2 1 
ATOM   381  C  CZ3 . TRP A 1 57  ? -1.160  -2.566  -8.206  1.00 20.71 ? 56  TRP A CZ3 1 
ATOM   382  C  CH2 . TRP A 1 57  ? -1.323  -3.954  -8.192  1.00 19.69 ? 56  TRP A CH2 1 
ATOM   383  N  N   . VAL A 1 58  ? 0.328   2.038   -11.881 1.00 19.62 ? 57  VAL A N   1 
ATOM   384  C  CA  . VAL A 1 58  ? 0.716   3.456   -11.917 1.00 20.68 ? 57  VAL A CA  1 
ATOM   385  C  C   . VAL A 1 58  ? 0.745   4.006   -10.512 1.00 19.95 ? 57  VAL A C   1 
ATOM   386  O  O   . VAL A 1 58  ? 0.049   3.517   -9.621  1.00 20.06 ? 57  VAL A O   1 
ATOM   387  C  CB  . VAL A 1 58  ? -0.250  4.395   -12.781 1.00 22.03 ? 57  VAL A CB  1 
ATOM   388  C  CG1 . VAL A 1 58  ? -0.412  3.843   -14.201 1.00 23.62 ? 57  VAL A CG1 1 
ATOM   389  C  CG2 . VAL A 1 58  ? -1.524  4.498   -12.190 1.00 23.54 ? 57  VAL A CG2 1 
ATOM   390  N  N   . PRO A 1 59  ? 1.528   5.047   -10.293 1.00 20.02 ? 58  PRO A N   1 
ATOM   391  C  CA  . PRO A 1 59  ? 1.642   5.665   -8.975  1.00 19.47 ? 58  PRO A CA  1 
ATOM   392  C  C   . PRO A 1 59  ? 0.280   6.188   -8.616  1.00 19.16 ? 58  PRO A C   1 
ATOM   393  O  O   . PRO A 1 59  ? -0.460  6.769   -9.472  1.00 17.61 ? 58  PRO A O   1 
ATOM   394  C  CB  . PRO A 1 59  ? 2.637   6.782   -9.183  1.00 20.66 ? 58  PRO A CB  1 
ATOM   395  C  CG  . PRO A 1 59  ? 3.443   6.316   -10.354 1.00 22.02 ? 58  PRO A CG  1 
ATOM   396  C  CD  . PRO A 1 59  ? 2.465   5.666   -11.260 1.00 21.63 ? 58  PRO A CD  1 
ATOM   397  N  N   . LEU A 1 60  ? -0.041  5.994   -7.344  1.00 17.83 ? 59  LEU A N   1 
ATOM   398  C  CA  . LEU A 1 60  ? -1.314  6.402   -6.792  1.00 18.63 ? 59  LEU A CA  1 
ATOM   399  C  C   . LEU A 1 60  ? -1.268  7.859   -6.386  1.00 19.36 ? 59  LEU A C   1 
ATOM   400  O  O   . LEU A 1 60  ? -0.359  8.289   -5.675  1.00 19.92 ? 59  LEU A O   1 
ATOM   401  C  CB  . LEU A 1 60  ? -1.652  5.533   -5.571  1.00 18.97 ? 59  LEU A CB  1 
ATOM   402  C  CG  . LEU A 1 60  ? -2.964  5.877   -4.887  1.00 19.29 ? 59  LEU A CG  1 
ATOM   403  C  CD1 . LEU A 1 60  ? -4.116  5.575   -5.888  1.00 18.36 ? 59  LEU A CD1 1 
ATOM   404  C  CD2 . LEU A 1 60  ? -3.190  5.019   -3.610  1.00 18.85 ? 59  LEU A CD2 1 
ATOM   405  N  N   . GLU A 1 61  ? -2.240  8.608   -6.840  1.00 18.74 ? 60  GLU A N   1 
ATOM   406  C  CA  . GLU A 1 61  ? -2.321  10.036  -6.469  1.00 18.87 ? 60  GLU A CA  1 
ATOM   407  C  C   . GLU A 1 61  ? -3.033  10.180  -5.104  1.00 17.89 ? 60  GLU A C   1 
ATOM   408  O  O   . GLU A 1 61  ? -4.117  9.600   -4.924  1.00 19.45 ? 60  GLU A O   1 
ATOM   409  C  CB  . GLU A 1 61  ? -3.115  10.770  -7.541  1.00 18.88 ? 60  GLU A CB  1 
ATOM   410  C  CG  . GLU A 1 61  ? -3.217  12.279  -7.309  1.00 20.16 ? 60  GLU A CG  1 
ATOM   411  C  CD  . GLU A 1 61  ? -4.030  12.904  -8.516  1.00 22.20 ? 60  GLU A CD  1 
ATOM   412  O  OE1 . GLU A 1 61  ? -5.104  12.313  -8.842  1.00 22.88 ? 60  GLU A OE1 1 
ATOM   413  O  OE2 . GLU A 1 61  ? -3.595  13.914  -9.094  1.00 21.82 ? 60  GLU A OE2 1 
ATOM   414  N  N   . VAL A 1 62  ? -2.424  10.915  -4.181  1.00 16.85 ? 61  VAL A N   1 
ATOM   415  C  CA  . VAL A 1 62  ? -3.031  11.112  -2.876  1.00 16.57 ? 61  VAL A CA  1 
ATOM   416  C  C   . VAL A 1 62  ? -3.698  12.474  -2.851  1.00 16.81 ? 61  VAL A C   1 
ATOM   417  O  O   . VAL A 1 62  ? -3.521  13.261  -3.803  1.00 14.66 ? 61  VAL A O   1 
ATOM   418  C  CB  . VAL A 1 62  ? -2.041  10.892  -1.776  1.00 17.55 ? 61  VAL A CB  1 
ATOM   419  C  CG1 . VAL A 1 62  ? -1.686  9.343   -1.758  1.00 19.98 ? 61  VAL A CG1 1 
ATOM   420  C  CG2 . VAL A 1 62  ? -0.747  11.732  -1.999  1.00 18.86 ? 61  VAL A CG2 1 
ATOM   421  N  N   . GLY A 1 63  ? -4.482  12.786  -1.809  1.00 15.84 ? 62  GLY A N   1 
ATOM   422  C  CA  . GLY A 1 63  ? -5.183  14.074  -1.816  1.00 16.37 ? 62  GLY A CA  1 
ATOM   423  C  C   . GLY A 1 63  ? -5.985  14.277  -0.563  1.00 18.03 ? 62  GLY A C   1 
ATOM   424  O  O   . GLY A 1 63  ? -5.619  13.680  0.438   1.00 17.11 ? 62  GLY A O   1 
ATOM   425  N  N   . PRO A 1 64  ? -7.062  15.082  -0.590  1.00 18.84 ? 63  PRO A N   1 
ATOM   426  C  CA  . PRO A 1 64  ? -7.821  15.292  0.670   1.00 19.92 ? 63  PRO A CA  1 
ATOM   427  C  C   . PRO A 1 64  ? -8.483  14.117  1.334   1.00 19.72 ? 63  PRO A C   1 
ATOM   428  O  O   . PRO A 1 64  ? -8.811  14.196  2.494   1.00 20.80 ? 63  PRO A O   1 
ATOM   429  C  CB  . PRO A 1 64  ? -8.825  16.409  0.300   1.00 19.37 ? 63  PRO A CB  1 
ATOM   430  C  CG  . PRO A 1 64  ? -9.264  16.014  -1.084  1.00 21.38 ? 63  PRO A CG  1 
ATOM   431  C  CD  . PRO A 1 64  ? -7.863  15.538  -1.768  1.00 19.61 ? 63  PRO A CD  1 
ATOM   432  N  N   . GLN A 1 65  ? -8.653  13.024  0.634   1.00 19.14 ? 64  GLN A N   1 
ATOM   433  C  CA  . GLN A 1 65  ? -9.307  11.854  1.218   1.00 19.17 ? 64  GLN A CA  1 
ATOM   434  C  C   . GLN A 1 65  ? -8.432  10.597  1.104   1.00 17.51 ? 64  GLN A C   1 
ATOM   435  O  O   . GLN A 1 65  ? -8.958  9.498   1.213   1.00 16.59 ? 64  GLN A O   1 
ATOM   436  C  CB  . GLN A 1 65  ? -10.615 11.670  0.454   1.00 18.61 ? 64  GLN A CB  1 
ATOM   437  C  CG  . GLN A 1 65  ? -11.530 12.890  0.640   1.00 22.14 ? 64  GLN A CG  1 
ATOM   438  C  CD  . GLN A 1 65  ? -12.900 12.636  0.018   1.00 23.34 ? 64  GLN A CD  1 
ATOM   439  O  OE1 . GLN A 1 65  ? -12.987 12.145  -1.100  1.00 25.67 ? 64  GLN A OE1 1 
ATOM   440  N  NE2 . GLN A 1 65  ? -13.963 12.972  0.741   1.00 25.60 ? 64  GLN A NE2 1 
ATOM   441  N  N   . LEU A 1 66  ? -7.132  10.757  0.878   1.00 16.81 ? 65  LEU A N   1 
ATOM   442  C  CA  . LEU A 1 66  ? -6.261  9.574   0.689   1.00 16.71 ? 65  LEU A CA  1 
ATOM   443  C  C   . LEU A 1 66  ? -4.885  10.042  1.145   1.00 17.16 ? 65  LEU A C   1 
ATOM   444  O  O   . LEU A 1 66  ? -4.318  11.011  0.534   1.00 17.64 ? 65  LEU A O   1 
ATOM   445  C  CB  . LEU A 1 66  ? -6.142  9.213   -0.781  1.00 17.52 ? 65  LEU A CB  1 
ATOM   446  C  CG  . LEU A 1 66  ? -5.535  7.857   -1.087  1.00 18.40 ? 65  LEU A CG  1 
ATOM   447  C  CD1 . LEU A 1 66  ? -6.284  6.786   -0.377  1.00 18.17 ? 65  LEU A CD1 1 
ATOM   448  C  CD2 . LEU A 1 66  ? -5.539  7.637   -2.678  1.00 19.24 ? 65  LEU A CD2 1 
ATOM   449  N  N   . TYR A 1 67  ? -4.317  9.378   2.152   1.00 16.96 ? 66  TYR A N   1 
ATOM   450  C  CA  . TYR A 1 67  ? -3.027  9.827   2.674   1.00 15.74 ? 66  TYR A CA  1 
ATOM   451  C  C   . TYR A 1 67  ? -2.280  8.641   3.220   1.00 16.37 ? 66  TYR A C   1 
ATOM   452  O  O   . TYR A 1 67  ? -2.849  7.563   3.362   1.00 14.72 ? 66  TYR A O   1 
ATOM   453  C  CB  . TYR A 1 67  ? -3.195  10.946  3.757   1.00 16.18 ? 66  TYR A CB  1 
ATOM   454  C  CG  . TYR A 1 67  ? -3.901  10.457  5.007   1.00 16.54 ? 66  TYR A CG  1 
ATOM   455  C  CD1 . TYR A 1 67  ? -3.153  9.977   6.089   1.00 15.26 ? 66  TYR A CD1 1 
ATOM   456  C  CD2 . TYR A 1 67  ? -5.283  10.515  5.133   1.00 17.60 ? 66  TYR A CD2 1 
ATOM   457  C  CE1 . TYR A 1 67  ? -3.755  9.573   7.259   1.00 17.40 ? 66  TYR A CE1 1 
ATOM   458  C  CE2 . TYR A 1 67  ? -5.932  10.111  6.349   1.00 17.87 ? 66  TYR A CE2 1 
ATOM   459  C  CZ  . TYR A 1 67  ? -5.172  9.646   7.387   1.00 18.79 ? 66  TYR A CZ  1 
ATOM   460  O  OH  . TYR A 1 67  ? -5.822  9.186   8.547   1.00 18.98 ? 66  TYR A OH  1 
ATOM   461  N  N   . THR A 1 68  ? -1.000  8.846   3.571   1.00 15.75 ? 67  THR A N   1 
ATOM   462  C  CA  . THR A 1 68  ? -0.197  7.731   4.037   1.00 16.65 ? 67  THR A CA  1 
ATOM   463  C  C   . THR A 1 68  ? 0.392   8.001   5.400   1.00 18.29 ? 67  THR A C   1 
ATOM   464  O  O   . THR A 1 68  ? 0.416   9.176   5.903   1.00 17.99 ? 67  THR A O   1 
ATOM   465  C  CB  . THR A 1 68  ? 0.973   7.419   3.066   1.00 15.44 ? 67  THR A CB  1 
ATOM   466  O  OG1 . THR A 1 68  ? 1.885   8.527   3.031   1.00 16.22 ? 67  THR A OG1 1 
ATOM   467  C  CG2 . THR A 1 68  ? 0.477   7.196   1.588   1.00 13.52 ? 67  THR A CG2 1 
ATOM   468  N  N   . SER A 1 69  ? 0.826   6.936   6.050   1.00 18.16 ? 68  SER A N   1 
ATOM   469  C  CA  . SER A 1 69  ? 1.489   7.102   7.361   1.00 19.15 ? 68  SER A CA  1 
ATOM   470  C  C   . SER A 1 69  ? 2.359   5.863   7.592   1.00 20.64 ? 68  SER A C   1 
ATOM   471  O  O   . SER A 1 69  ? 2.244   4.808   6.908   1.00 18.94 ? 68  SER A O   1 
ATOM   472  C  CB  . SER A 1 69  ? 0.483   7.198   8.526   1.00 18.70 ? 68  SER A CB  1 
ATOM   473  O  OG  . SER A 1 69  ? -0.086  5.957   8.905   1.00 19.56 ? 68  SER A OG  1 
ATOM   474  N  N   . TRP A 1 70  ? 3.213   5.976   8.605   1.00 20.88 ? 69  TRP A N   1 
ATOM   475  C  CA  . TRP A 1 70  ? 4.031   4.847   9.004   1.00 23.60 ? 69  TRP A CA  1 
ATOM   476  C  C   . TRP A 1 70  ? 3.575   4.441   10.410  1.00 26.63 ? 69  TRP A C   1 
ATOM   477  O  O   . TRP A 1 70  ? 3.310   5.291   11.254  1.00 26.61 ? 69  TRP A O   1 
ATOM   478  C  CB  . TRP A 1 70  ? 5.533   5.193   8.988   1.00 22.67 ? 69  TRP A CB  1 
ATOM   479  C  CG  . TRP A 1 70  ? 6.123   5.138   7.680   1.00 21.75 ? 69  TRP A CG  1 
ATOM   480  C  CD1 . TRP A 1 70  ? 6.256   6.160   6.810   1.00 22.18 ? 69  TRP A CD1 1 
ATOM   481  C  CD2 . TRP A 1 70  ? 6.769   4.007   7.094   1.00 21.64 ? 69  TRP A CD2 1 
ATOM   482  N  NE1 . TRP A 1 70  ? 6.981   5.750   5.713   1.00 22.62 ? 69  TRP A NE1 1 
ATOM   483  C  CE2 . TRP A 1 70  ? 7.305   4.426   5.865   1.00 21.34 ? 69  TRP A CE2 1 
ATOM   484  C  CE3 . TRP A 1 70  ? 6.957   2.682   7.501   1.00 20.15 ? 69  TRP A CE3 1 
ATOM   485  C  CZ2 . TRP A 1 70  ? 8.032   3.570   5.024   1.00 22.86 ? 69  TRP A CZ2 1 
ATOM   486  C  CZ3 . TRP A 1 70  ? 7.685   1.803   6.643   1.00 20.40 ? 69  TRP A CZ3 1 
ATOM   487  C  CH2 . TRP A 1 70  ? 8.207   2.252   5.437   1.00 20.98 ? 69  TRP A CH2 1 
ATOM   488  N  N   . GLU A 1 71  ? 3.424   3.144   10.659  1.00 29.81 ? 70  GLU A N   1 
ATOM   489  C  CA  . GLU A 1 71  ? 3.062   2.687   11.986  1.00 34.25 ? 70  GLU A CA  1 
ATOM   490  C  C   . GLU A 1 71  ? 4.235   1.861   12.513  1.00 37.03 ? 70  GLU A C   1 
ATOM   491  O  O   . GLU A 1 71  ? 4.776   1.001   11.797  1.00 35.68 ? 70  GLU A O   1 
ATOM   492  C  CB  . GLU A 1 71  ? 1.815   1.812   11.954  1.00 35.38 ? 70  GLU A CB  1 
ATOM   493  C  CG  . GLU A 1 71  ? 0.597   2.468   11.391  1.00 38.91 ? 70  GLU A CG  1 
ATOM   494  C  CD  . GLU A 1 71  ? -0.656  1.575   11.540  1.00 41.00 ? 70  GLU A CD  1 
ATOM   495  O  OE1 . GLU A 1 71  ? -0.546  0.475   12.161  1.00 43.52 ? 70  GLU A OE1 1 
ATOM   496  O  OE2 . GLU A 1 71  ? -1.753  1.973   11.036  1.00 42.35 ? 70  GLU A OE2 1 
ATOM   497  N  N   . GLU A 1 72  ? 4.626   2.173   13.759  1.00 40.87 ? 71  GLU A N   1 
ATOM   498  C  CA  . GLU A 1 72  ? 5.712   1.496   14.477  1.00 45.03 ? 71  GLU A CA  1 
ATOM   499  C  C   . GLU A 1 72  ? 5.135   0.729   15.672  1.00 46.47 ? 71  GLU A C   1 
ATOM   500  O  O   . GLU A 1 72  ? 5.858   0.060   16.405  1.00 47.39 ? 71  GLU A O   1 
ATOM   501  C  CB  . GLU A 1 72  ? 6.779   2.511   14.945  1.00 46.51 ? 71  GLU A CB  1 
ATOM   502  C  CG  . GLU A 1 72  ? 7.563   3.139   13.754  1.00 49.07 ? 71  GLU A CG  1 
ATOM   503  C  CD  . GLU A 1 72  ? 7.022   4.505   13.289  1.00 50.24 ? 71  GLU A CD  1 
ATOM   504  O  OE1 . GLU A 1 72  ? 5.847   4.845   13.606  1.00 51.58 ? 71  GLU A OE1 1 
ATOM   505  O  OE2 . GLU A 1 72  ? 7.773   5.242   12.586  1.00 51.28 ? 71  GLU A OE2 1 
ATOM   506  N  N   . ASN A 1 73  ? 3.822   0.829   15.853  1.00 48.37 ? 72  ASN A N   1 
ATOM   507  C  CA  . ASN A 1 73  ? 3.108   0.107   16.932  1.00 49.90 ? 72  ASN A CA  1 
ATOM   508  C  C   . ASN A 1 73  ? 3.101   -1.399  16.613  1.00 50.21 ? 72  ASN A C   1 
ATOM   509  O  O   . ASN A 1 73  ? 2.148   -2.096  16.972  1.00 50.59 ? 72  ASN A O   1 
ATOM   510  C  CB  . ASN A 1 73  ? 1.642   0.561   17.011  1.00 50.57 ? 72  ASN A CB  1 
ATOM   511  C  CG  . ASN A 1 73  ? 0.870   0.214   15.742  1.00 51.55 ? 72  ASN A CG  1 
ATOM   512  O  OD1 . ASN A 1 73  ? 1.433   -0.396  14.812  1.00 52.50 ? 72  ASN A OD1 1 
ATOM   513  N  ND2 . ASN A 1 73  ? -0.410  0.584   15.690  1.00 51.93 ? 72  ASN A ND2 1 
ATOM   514  N  N   . ARG A 1 74  ? 4.132   -1.896  15.916  1.00 50.27 ? 73  ARG A N   1 
ATOM   515  C  CA  . ARG A 1 74  ? 4.173   -3.316  15.557  1.00 50.05 ? 73  ARG A CA  1 
ATOM   516  C  C   . ARG A 1 74  ? 5.567   -3.924  15.572  1.00 48.99 ? 73  ARG A C   1 
ATOM   517  O  O   . ARG A 1 74  ? 6.558   -3.252  15.841  1.00 49.21 ? 73  ARG A O   1 
ATOM   518  C  CB  . ARG A 1 74  ? 3.583   -3.540  14.168  1.00 51.45 ? 73  ARG A CB  1 
ATOM   519  C  CG  . ARG A 1 74  ? 2.283   -2.861  13.944  1.00 53.40 ? 73  ARG A CG  1 
ATOM   520  C  CD  . ARG A 1 74  ? 1.665   -3.319  12.663  1.00 55.22 ? 73  ARG A CD  1 
ATOM   521  N  NE  . ARG A 1 74  ? 0.295   -2.829  12.584  1.00 57.13 ? 73  ARG A NE  1 
ATOM   522  C  CZ  . ARG A 1 74  ? -0.332  -2.517  11.451  1.00 57.73 ? 73  ARG A CZ  1 
ATOM   523  N  NH1 . ARG A 1 74  ? 0.277   -2.643  10.282  1.00 58.35 ? 73  ARG A NH1 1 
ATOM   524  N  NH2 . ARG A 1 74  ? -1.577  -2.072  11.492  1.00 58.33 ? 73  ARG A NH2 1 
ATOM   525  N  N   . SER A 1 75  ? 5.626   -5.213  15.273  1.00 47.45 ? 74  SER A N   1 
ATOM   526  C  CA  . SER A 1 75  ? 6.894   -5.948  15.241  1.00 45.85 ? 74  SER A CA  1 
ATOM   527  C  C   . SER A 1 75  ? 7.721   -5.455  14.040  1.00 43.83 ? 74  SER A C   1 
ATOM   528  O  O   . SER A 1 75  ? 8.934   -5.183  14.150  1.00 44.08 ? 74  SER A O   1 
ATOM   529  C  CB  . SER A 1 75  ? 6.593   -7.445  15.113  1.00 46.44 ? 74  SER A CB  1 
ATOM   530  O  OG  . SER A 1 75  ? 5.485   -7.606  14.234  1.00 48.46 ? 74  SER A OG  1 
ATOM   531  N  N   . VAL A 1 76  ? 7.036   -5.324  12.910  1.00 40.63 ? 75  VAL A N   1 
ATOM   532  C  CA  . VAL A 1 76  ? 7.633   -4.831  11.680  1.00 37.59 ? 75  VAL A CA  1 
ATOM   533  C  C   . VAL A 1 76  ? 6.998   -3.460  11.340  1.00 34.93 ? 75  VAL A C   1 
ATOM   534  O  O   . VAL A 1 76  ? 5.794   -3.281  11.505  1.00 34.72 ? 75  VAL A O   1 
ATOM   535  C  CB  . VAL A 1 76  ? 7.348   -5.828  10.529  1.00 37.93 ? 75  VAL A CB  1 
ATOM   536  C  CG1 . VAL A 1 76  ? 7.799   -5.231  9.182   1.00 37.50 ? 75  VAL A CG1 1 
ATOM   537  C  CG2 . VAL A 1 76  ? 8.080   -7.162  10.814  1.00 38.15 ? 75  VAL A CG2 1 
ATOM   538  N  N   . PRO A 1 77  ? 7.797   -2.479  10.905  1.00 32.61 ? 76  PRO A N   1 
ATOM   539  C  CA  . PRO A 1 77  ? 7.168   -1.183  10.580  1.00 29.76 ? 76  PRO A CA  1 
ATOM   540  C  C   . PRO A 1 77  ? 6.174   -1.450  9.445   1.00 27.33 ? 76  PRO A C   1 
ATOM   541  O  O   . PRO A 1 77  ? 6.357   -2.386  8.667   1.00 25.79 ? 76  PRO A O   1 
ATOM   542  C  CB  . PRO A 1 77  ? 8.344   -0.323  10.109  1.00 30.98 ? 76  PRO A CB  1 
ATOM   543  C  CG  . PRO A 1 77  ? 9.565   -0.992  10.723  1.00 31.87 ? 76  PRO A CG  1 
ATOM   544  C  CD  . PRO A 1 77  ? 9.241   -2.456  10.597  1.00 32.72 ? 76  PRO A CD  1 
ATOM   545  N  N   . VAL A 1 78  ? 5.115   -0.647  9.389   1.00 23.91 ? 77  VAL A N   1 
ATOM   546  C  CA  . VAL A 1 78  ? 4.104   -0.817  8.382   1.00 21.87 ? 77  VAL A CA  1 
ATOM   547  C  C   . VAL A 1 78  ? 3.830   0.525   7.702   1.00 19.33 ? 77  VAL A C   1 
ATOM   548  O  O   . VAL A 1 78  ? 3.673   1.550   8.378   1.00 19.09 ? 77  VAL A O   1 
ATOM   549  C  CB  . VAL A 1 78  ? 2.798   -1.322  9.017   1.00 21.81 ? 77  VAL A CB  1 
ATOM   550  C  CG1 . VAL A 1 78  ? 1.793   -1.491  7.943   1.00 22.56 ? 77  VAL A CG1 1 
ATOM   551  C  CG2 . VAL A 1 78  ? 3.015   -2.745  9.687   1.00 22.48 ? 77  VAL A CG2 1 
ATOM   552  N  N   . PHE A 1 79  ? 3.874   0.530   6.384   1.00 17.61 ? 78  PHE A N   1 
ATOM   553  C  CA  . PHE A 1 79  ? 3.535   1.735   5.620   1.00 16.68 ? 78  PHE A CA  1 
ATOM   554  C  C   . PHE A 1 79  ? 2.056   1.581   5.282   1.00 17.19 ? 78  PHE A C   1 
ATOM   555  O  O   . PHE A 1 79  ? 1.647   0.552   4.793   1.00 17.92 ? 78  PHE A O   1 
ATOM   556  C  CB  . PHE A 1 79  ? 4.381   1.808   4.338   1.00 15.35 ? 78  PHE A CB  1 
ATOM   557  C  CG  . PHE A 1 79  ? 4.167   3.008   3.573   1.00 15.88 ? 78  PHE A CG  1 
ATOM   558  C  CD1 . PHE A 1 79  ? 4.258   4.255   4.174   1.00 16.91 ? 78  PHE A CD1 1 
ATOM   559  C  CD2 . PHE A 1 79  ? 3.914   2.910   2.182   1.00 15.97 ? 78  PHE A CD2 1 
ATOM   560  C  CE1 . PHE A 1 79  ? 4.087   5.437   3.400   1.00 16.74 ? 78  PHE A CE1 1 
ATOM   561  C  CE2 . PHE A 1 79  ? 3.744   4.077   1.382   1.00 16.51 ? 78  PHE A CE2 1 
ATOM   562  C  CZ  . PHE A 1 79  ? 3.817   5.338   2.004   1.00 18.45 ? 78  PHE A CZ  1 
ATOM   563  N  N   . VAL A 1 80  ? 1.255   2.589   5.572   1.00 15.31 ? 79  VAL A N   1 
ATOM   564  C  CA  . VAL A 1 80  ? -0.171  2.479   5.440   1.00 15.63 ? 79  VAL A CA  1 
ATOM   565  C  C   . VAL A 1 80  ? -0.795  3.481   4.489   1.00 14.47 ? 79  VAL A C   1 
ATOM   566  O  O   . VAL A 1 80  ? -0.339  4.623   4.445   1.00 14.81 ? 79  VAL A O   1 
ATOM   567  C  CB  . VAL A 1 80  ? -0.704  2.762   6.849   1.00 15.88 ? 79  VAL A CB  1 
ATOM   568  C  CG1 . VAL A 1 80  ? -2.170  2.499   6.940   1.00 16.08 ? 79  VAL A CG1 1 
ATOM   569  C  CG2 . VAL A 1 80  ? 0.097   1.875   7.834   1.00 18.20 ? 79  VAL A CG2 1 
ATOM   570  N  N   . LEU A 1 81  ? -1.814  3.052   3.768   1.00 14.39 ? 80  LEU A N   1 
ATOM   571  C  CA  . LEU A 1 81  ? -2.599  3.910   2.872   1.00 13.16 ? 80  LEU A CA  1 
ATOM   572  C  C   . LEU A 1 81  ? -3.955  4.041   3.553   1.00 13.62 ? 80  LEU A C   1 
ATOM   573  O  O   . LEU A 1 81  ? -4.672  3.038   3.766   1.00 15.33 ? 80  LEU A O   1 
ATOM   574  C  CB  . LEU A 1 81  ? -2.694  3.263   1.476   1.00 12.93 ? 80  LEU A CB  1 
ATOM   575  C  CG  . LEU A 1 81  ? -3.587  4.082   0.528   1.00 13.56 ? 80  LEU A CG  1 
ATOM   576  C  CD1 . LEU A 1 81  ? -2.839  5.429   0.196   1.00 14.41 ? 80  LEU A CD1 1 
ATOM   577  C  CD2 . LEU A 1 81  ? -3.857  3.257   -0.753  1.00 13.91 ? 80  LEU A CD2 1 
ATOM   578  N  N   . HIS A 1 82  ? -4.379  5.276   3.821   1.00 13.25 ? 81  HIS A N   1 
ATOM   579  C  CA  . HIS A 1 82  ? -5.657  5.526   4.535   1.00 13.48 ? 81  HIS A CA  1 
ATOM   580  C  C   . HIS A 1 82  ? -6.674  6.174   3.613   1.00 14.17 ? 81  HIS A C   1 
ATOM   581  O  O   . HIS A 1 82  ? -6.383  7.223   3.019   1.00 14.40 ? 81  HIS A O   1 
ATOM   582  C  CB  . HIS A 1 82  ? -5.436  6.528   5.636   1.00 15.24 ? 81  HIS A CB  1 
ATOM   583  C  CG  . HIS A 1 82  ? -4.422  6.105   6.646   1.00 16.18 ? 81  HIS A CG  1 
ATOM   584  N  ND1 . HIS A 1 82  ? -4.765  5.469   7.809   1.00 17.81 ? 81  HIS A ND1 1 
ATOM   585  C  CD2 . HIS A 1 82  ? -3.085  6.308   6.698   1.00 17.66 ? 81  HIS A CD2 1 
ATOM   586  C  CE1 . HIS A 1 82  ? -3.671  5.292   8.545   1.00 17.59 ? 81  HIS A CE1 1 
ATOM   587  N  NE2 . HIS A 1 82  ? -2.641  5.794   7.899   1.00 17.65 ? 81  HIS A NE2 1 
ATOM   588  N  N   . PHE A 1 83  ? -7.842  5.587   3.487   1.00 12.87 ? 82  PHE A N   1 
ATOM   589  C  CA  . PHE A 1 83  ? -8.904  6.149   2.672   1.00 14.52 ? 82  PHE A CA  1 
ATOM   590  C  C   . PHE A 1 83  ? -9.885  6.806   3.678   1.00 15.26 ? 82  PHE A C   1 
ATOM   591  O  O   . PHE A 1 83  ? -10.452 6.111   4.571   1.00 16.16 ? 82  PHE A O   1 
ATOM   592  C  CB  . PHE A 1 83  ? -9.677  5.031   1.953   1.00 13.67 ? 82  PHE A CB  1 
ATOM   593  C  CG  . PHE A 1 83  ? -8.840  4.214   1.004   1.00 15.62 ? 82  PHE A CG  1 
ATOM   594  C  CD1 . PHE A 1 83  ? -8.924  4.478   -0.365  1.00 15.22 ? 82  PHE A CD1 1 
ATOM   595  C  CD2 . PHE A 1 83  ? -7.998  3.209   1.462   1.00 16.16 ? 82  PHE A CD2 1 
ATOM   596  C  CE1 . PHE A 1 83  ? -8.154  3.712   -1.289  1.00 16.70 ? 82  PHE A CE1 1 
ATOM   597  C  CE2 . PHE A 1 83  ? -7.199  2.438   0.543   1.00 17.25 ? 82  PHE A CE2 1 
ATOM   598  C  CZ  . PHE A 1 83  ? -7.306  2.719   -0.847  1.00 16.62 ? 82  PHE A CZ  1 
ATOM   599  N  N   . LYS A 1 84  ? -10.136 8.100   3.506   1.00 16.38 ? 83  LYS A N   1 
ATOM   600  C  CA  . LYS A 1 84  ? -10.945 8.880   4.436   1.00 17.93 ? 83  LYS A CA  1 
ATOM   601  C  C   . LYS A 1 84  ? -11.945 9.737   3.678   1.00 18.22 ? 83  LYS A C   1 
ATOM   602  O  O   . LYS A 1 84  ? -11.697 10.940  3.454   1.00 17.38 ? 83  LYS A O   1 
ATOM   603  C  CB  . LYS A 1 84  ? -10.006 9.808   5.233   1.00 20.01 ? 83  LYS A CB  1 
ATOM   604  C  CG  . LYS A 1 84  ? -10.704 10.624  6.359   1.00 22.46 ? 83  LYS A CG  1 
ATOM   605  C  CD  . LYS A 1 84  ? -9.698  11.379  7.252   1.00 26.34 ? 83  LYS A CD  1 
ATOM   606  C  CE  . LYS A 1 84  ? -10.464 12.425  8.174   1.00 28.09 ? 83  LYS A CE  1 
ATOM   607  N  NZ  . LYS A 1 84  ? -9.741  12.705  9.525   1.00 31.30 ? 83  LYS A NZ  1 
ATOM   608  N  N   . PRO A 1 85  ? -13.053 9.139   3.255   1.00 18.23 ? 84  PRO A N   1 
ATOM   609  C  CA  . PRO A 1 85  ? -13.400 7.723   3.451   1.00 18.14 ? 84  PRO A CA  1 
ATOM   610  C  C   . PRO A 1 85  ? -13.120 7.020   2.144   1.00 18.06 ? 84  PRO A C   1 
ATOM   611  O  O   . PRO A 1 85  ? -12.741 7.672   1.171   1.00 17.17 ? 84  PRO A O   1 
ATOM   612  C  CB  . PRO A 1 85  ? -14.920 7.776   3.659   1.00 19.84 ? 84  PRO A CB  1 
ATOM   613  C  CG  . PRO A 1 85  ? -15.343 8.839   2.701   1.00 18.60 ? 84  PRO A CG  1 
ATOM   614  C  CD  . PRO A 1 85  ? -14.211 9.914   2.766   1.00 18.90 ? 84  PRO A CD  1 
ATOM   615  N  N   . ILE A 1 86  ? -13.387 5.719   2.094   1.00 17.26 ? 85  ILE A N   1 
ATOM   616  C  CA  . ILE A 1 86  ? -13.244 4.963   0.885   1.00 17.89 ? 85  ILE A CA  1 
ATOM   617  C  C   . ILE A 1 86  ? -14.493 5.097   -0.016  1.00 18.60 ? 85  ILE A C   1 
ATOM   618  O  O   . ILE A 1 86  ? -15.619 5.362   0.485   1.00 20.00 ? 85  ILE A O   1 
ATOM   619  C  CB  . ILE A 1 86  ? -12.944 3.488   1.183   1.00 16.56 ? 85  ILE A CB  1 
ATOM   620  C  CG1 . ILE A 1 86  ? -12.501 2.855   -0.147  1.00 16.51 ? 85  ILE A CG1 1 
ATOM   621  C  CG2 . ILE A 1 86  ? -14.194 2.776   1.756   1.00 15.55 ? 85  ILE A CG2 1 
ATOM   622  C  CD1 . ILE A 1 86  ? -11.727 1.605   0.158   1.00 17.70 ? 85  ILE A CD1 1 
ATOM   623  N  N   . HIS A 1 87  ? -14.284 5.054   -1.325  1.00 18.38 ? 86  HIS A N   1 
ATOM   624  C  CA  . HIS A 1 87  ? -15.401 5.227   -2.254  1.00 20.16 ? 86  HIS A CA  1 
ATOM   625  C  C   . HIS A 1 87  ? -15.502 4.068   -3.209  1.00 19.60 ? 86  HIS A C   1 
ATOM   626  O  O   . HIS A 1 87  ? -14.549 3.287   -3.384  1.00 18.12 ? 86  HIS A O   1 
ATOM   627  C  CB  . HIS A 1 87  ? -15.218 6.490   -3.128  1.00 21.57 ? 86  HIS A CB  1 
ATOM   628  C  CG  . HIS A 1 87  ? -14.811 7.721   -2.384  1.00 24.25 ? 86  HIS A CG  1 
ATOM   629  N  ND1 . HIS A 1 87  ? -13.505 8.195   -2.376  1.00 26.73 ? 86  HIS A ND1 1 
ATOM   630  C  CD2 . HIS A 1 87  ? -15.530 8.583   -1.625  1.00 25.24 ? 86  HIS A CD2 1 
ATOM   631  C  CE1 . HIS A 1 87  ? -13.446 9.289   -1.629  1.00 26.59 ? 86  HIS A CE1 1 
ATOM   632  N  NE2 . HIS A 1 87  ? -14.661 9.542   -1.168  1.00 26.30 ? 86  HIS A NE2 1 
ATOM   633  N  N   . LEU A 1 88  ? -16.648 3.938   -3.900  1.00 20.84 ? 87  LEU A N   1 
ATOM   634  C  CA  . LEU A 1 88  ? -16.729 2.861   -4.890  1.00 21.55 ? 87  LEU A CA  1 
ATOM   635  C  C   . LEU A 1 88  ? -15.603 2.904   -5.898  1.00 21.71 ? 87  LEU A C   1 
ATOM   636  O  O   . LEU A 1 88  ? -15.085 1.828   -6.303  1.00 21.57 ? 87  LEU A O   1 
ATOM   637  C  CB  . LEU A 1 88  ? -18.089 2.885   -5.687  1.00 23.18 ? 87  LEU A CB  1 
ATOM   638  C  CG  . LEU A 1 88  ? -19.287 2.508   -4.806  1.00 25.13 ? 87  LEU A CG  1 
ATOM   639  C  CD1 . LEU A 1 88  ? -20.647 3.021   -5.497  1.00 25.38 ? 87  LEU A CD1 1 
ATOM   640  C  CD2 . LEU A 1 88  ? -19.323 0.959   -4.621  1.00 26.91 ? 87  LEU A CD2 1 
ATOM   641  N  N   . SER A 1 89  ? -15.208 4.095   -6.321  1.00 21.27 ? 88  SER A N   1 
ATOM   642  C  CA  . SER A 1 89  ? -14.153 4.235   -7.313  1.00 21.70 ? 88  SER A CA  1 
ATOM   643  C  C   . SER A 1 89  ? -12.770 3.722   -6.823  1.00 21.20 ? 88  SER A C   1 
ATOM   644  O  O   . SER A 1 89  ? -11.803 3.619   -7.628  1.00 20.75 ? 88  SER A O   1 
ATOM   645  C  CB  . SER A 1 89  ? -13.982 5.705   -7.740  1.00 23.39 ? 88  SER A CB  1 
ATOM   646  O  OG  . SER A 1 89  ? -13.773 6.491   -6.596  1.00 24.56 ? 88  SER A OG  1 
ATOM   647  N  N   . ASP A 1 90  ? -12.651 3.476   -5.509  1.00 18.63 ? 89  ASP A N   1 
ATOM   648  C  CA  . ASP A 1 90  ? -11.412 2.952   -4.925  1.00 18.64 ? 89  ASP A CA  1 
ATOM   649  C  C   . ASP A 1 90  ? -11.246 1.459   -5.106  1.00 18.13 ? 89  ASP A C   1 
ATOM   650  O  O   . ASP A 1 90  ? -10.216 0.920   -4.741  1.00 17.33 ? 89  ASP A O   1 
ATOM   651  C  CB  . ASP A 1 90  ? -11.317 3.360   -3.414  1.00 18.18 ? 89  ASP A CB  1 
ATOM   652  C  CG  . ASP A 1 90  ? -11.206 4.901   -3.254  1.00 20.97 ? 89  ASP A CG  1 
ATOM   653  O  OD1 . ASP A 1 90  ? -10.335 5.526   -3.971  1.00 21.39 ? 89  ASP A OD1 1 
ATOM   654  O  OD2 . ASP A 1 90  ? -11.982 5.520   -2.464  1.00 21.50 ? 89  ASP A OD2 1 
ATOM   655  N  N   . ASN A 1 91  ? -12.269 0.784   -5.615  1.00 17.85 ? 90  ASN A N   1 
ATOM   656  C  CA  . ASN A 1 91  ? -12.204 -0.660  -5.887  1.00 18.38 ? 90  ASN A CA  1 
ATOM   657  C  C   . ASN A 1 91  ? -10.958 -0.901  -6.775  1.00 18.24 ? 90  ASN A C   1 
ATOM   658  O  O   . ASN A 1 91  ? -10.667 -0.084  -7.681  1.00 19.09 ? 90  ASN A O   1 
ATOM   659  C  CB  . ASN A 1 91  ? -13.411 -1.009  -6.723  1.00 21.91 ? 90  ASN A CB  1 
ATOM   660  C  CG  . ASN A 1 91  ? -13.753 -2.435  -6.674  1.00 25.43 ? 90  ASN A CG  1 
ATOM   661  O  OD1 . ASN A 1 91  ? -14.457 -2.899  -5.757  1.00 25.25 ? 90  ASN A OD1 1 
ATOM   662  N  ND2 . ASN A 1 91  ? -13.269 -3.192  -7.705  1.00 26.64 ? 90  ASN A ND2 1 
ATOM   663  N  N   . GLY A 1 92  ? -10.223 -1.963  -6.557  1.00 17.11 ? 91  GLY A N   1 
ATOM   664  C  CA  . GLY A 1 92  ? -9.053  -2.161  -7.437  1.00 17.34 ? 91  GLY A CA  1 
ATOM   665  C  C   . GLY A 1 92  ? -7.921  -2.875  -6.747  1.00 17.80 ? 91  GLY A C   1 
ATOM   666  O  O   . GLY A 1 92  ? -8.087  -3.334  -5.583  1.00 17.36 ? 91  GLY A O   1 
ATOM   667  N  N   . SER A 1 93  ? -6.756  -2.956  -7.411  1.00 16.98 ? 92  SER A N   1 
ATOM   668  C  CA  . SER A 1 93  ? -5.583  -3.703  -6.909  1.00 18.13 ? 92  SER A CA  1 
ATOM   669  C  C   . SER A 1 93  ? -4.493  -2.716  -6.582  1.00 16.24 ? 92  SER A C   1 
ATOM   670  O  O   . SER A 1 93  ? -4.272  -1.795  -7.381  1.00 15.95 ? 92  SER A O   1 
ATOM   671  C  CB  . SER A 1 93  ? -5.047  -4.700  -7.999  1.00 17.69 ? 92  SER A CB  1 
ATOM   672  O  OG  . SER A 1 93  ? -5.986  -5.733  -8.218  1.00 26.15 ? 92  SER A OG  1 
ATOM   673  N  N   . TYR A 1 94  ? -3.871  -2.857  -5.398  1.00 14.57 ? 93  TYR A N   1 
ATOM   674  C  CA  . TYR A 1 94  ? -2.859  -1.907  -4.939  1.00 12.92 ? 93  TYR A CA  1 
ATOM   675  C  C   . TYR A 1 94  ? -1.529  -2.643  -4.616  1.00 13.43 ? 93  TYR A C   1 
ATOM   676  O  O   . TYR A 1 94  ? -1.533  -3.818  -4.303  1.00 13.14 ? 93  TYR A O   1 
ATOM   677  C  CB  . TYR A 1 94  ? -3.382  -1.252  -3.642  1.00 12.95 ? 93  TYR A CB  1 
ATOM   678  C  CG  . TYR A 1 94  ? -4.622  -0.389  -3.855  1.00 14.13 ? 93  TYR A CG  1 
ATOM   679  C  CD1 . TYR A 1 94  ? -4.477  0.969   -4.023  1.00 14.04 ? 93  TYR A CD1 1 
ATOM   680  C  CD2 . TYR A 1 94  ? -5.901  -0.950  -3.926  1.00 13.81 ? 93  TYR A CD2 1 
ATOM   681  C  CE1 . TYR A 1 94  ? -5.585  1.787   -4.241  1.00 14.61 ? 93  TYR A CE1 1 
ATOM   682  C  CE2 . TYR A 1 94  ? -7.041  -0.148  -4.175  1.00 14.02 ? 93  TYR A CE2 1 
ATOM   683  C  CZ  . TYR A 1 94  ? -6.845  1.234   -4.325  1.00 14.59 ? 93  TYR A CZ  1 
ATOM   684  O  OH  . TYR A 1 94  ? -7.876  2.163   -4.536  1.00 15.35 ? 93  TYR A OH  1 
ATOM   685  N  N   . SER A 1 95  ? -0.413  -1.955  -4.684  1.00 14.19 ? 94  SER A N   1 
ATOM   686  C  CA  . SER A 1 95  ? 0.876   -2.596  -4.286  1.00 15.12 ? 94  SER A CA  1 
ATOM   687  C  C   . SER A 1 95  ? 1.740   -1.449  -3.811  1.00 15.79 ? 94  SER A C   1 
ATOM   688  O  O   . SER A 1 95  ? 1.421   -0.272  -4.088  1.00 16.51 ? 94  SER A O   1 
ATOM   689  C  CB  . SER A 1 95  ? 1.571   -3.312  -5.497  1.00 16.34 ? 94  SER A CB  1 
ATOM   690  O  OG  . SER A 1 95  ? 1.873   -2.380  -6.542  1.00 18.20 ? 94  SER A OG  1 
ATOM   691  N  N   . CYS A 1 96  ? 2.855   -1.749  -3.137  1.00 17.12 ? 95  CYS A N   1 
ATOM   692  C  CA  . CYS A 1 96  ? 3.761   -0.688  -2.693  1.00 17.18 ? 95  CYS A CA  1 
ATOM   693  C  C   . CYS A 1 96  ? 5.139   -0.979  -3.359  1.00 18.58 ? 95  CYS A C   1 
ATOM   694  O  O   . CYS A 1 96  ? 5.423   -2.124  -3.759  1.00 16.97 ? 95  CYS A O   1 
ATOM   695  C  CB  . CYS A 1 96  ? 3.809   -0.623  -1.104  1.00 18.50 ? 95  CYS A CB  1 
ATOM   696  S  SG  . CYS A 1 96  ? 4.041   -2.305  -0.373  1.00 22.37 ? 95  CYS A SG  1 
ATOM   697  N  N   . SER A 1 97  ? 5.949   0.048   -3.553  1.00 19.46 ? 96  SER A N   1 
ATOM   698  C  CA  . SER A 1 97  ? 7.253   -0.193  -4.203  1.00 20.45 ? 96  SER A CA  1 
ATOM   699  C  C   . SER A 1 97  ? 8.222   0.835   -3.686  1.00 22.06 ? 96  SER A C   1 
ATOM   700  O  O   . SER A 1 97  ? 7.844   1.849   -3.081  1.00 20.09 ? 96  SER A O   1 
ATOM   701  C  CB  . SER A 1 97  ? 7.210   -0.067  -5.742  1.00 22.34 ? 96  SER A CB  1 
ATOM   702  O  OG  . SER A 1 97  ? 6.569   1.138   -6.082  1.00 26.34 ? 96  SER A OG  1 
ATOM   703  N  N   . THR A 1 98  ? 9.501   0.576   -3.922  1.00 22.96 ? 97  THR A N   1 
ATOM   704  C  CA  . THR A 1 98  ? 10.451  1.541   -3.481  1.00 26.58 ? 97  THR A CA  1 
ATOM   705  C  C   . THR A 1 98  ? 11.670  1.398   -4.393  1.00 29.33 ? 97  THR A C   1 
ATOM   706  O  O   . THR A 1 98  ? 11.935  0.322   -4.890  1.00 28.60 ? 97  THR A O   1 
ATOM   707  C  CB  . THR A 1 98  ? 10.846  1.322   -1.984  1.00 26.90 ? 97  THR A CB  1 
ATOM   708  O  OG1 . THR A 1 98  ? 11.798  2.339   -1.602  1.00 28.99 ? 97  THR A OG1 1 
ATOM   709  C  CG2 . THR A 1 98  ? 11.530  -0.006  -1.777  1.00 27.40 ? 97  THR A CG2 1 
ATOM   710  N  N   . ASN A 1 99  ? 12.357  2.505   -4.629  1.00 33.77 ? 98  ASN A N   1 
ATOM   711  C  CA  . ASN A 1 99  ? 13.602  2.536   -5.421  1.00 38.17 ? 98  ASN A CA  1 
ATOM   712  C  C   . ASN A 1 99  ? 14.512  2.773   -4.216  1.00 40.43 ? 98  ASN A C   1 
ATOM   713  O  O   . ASN A 1 99  ? 14.471  3.854   -3.586  1.00 40.46 ? 98  ASN A O   1 
ATOM   714  C  CB  . ASN A 1 99  ? 13.650  3.760   -6.362  1.00 40.29 ? 98  ASN A CB  1 
ATOM   715  C  CG  . ASN A 1 99  ? 12.503  3.787   -7.343  1.00 42.91 ? 98  ASN A CG  1 
ATOM   716  O  OD1 . ASN A 1 99  ? 11.929  2.718   -7.679  1.00 44.67 ? 98  ASN A OD1 1 
ATOM   717  N  ND2 . ASN A 1 99  ? 12.155  4.995   -7.849  1.00 43.83 ? 98  ASN A ND2 1 
ATOM   718  N  N   . PHE A 1 100 ? 15.261  1.763   -3.824  1.00 42.52 ? 99  PHE A N   1 
ATOM   719  C  CA  . PHE A 1 100 ? 16.100  1.970   -2.648  1.00 45.39 ? 99  PHE A CA  1 
ATOM   720  C  C   . PHE A 1 100 ? 17.461  1.400   -2.958  1.00 46.74 ? 99  PHE A C   1 
ATOM   721  O  O   . PHE A 1 100 ? 17.566  0.208   -3.270  1.00 47.10 ? 99  PHE A O   1 
ATOM   722  C  CB  . PHE A 1 100 ? 15.522  1.245   -1.443  1.00 45.54 ? 99  PHE A CB  1 
ATOM   723  C  CG  . PHE A 1 100 ? 16.262  1.538   -0.159  1.00 46.33 ? 99  PHE A CG  1 
ATOM   724  C  CD1 . PHE A 1 100 ? 16.169  2.801   0.443   1.00 46.83 ? 99  PHE A CD1 1 
ATOM   725  C  CD2 . PHE A 1 100 ? 17.029  0.548   0.463   1.00 46.69 ? 99  PHE A CD2 1 
ATOM   726  C  CE1 . PHE A 1 100 ? 16.816  3.083   1.654   1.00 46.83 ? 99  PHE A CE1 1 
ATOM   727  C  CE2 . PHE A 1 100 ? 17.681  0.821   1.666   1.00 46.79 ? 99  PHE A CE2 1 
ATOM   728  C  CZ  . PHE A 1 100 ? 17.568  2.094   2.262   1.00 46.95 ? 99  PHE A CZ  1 
ATOM   729  N  N   . ASN A 1 101 ? 18.503  2.217   -2.847  1.00 48.27 ? 100 ASN A N   1 
ATOM   730  C  CA  . ASN A 1 101 ? 19.828  1.713   -3.216  1.00 49.65 ? 100 ASN A CA  1 
ATOM   731  C  C   . ASN A 1 101 ? 19.743  1.780   -4.758  1.00 49.59 ? 100 ASN A C   1 
ATOM   732  O  O   . ASN A 1 101 ? 19.262  2.785   -5.316  1.00 49.70 ? 100 ASN A O   1 
ATOM   733  C  CB  . ASN A 1 101 ? 19.991  0.271   -2.706  1.00 51.49 ? 100 ASN A CB  1 
ATOM   734  C  CG  . ASN A 1 101 ? 21.246  -0.424  -3.234  1.00 53.45 ? 100 ASN A CG  1 
ATOM   735  O  OD1 . ASN A 1 101 ? 22.185  0.238   -3.723  1.00 54.95 ? 100 ASN A OD1 1 
ATOM   736  N  ND2 . ASN A 1 101 ? 21.286  -1.767  -3.106  1.00 54.17 ? 100 ASN A ND2 1 
ATOM   737  N  N   . SER A 1 102 ? 20.147  0.731   -5.461  1.00 49.19 ? 101 SER A N   1 
ATOM   738  C  CA  . SER A 1 102 ? 20.095  0.791   -6.917  1.00 48.58 ? 101 SER A CA  1 
ATOM   739  C  C   . SER A 1 102 ? 18.985  0.028   -7.640  1.00 47.62 ? 101 SER A C   1 
ATOM   740  O  O   . SER A 1 102 ? 18.978  -0.041  -8.875  1.00 47.94 ? 101 SER A O   1 
ATOM   741  C  CB  . SER A 1 102 ? 21.457  0.364   -7.455  1.00 49.44 ? 101 SER A CB  1 
ATOM   742  O  OG  . SER A 1 102 ? 22.424  1.329   -7.053  1.00 50.76 ? 101 SER A OG  1 
ATOM   743  N  N   . GLN A 1 103 ? 18.031  -0.537  -6.901  1.00 45.63 ? 102 GLN A N   1 
ATOM   744  C  CA  . GLN A 1 103 ? 16.988  -1.272  -7.587  1.00 43.66 ? 102 GLN A CA  1 
ATOM   745  C  C   . GLN A 1 103 ? 15.614  -0.958  -7.124  1.00 40.47 ? 102 GLN A C   1 
ATOM   746  O  O   . GLN A 1 103 ? 15.417  -0.263  -6.133  1.00 40.02 ? 102 GLN A O   1 
ATOM   747  C  CB  . GLN A 1 103 ? 17.178  -2.792  -7.485  1.00 45.16 ? 102 GLN A CB  1 
ATOM   748  C  CG  . GLN A 1 103 ? 17.479  -3.213  -6.107  1.00 47.70 ? 102 GLN A CG  1 
ATOM   749  C  CD  . GLN A 1 103 ? 18.640  -2.398  -5.573  1.00 49.76 ? 102 GLN A CD  1 
ATOM   750  O  OE1 . GLN A 1 103 ? 19.793  -2.529  -6.054  1.00 51.07 ? 102 GLN A OE1 1 
ATOM   751  N  NE2 . GLN A 1 103 ? 18.349  -1.509  -4.609  1.00 50.29 ? 102 GLN A NE2 1 
ATOM   752  N  N   . VAL A 1 104 ? 14.681  -1.511  -7.886  1.00 37.38 ? 103 VAL A N   1 
ATOM   753  C  CA  . VAL A 1 104 ? 13.260  -1.357  -7.637  1.00 34.16 ? 103 VAL A CA  1 
ATOM   754  C  C   . VAL A 1 104 ? 12.816  -2.552  -6.824  1.00 32.08 ? 103 VAL A C   1 
ATOM   755  O  O   . VAL A 1 104 ? 13.127  -3.713  -7.170  1.00 31.59 ? 103 VAL A O   1 
ATOM   756  C  CB  . VAL A 1 104 ? 12.469  -1.365  -8.953  1.00 34.23 ? 103 VAL A CB  1 
ATOM   757  C  CG1 . VAL A 1 104 ? 10.966  -1.220  -8.671  1.00 33.91 ? 103 VAL A CG1 1 
ATOM   758  C  CG2 . VAL A 1 104 ? 12.993  -0.228  -9.847  1.00 34.66 ? 103 VAL A CG2 1 
ATOM   759  N  N   . ILE A 1 105 ? 12.133  -2.297  -5.713  1.00 29.08 ? 104 ILE A N   1 
ATOM   760  C  CA  . ILE A 1 105 ? 11.656  -3.401  -4.948  1.00 27.04 ? 104 ILE A CA  1 
ATOM   761  C  C   . ILE A 1 105 ? 10.128  -3.296  -5.035  1.00 26.48 ? 104 ILE A C   1 
ATOM   762  O  O   . ILE A 1 105 ? 9.598   -2.205  -4.886  1.00 25.44 ? 104 ILE A O   1 
ATOM   763  C  CB  . ILE A 1 105 ? 12.131  -3.296  -3.502  1.00 26.81 ? 104 ILE A CB  1 
ATOM   764  C  CG1 . ILE A 1 105 ? 13.680  -3.338  -3.489  1.00 27.41 ? 104 ILE A CG1 1 
ATOM   765  C  CG2 . ILE A 1 105 ? 11.496  -4.404  -2.689  1.00 25.78 ? 104 ILE A CG2 1 
ATOM   766  C  CD1 . ILE A 1 105 ? 14.279  -3.017  -2.137  1.00 27.77 ? 104 ILE A CD1 1 
ATOM   767  N  N   . ASN A 1 106 ? 9.445   -4.409  -5.250  1.00 25.19 ? 105 ASN A N   1 
ATOM   768  C  CA  . ASN A 1 106 ? 7.980   -4.378  -5.378  1.00 24.95 ? 105 ASN A CA  1 
ATOM   769  C  C   . ASN A 1 106 ? 7.328   -5.322  -4.386  1.00 23.32 ? 105 ASN A C   1 
ATOM   770  O  O   . ASN A 1 106 ? 8.014   -6.110  -3.705  1.00 23.11 ? 105 ASN A O   1 
ATOM   771  C  CB  . ASN A 1 106 ? 7.573   -4.773  -6.794  1.00 27.14 ? 105 ASN A CB  1 
ATOM   772  C  CG  . ASN A 1 106 ? 7.905   -3.681  -7.836  1.00 28.45 ? 105 ASN A CG  1 
ATOM   773  O  OD1 . ASN A 1 106 ? 8.709   -3.911  -8.704  1.00 31.09 ? 105 ASN A OD1 1 
ATOM   774  N  ND2 . ASN A 1 106 ? 7.286   -2.510  -7.737  1.00 29.97 ? 105 ASN A ND2 1 
ATOM   775  N  N   . SER A 1 107 ? 6.005   -5.267  -4.294  1.00 20.53 ? 106 SER A N   1 
ATOM   776  C  CA  . SER A 1 107 ? 5.326   -6.137  -3.355  1.00 18.53 ? 106 SER A CA  1 
ATOM   777  C  C   . SER A 1 107 ? 4.278   -6.872  -4.112  1.00 17.92 ? 106 SER A C   1 
ATOM   778  O  O   . SER A 1 107 ? 4.008   -6.564  -5.250  1.00 17.71 ? 106 SER A O   1 
ATOM   779  C  CB  . SER A 1 107 ? 4.538   -5.359  -2.264  1.00 16.91 ? 106 SER A CB  1 
ATOM   780  O  OG  . SER A 1 107 ? 3.479   -4.573  -2.855  1.00 16.14 ? 106 SER A OG  1 
ATOM   781  N  N   . HIS A 1 108 ? 3.645   -7.804  -3.413  1.00 18.99 ? 107 HIS A N   1 
ATOM   782  C  CA  . HIS A 1 108 ? 2.527   -8.488  -3.969  1.00 18.64 ? 107 HIS A CA  1 
ATOM   783  C  C   . HIS A 1 108 ? 1.339   -7.466  -3.879  1.00 19.24 ? 107 HIS A C   1 
ATOM   784  O  O   . HIS A 1 108 ? 1.421   -6.456  -3.156  1.00 18.01 ? 107 HIS A O   1 
ATOM   785  C  CB  . HIS A 1 108 ? 2.218   -9.713  -3.104  1.00 18.65 ? 107 HIS A CB  1 
ATOM   786  C  CG  . HIS A 1 108 ? 3.204   -10.830 -3.307  1.00 17.67 ? 107 HIS A CG  1 
ATOM   787  N  ND1 . HIS A 1 108 ? 3.464   -11.318 -4.568  1.00 19.40 ? 107 HIS A ND1 1 
ATOM   788  C  CD2 . HIS A 1 108 ? 4.052   -11.477 -2.464  1.00 19.78 ? 107 HIS A CD2 1 
ATOM   789  C  CE1 . HIS A 1 108 ? 4.434   -12.220 -4.503  1.00 19.99 ? 107 HIS A CE1 1 
ATOM   790  N  NE2 . HIS A 1 108 ? 4.805   -12.333 -3.241  1.00 19.56 ? 107 HIS A NE2 1 
ATOM   791  N  N   . SER A 1 109 ? 0.240   -7.752  -4.579  1.00 20.12 ? 108 SER A N   1 
ATOM   792  C  CA  . SER A 1 109 ? -0.876  -6.824  -4.590  1.00 21.11 ? 108 SER A CA  1 
ATOM   793  C  C   . SER A 1 109 ? -1.939  -7.206  -3.554  1.00 21.01 ? 108 SER A C   1 
ATOM   794  O  O   . SER A 1 109 ? -2.017  -8.369  -3.095  1.00 21.00 ? 108 SER A O   1 
ATOM   795  C  CB  . SER A 1 109 ? -1.541  -6.838  -5.994  1.00 22.78 ? 108 SER A CB  1 
ATOM   796  O  OG  . SER A 1 109 ? -1.993  -8.156  -6.255  1.00 24.95 ? 108 SER A OG  1 
ATOM   797  N  N   . VAL A 1 110 ? -2.716  -6.207  -3.158  1.00 19.54 ? 109 VAL A N   1 
ATOM   798  C  CA  . VAL A 1 110 ? -3.889  -6.413  -2.288  1.00 19.61 ? 109 VAL A CA  1 
ATOM   799  C  C   . VAL A 1 110 ? -5.055  -5.923  -3.123  1.00 19.30 ? 109 VAL A C   1 
ATOM   800  O  O   . VAL A 1 110 ? -5.011  -4.822  -3.687  1.00 19.83 ? 109 VAL A O   1 
ATOM   801  C  CB  . VAL A 1 110 ? -3.780  -5.684  -0.890  1.00 20.11 ? 109 VAL A CB  1 
ATOM   802  C  CG1 . VAL A 1 110 ? -3.262  -4.307  -1.026  1.00 20.68 ? 109 VAL A CG1 1 
ATOM   803  C  CG2 . VAL A 1 110 ? -5.131  -5.701  -0.171  1.00 19.84 ? 109 VAL A CG2 1 
ATOM   804  N  N   . THR A 1 111 ? -6.113  -6.726  -3.221  1.00 17.45 ? 110 THR A N   1 
ATOM   805  C  CA  . THR A 1 111 ? -7.264  -6.331  -4.046  1.00 17.62 ? 110 THR A CA  1 
ATOM   806  C  C   . THR A 1 111 ? -8.336  -5.878  -3.078  1.00 16.88 ? 110 THR A C   1 
ATOM   807  O  O   . THR A 1 111 ? -8.631  -6.622  -2.119  1.00 17.38 ? 110 THR A O   1 
ATOM   808  C  CB  . THR A 1 111 ? -7.813  -7.595  -4.744  1.00 19.16 ? 110 THR A CB  1 
ATOM   809  O  OG1 . THR A 1 111 ? -6.820  -8.028  -5.665  1.00 22.53 ? 110 THR A OG1 1 
ATOM   810  C  CG2 . THR A 1 111 ? -9.096  -7.320  -5.510  1.00 20.04 ? 110 THR A CG2 1 
ATOM   811  N  N   . ILE A 1 112 ? -8.903  -4.688  -3.300  1.00 16.58 ? 111 ILE A N   1 
ATOM   812  C  CA  . ILE A 1 112 ? -9.969  -4.188  -2.402  1.00 17.31 ? 111 ILE A CA  1 
ATOM   813  C  C   . ILE A 1 112 ? -11.256 -4.177  -3.203  1.00 17.80 ? 111 ILE A C   1 
ATOM   814  O  O   . ILE A 1 112 ? -11.289 -3.684  -4.334  1.00 17.69 ? 111 ILE A O   1 
ATOM   815  C  CB  . ILE A 1 112 ? -9.667  -2.706  -1.971  1.00 17.01 ? 111 ILE A CB  1 
ATOM   816  C  CG1 . ILE A 1 112 ? -8.296  -2.709  -1.279  1.00 16.87 ? 111 ILE A CG1 1 
ATOM   817  C  CG2 . ILE A 1 112 ? -10.821 -2.132  -1.068  1.00 18.63 ? 111 ILE A CG2 1 
ATOM   818  C  CD1 . ILE A 1 112 ? -8.201  -3.802  -0.205  1.00 17.65 ? 111 ILE A CD1 1 
ATOM   819  N  N   . HIS A 1 113 ? -12.314 -4.687  -2.624  1.00 17.87 ? 112 HIS A N   1 
ATOM   820  C  CA  . HIS A 1 113 ? -13.569 -4.679  -3.325  1.00 18.26 ? 112 HIS A CA  1 
ATOM   821  C  C   . HIS A 1 113 ? -14.451 -3.788  -2.435  1.00 18.67 ? 112 HIS A C   1 
ATOM   822  O  O   . HIS A 1 113 ? -14.589 -4.081  -1.270  1.00 19.06 ? 112 HIS A O   1 
ATOM   823  C  CB  . HIS A 1 113 ? -14.141 -6.093  -3.375  1.00 20.27 ? 112 HIS A CB  1 
ATOM   824  C  CG  . HIS A 1 113 ? -15.585 -6.130  -3.752  1.00 21.93 ? 112 HIS A CG  1 
ATOM   825  N  ND1 . HIS A 1 113 ? -16.071 -5.531  -4.888  1.00 24.80 ? 112 HIS A ND1 1 
ATOM   826  C  CD2 . HIS A 1 113 ? -16.653 -6.656  -3.123  1.00 23.53 ? 112 HIS A CD2 1 
ATOM   827  C  CE1 . HIS A 1 113 ? -17.379 -5.663  -4.944  1.00 23.88 ? 112 HIS A CE1 1 
ATOM   828  N  NE2 . HIS A 1 113 ? -17.761 -6.350  -3.882  1.00 24.70 ? 112 HIS A NE2 1 
ATOM   829  N  N   . VAL A 1 114 ? -15.037 -2.742  -2.995  1.00 18.71 ? 113 VAL A N   1 
ATOM   830  C  CA  . VAL A 1 114 ? -15.858 -1.804  -2.199  1.00 19.18 ? 113 VAL A CA  1 
ATOM   831  C  C   . VAL A 1 114 ? -17.335 -2.020  -2.518  1.00 20.85 ? 113 VAL A C   1 
ATOM   832  O  O   . VAL A 1 114 ? -17.742 -1.977  -3.695  1.00 20.91 ? 113 VAL A O   1 
ATOM   833  C  CB  . VAL A 1 114 ? -15.458 -0.392  -2.541  1.00 18.39 ? 113 VAL A CB  1 
ATOM   834  C  CG1 . VAL A 1 114 ? -16.242 0.621   -1.623  1.00 18.80 ? 113 VAL A CG1 1 
ATOM   835  C  CG2 . VAL A 1 114 ? -13.908 -0.191  -2.310  1.00 18.46 ? 113 VAL A CG2 1 
ATOM   836  N  N   . ARG A 1 115 ? -18.099 -2.302  -1.482  1.00 21.62 ? 114 ARG A N   1 
ATOM   837  C  CA  . ARG A 1 115 ? -19.567 -2.560  -1.570  1.00 23.92 ? 114 ARG A CA  1 
ATOM   838  C  C   . ARG A 1 115 ? -20.405 -1.319  -1.219  1.00 24.14 ? 114 ARG A C   1 
ATOM   839  O  O   . ARG A 1 115 ? -19.968 -0.510  -0.362  1.00 23.66 ? 114 ARG A O   1 
ATOM   840  C  CB  . ARG A 1 115 ? -19.887 -3.707  -0.607  1.00 24.24 ? 114 ARG A CB  1 
ATOM   841  C  CG  . ARG A 1 115 ? -18.952 -4.919  -0.709  1.00 26.87 ? 114 ARG A CG  1 
ATOM   842  C  CD  . ARG A 1 115 ? -19.031 -5.813  0.597   1.00 28.64 ? 114 ARG A CD  1 
ATOM   843  N  NE  . ARG A 1 115 ? -18.181 -5.286  1.673   1.00 27.68 ? 114 ARG A NE  1 
ATOM   844  C  CZ  . ARG A 1 115 ? -17.795 -5.979  2.744   1.00 29.03 ? 114 ARG A CZ  1 
ATOM   845  N  NH1 . ARG A 1 115 ? -18.190 -7.253  2.888   1.00 28.24 ? 114 ARG A NH1 1 
ATOM   846  N  NH2 . ARG A 1 115 ? -17.004 -5.403  3.688   1.00 28.24 ? 114 ARG A NH2 1 
HETATM 847  CD CD  . CD  B 2 .   ? 6.395   -13.575 -2.169  1.00 24.86 ? 122 CD  A CD  1 
HETATM 848  CD CD  . CD  C 2 .   ? -10.927 -7.936  5.377   1.00 21.38 ? 123 CD  A CD  1 
HETATM 849  O  O   . HOH D 3 .   ? 4.757   -8.329  -0.892  1.00 16.54 ? 201 HOH A O   1 
HETATM 850  O  O   . HOH D 3 .   ? -8.226  12.267  -2.136  1.00 17.47 ? 202 HOH A O   1 
HETATM 851  O  O   . HOH D 3 .   ? 7.585   -13.689 -4.533  1.00 18.41 ? 203 HOH A O   1 
HETATM 852  O  O   . HOH D 3 .   ? -1.312  14.129  -9.796  1.00 19.94 ? 204 HOH A O   1 
HETATM 853  O  O   . HOH D 3 .   ? 9.845   -7.027  -1.567  1.00 20.56 ? 205 HOH A O   1 
HETATM 854  O  O   . HOH D 3 .   ? -2.272  12.984  1.269   1.00 20.73 ? 206 HOH A O   1 
HETATM 855  O  O   . HOH D 3 .   ? -7.133  -1.691  -9.923  1.00 21.36 ? 207 HOH A O   1 
HETATM 856  O  O   . HOH D 3 .   ? -12.408 -8.500  3.810   1.00 21.43 ? 208 HOH A O   1 
HETATM 857  O  O   . HOH D 3 .   ? -5.548  13.604  2.989   1.00 21.85 ? 209 HOH A O   1 
HETATM 858  O  O   . HOH D 3 .   ? -10.426 7.898   -0.289  1.00 22.32 ? 210 HOH A O   1 
HETATM 859  O  O   . HOH D 3 .   ? -11.523 -5.817  5.010   1.00 23.29 ? 211 HOH A O   1 
HETATM 860  O  O   . HOH D 3 .   ? -6.981  10.635  -8.075  1.00 24.08 ? 212 HOH A O   1 
HETATM 861  O  O   . HOH D 3 .   ? -6.356  8.921   -6.069  1.00 24.41 ? 213 HOH A O   1 
HETATM 862  O  O   . HOH D 3 .   ? -12.987 -8.366  6.331   1.00 24.79 ? 214 HOH A O   1 
HETATM 863  O  O   . HOH D 3 .   ? -16.371 -2.985  7.948   1.00 25.11 ? 215 HOH A O   1 
HETATM 864  O  O   . HOH D 3 .   ? -17.111 6.300   -6.221  1.00 25.12 ? 216 HOH A O   1 
HETATM 865  O  O   . HOH D 3 .   ? -8.185  4.582   -5.470  1.00 25.47 ? 217 HOH A O   1 
HETATM 866  O  O   . HOH D 3 .   ? -3.929  -3.502  11.133  1.00 25.89 ? 218 HOH A O   1 
HETATM 867  O  O   . HOH D 3 .   ? 17.337  0.398   11.482  1.00 25.98 ? 219 HOH A O   1 
HETATM 868  O  O   . HOH D 3 .   ? 13.094  -10.412 -1.249  1.00 26.71 ? 220 HOH A O   1 
HETATM 869  O  O   . HOH D 3 .   ? -9.929  8.031   -2.954  1.00 26.78 ? 221 HOH A O   1 
HETATM 870  O  O   . HOH D 3 .   ? -4.650  3.492   -11.342 1.00 27.21 ? 222 HOH A O   1 
HETATM 871  O  O   . HOH D 3 .   ? 14.488  2.664   11.796  1.00 27.51 ? 223 HOH A O   1 
HETATM 872  O  O   . HOH D 3 .   ? 0.313   10.724  8.344   1.00 27.56 ? 224 HOH A O   1 
HETATM 873  O  O   . HOH D 3 .   ? 17.751  -0.172  5.203   1.00 27.58 ? 225 HOH A O   1 
HETATM 874  O  O   . HOH D 3 .   ? 7.725   6.480   2.592   1.00 27.91 ? 226 HOH A O   1 
HETATM 875  O  O   . HOH D 3 .   ? -10.683 -10.162 5.962   1.00 28.01 ? 227 HOH A O   1 
HETATM 876  O  O   . HOH D 3 .   ? -15.799 -4.980  7.461   1.00 28.05 ? 228 HOH A O   1 
HETATM 877  O  O   . HOH D 3 .   ? -3.581  -7.087  3.041   1.00 28.78 ? 229 HOH A O   1 
HETATM 878  O  O   . HOH D 3 .   ? -7.719  12.935  4.713   1.00 29.39 ? 230 HOH A O   1 
HETATM 879  O  O   . HOH D 3 .   ? 2.233   11.274  5.450   1.00 29.46 ? 231 HOH A O   1 
HETATM 880  O  O   . HOH D 3 .   ? -7.225  6.637   -7.068  1.00 29.71 ? 232 HOH A O   1 
HETATM 881  O  O   . HOH D 3 .   ? 12.093  -3.489  9.277   1.00 29.78 ? 233 HOH A O   1 
HETATM 882  O  O   . HOH D 3 .   ? 2.206   6.599   -1.926  1.00 30.18 ? 234 HOH A O   1 
HETATM 883  O  O   . HOH D 3 .   ? 3.882   8.911   5.014   1.00 30.28 ? 235 HOH A O   1 
HETATM 884  O  O   . HOH D 3 .   ? -5.958  17.919  -0.984  1.00 30.37 ? 236 HOH A O   1 
HETATM 885  O  O   . HOH D 3 .   ? -15.207 -7.180  5.455   1.00 30.38 ? 237 HOH A O   1 
HETATM 886  O  O   . HOH D 3 .   ? -0.813  -10.661 -4.819  1.00 30.45 ? 238 HOH A O   1 
HETATM 887  O  O   . HOH D 3 .   ? -18.851 6.018   -3.694  1.00 30.66 ? 239 HOH A O   1 
HETATM 888  O  O   . HOH D 3 .   ? 7.527   -15.553 -1.308  1.00 30.78 ? 240 HOH A O   1 
HETATM 889  O  O   . HOH D 3 .   ? -8.199  8.408   8.780   1.00 31.15 ? 241 HOH A O   1 
HETATM 890  O  O   . HOH D 3 .   ? -4.552  -9.431  -4.452  1.00 31.22 ? 242 HOH A O   1 
HETATM 891  O  O   . HOH D 3 .   ? -4.085  -4.390  3.590   1.00 31.26 ? 243 HOH A O   1 
HETATM 892  O  O   . HOH D 3 .   ? -11.722 -5.332  -6.628  1.00 31.31 ? 244 HOH A O   1 
HETATM 893  O  O   . HOH D 3 .   ? -3.707  5.492   -15.698 1.00 31.41 ? 245 HOH A O   1 
HETATM 894  O  O   . HOH D 3 .   ? 16.741  4.432   10.886  1.00 31.51 ? 246 HOH A O   1 
HETATM 895  O  O   . HOH D 3 .   ? -11.325 7.010   -6.193  1.00 31.75 ? 247 HOH A O   1 
HETATM 896  O  O   . HOH D 3 .   ? 3.670   8.464   9.756   1.00 31.87 ? 248 HOH A O   1 
HETATM 897  O  O   . HOH D 3 .   ? -6.808  -4.253  -12.714 1.00 32.15 ? 249 HOH A O   1 
HETATM 898  O  O   . HOH D 3 .   ? 2.951   -2.217  -15.060 1.00 32.30 ? 250 HOH A O   1 
HETATM 899  O  O   . HOH D 3 .   ? 5.565   -13.742 -0.590  1.00 32.85 ? 251 HOH A O   1 
HETATM 900  O  O   . HOH D 3 .   ? -12.855 -9.944  0.891   1.00 32.87 ? 252 HOH A O   1 
HETATM 901  O  O   . HOH D 3 .   ? 1.485   7.058   -3.978  1.00 33.16 ? 253 HOH A O   1 
HETATM 902  O  O   . HOH D 3 .   ? -0.785  -6.401  4.422   1.00 33.36 ? 254 HOH A O   1 
HETATM 903  O  O   . HOH D 3 .   ? -5.374  0.891   -19.028 1.00 33.71 ? 255 HOH A O   1 
HETATM 904  O  O   . HOH D 3 .   ? -5.335  12.362  -13.423 1.00 33.73 ? 256 HOH A O   1 
HETATM 905  O  O   . HOH D 3 .   ? -23.778 -1.692  -0.550  1.00 34.11 ? 257 HOH A O   1 
HETATM 906  O  O   . HOH D 3 .   ? 5.038   -3.137  -6.154  1.00 34.13 ? 258 HOH A O   1 
HETATM 907  O  O   . HOH D 3 .   ? -8.318  9.881   -4.028  1.00 34.27 ? 259 HOH A O   1 
HETATM 908  O  O   . HOH D 3 .   ? -1.846  1.067   -20.977 1.00 35.14 ? 260 HOH A O   1 
HETATM 909  O  O   . HOH D 3 .   ? -6.704  -12.094 2.365   1.00 35.16 ? 261 HOH A O   1 
HETATM 910  O  O   . HOH D 3 .   ? -13.580 -10.107 3.774   1.00 35.19 ? 262 HOH A O   1 
HETATM 911  O  O   . HOH D 3 .   ? -15.393 -3.307  5.966   1.00 35.29 ? 263 HOH A O   1 
HETATM 912  O  O   . HOH D 3 .   ? -5.276  11.257  -11.171 1.00 35.49 ? 264 HOH A O   1 
HETATM 913  O  O   . HOH D 3 .   ? 14.116  5.119   -0.609  1.00 37.19 ? 265 HOH A O   1 
HETATM 914  O  O   . HOH D 3 .   ? -14.972 3.402   9.286   1.00 37.30 ? 266 HOH A O   1 
HETATM 915  O  O   . HOH D 3 .   ? -0.707  -4.845  11.021  1.00 37.69 ? 267 HOH A O   1 
HETATM 916  O  O   . HOH D 3 .   ? 0.219   -7.819  -11.699 1.00 39.34 ? 268 HOH A O   1 
HETATM 917  O  O   . HOH D 3 .   ? 13.163  -1.786  11.309  1.00 39.49 ? 269 HOH A O   1 
HETATM 918  O  O   . HOH D 3 .   ? 7.154   8.578   10.385  1.00 39.49 ? 270 HOH A O   1 
HETATM 919  O  O   . HOH D 3 .   ? 11.217  5.183   -3.639  1.00 39.68 ? 271 HOH A O   1 
HETATM 920  O  O   . HOH D 3 .   ? 1.843   8.845   -2.442  1.00 39.94 ? 272 HOH A O   1 
HETATM 921  O  O   . HOH D 3 .   ? -19.004 -9.003  0.818   1.00 39.98 ? 273 HOH A O   1 
HETATM 922  O  O   . HOH D 3 .   ? -0.477  -8.873  3.881   1.00 40.05 ? 274 HOH A O   1 
HETATM 923  O  O   . HOH D 3 .   ? 5.438   -15.459 -2.721  1.00 40.09 ? 275 HOH A O   1 
HETATM 924  O  O   . HOH D 3 .   ? 4.948   -11.433 1.988   1.00 40.11 ? 276 HOH A O   1 
HETATM 925  O  O   . HOH D 3 .   ? -4.239  -9.319  4.878   1.00 40.11 ? 277 HOH A O   1 
HETATM 926  O  O   . HOH D 3 .   ? -7.272  2.637   -11.623 1.00 40.16 ? 278 HOH A O   1 
HETATM 927  O  O   . HOH D 3 .   ? -15.242 -9.349  5.664   1.00 40.20 ? 279 HOH A O   1 
HETATM 928  O  O   . HOH D 3 .   ? 0.175   5.532   11.512  1.00 40.28 ? 280 HOH A O   1 
HETATM 929  O  O   . HOH D 3 .   ? -10.085 -11.787 3.314   1.00 40.33 ? 281 HOH A O   1 
HETATM 930  O  O   . HOH D 3 .   ? -6.517  12.276  9.682   1.00 40.40 ? 282 HOH A O   1 
HETATM 931  O  O   . HOH D 3 .   ? -14.559 -5.505  -7.205  1.00 40.80 ? 283 HOH A O   1 
HETATM 932  O  O   . HOH D 3 .   ? 10.339  6.584   4.613   1.00 41.02 ? 284 HOH A O   1 
HETATM 933  O  O   . HOH D 3 .   ? 0.270   -5.507  -15.237 1.00 41.10 ? 285 HOH A O   1 
HETATM 934  O  O   . HOH D 3 .   ? -0.772  7.895   -11.958 1.00 41.24 ? 286 HOH A O   1 
HETATM 935  O  O   . HOH D 3 .   ? -8.687  7.843   11.243  1.00 41.69 ? 287 HOH A O   1 
HETATM 936  O  O   . HOH D 3 .   ? 14.917  7.428   5.799   1.00 41.69 ? 288 HOH A O   1 
HETATM 937  O  O   . HOH D 3 .   ? 5.295   9.166   3.004   1.00 41.83 ? 289 HOH A O   1 
HETATM 938  O  O   . HOH D 3 .   ? -4.898  4.226   -19.871 1.00 42.55 ? 290 HOH A O   1 
HETATM 939  O  O   . HOH D 3 .   ? 16.375  -8.944  -1.311  1.00 42.75 ? 291 HOH A O   1 
HETATM 940  O  O   . HOH D 3 .   ? 4.991   -1.329  13.361  1.00 42.96 ? 292 HOH A O   1 
HETATM 941  O  O   . HOH D 3 .   ? -12.367 16.567  1.838   1.00 43.23 ? 293 HOH A O   1 
HETATM 942  O  O   . HOH D 3 .   ? -20.399 -6.635  -4.400  1.00 43.29 ? 294 HOH A O   1 
HETATM 943  O  O   . HOH D 3 .   ? -8.221  -5.068  -17.233 1.00 43.44 ? 295 HOH A O   1 
HETATM 944  O  O   . HOH D 3 .   ? -1.227  -8.914  -9.544  1.00 43.71 ? 296 HOH A O   1 
HETATM 945  O  O   . HOH D 3 .   ? 7.548   -8.209  7.179   1.00 44.30 ? 297 HOH A O   1 
HETATM 946  O  O   . HOH D 3 .   ? 3.408   -9.838  6.131   1.00 44.49 ? 298 HOH A O   1 
HETATM 947  O  O   . HOH D 3 .   ? -3.067  7.700   -9.504  1.00 44.63 ? 299 HOH A O   1 
HETATM 948  O  O   . HOH D 3 .   ? -14.928 9.066   -5.944  1.00 44.64 ? 300 HOH A O   1 
HETATM 949  O  O   . HOH D 3 .   ? -2.041  3.311   -19.187 1.00 44.68 ? 301 HOH A O   1 
HETATM 950  O  O   . HOH D 3 .   ? 13.277  5.105   12.961  1.00 44.79 ? 302 HOH A O   1 
HETATM 951  O  O   . HOH D 3 .   ? -8.924  3.816   -10.243 1.00 44.82 ? 303 HOH A O   1 
HETATM 952  O  O   . HOH D 3 .   ? 5.653   -4.318  -12.102 1.00 44.98 ? 304 HOH A O   1 
HETATM 953  O  O   . HOH D 3 .   ? -20.342 3.522   5.716   1.00 45.44 ? 305 HOH A O   1 
HETATM 954  O  O   . HOH D 3 .   ? -21.901 1.794   2.684   1.00 46.00 ? 306 HOH A O   1 
HETATM 955  O  O   . HOH D 3 .   ? -20.428 -6.246  -6.987  1.00 46.03 ? 307 HOH A O   1 
HETATM 956  O  O   . HOH D 3 .   ? -12.431 13.332  4.231   1.00 46.41 ? 308 HOH A O   1 
HETATM 957  O  O   . HOH D 3 .   ? 20.883  -12.100 7.768   1.00 46.85 ? 309 HOH A O   1 
HETATM 958  O  O   . HOH D 3 .   ? 4.311   5.346   -6.438  1.00 46.97 ? 310 HOH A O   1 
HETATM 959  O  O   . HOH D 3 .   ? -11.805 -2.303  -10.073 1.00 47.02 ? 311 HOH A O   1 
HETATM 960  O  O   . HOH D 3 .   ? 2.226   -6.105  -7.741  1.00 47.11 ? 312 HOH A O   1 
HETATM 961  O  O   . HOH D 3 .   ? -1.070  -5.688  -19.063 1.00 47.18 ? 313 HOH A O   1 
HETATM 962  O  O   . HOH D 3 .   ? -3.558  -14.219 1.018   1.00 47.18 ? 314 HOH A O   1 
HETATM 963  O  O   . HOH D 3 .   ? -16.763 5.089   9.585   1.00 47.41 ? 315 HOH A O   1 
HETATM 964  O  O   . HOH D 3 .   ? -18.390 8.588   5.503   1.00 47.54 ? 316 HOH A O   1 
HETATM 965  O  O   . HOH D 3 .   ? 6.761   -15.574 -4.781  1.00 47.91 ? 317 HOH A O   1 
HETATM 966  O  O   . HOH D 3 .   ? -9.719  7.328   6.131   1.00 48.35 ? 318 HOH A O   1 
HETATM 967  O  O   . HOH D 3 .   ? 14.194  -5.882  -6.333  1.00 48.52 ? 319 HOH A O   1 
HETATM 968  O  O   . HOH D 3 .   ? -2.815  1.354   13.822  1.00 48.66 ? 320 HOH A O   1 
HETATM 969  O  O   . HOH D 3 .   ? -24.188 -4.098  -1.143  1.00 48.82 ? 321 HOH A O   1 
HETATM 970  O  O   . HOH D 3 .   ? 24.060  -11.281 4.363   1.00 48.94 ? 322 HOH A O   1 
HETATM 971  O  O   . HOH D 3 .   ? -16.960 7.276   8.580   1.00 49.36 ? 323 HOH A O   1 
HETATM 972  O  O   . HOH D 3 .   ? -11.906 1.626   -9.905  1.00 49.39 ? 324 HOH A O   1 
HETATM 973  O  O   . HOH D 3 .   ? -20.365 7.302   1.151   1.00 49.50 ? 325 HOH A O   1 
HETATM 974  O  O   . HOH D 3 .   ? 16.373  6.291   -4.078  1.00 49.66 ? 326 HOH A O   1 
HETATM 975  O  O   . HOH D 3 .   ? -7.791  -6.414  -15.024 1.00 49.72 ? 327 HOH A O   1 
HETATM 976  O  O   . HOH D 3 .   ? -2.080  -7.946  -14.317 1.00 49.76 ? 328 HOH A O   1 
HETATM 977  O  O   . HOH D 3 .   ? 3.141   -14.057 0.814   1.00 49.93 ? 329 HOH A O   1 
HETATM 978  O  O   . HOH D 3 .   ? -25.765 -4.607  0.974   1.00 50.62 ? 330 HOH A O   1 
HETATM 979  O  O   . HOH D 3 .   ? -9.017  -1.478  -14.036 1.00 50.77 ? 331 HOH A O   1 
HETATM 980  O  O   . HOH D 3 .   ? 5.802   4.344   -12.628 1.00 50.82 ? 332 HOH A O   1 
HETATM 981  O  O   . HOH D 3 .   ? -10.310 15.807  4.374   1.00 51.06 ? 333 HOH A O   1 
HETATM 982  O  O   . HOH D 3 .   ? 18.205  -5.779  0.884   1.00 51.09 ? 334 HOH A O   1 
HETATM 983  O  O   . HOH D 3 .   ? 20.436  5.819   -2.137  1.00 51.19 ? 335 HOH A O   1 
HETATM 984  O  O   . HOH D 3 .   ? -3.651  -6.637  -10.779 1.00 51.62 ? 336 HOH A O   1 
HETATM 985  O  O   . HOH D 3 .   ? -23.130 0.172   -1.038  1.00 51.85 ? 337 HOH A O   1 
HETATM 986  O  O   . HOH D 3 .   ? -3.926  5.605   -10.047 1.00 51.87 ? 338 HOH A O   1 
HETATM 987  O  O   . HOH D 3 .   ? 8.159   10.264  3.428   1.00 52.08 ? 339 HOH A O   1 
HETATM 988  O  O   . HOH D 3 .   ? 2.634   -6.718  -14.487 1.00 52.11 ? 340 HOH A O   1 
HETATM 989  O  O   . HOH D 3 .   ? -14.992 -6.569  -9.080  1.00 52.27 ? 341 HOH A O   1 
HETATM 990  O  O   . HOH D 3 .   ? -4.837  10.037  -15.096 1.00 52.65 ? 342 HOH A O   1 
HETATM 991  O  O   . HOH D 3 .   ? -20.150 -11.000 2.517   1.00 52.77 ? 343 HOH A O   1 
HETATM 992  O  O   . HOH D 3 .   ? -2.292  -15.122 -4.850  1.00 52.88 ? 344 HOH A O   1 
HETATM 993  O  O   . HOH D 3 .   ? 8.958   4.899   -4.889  1.00 53.21 ? 345 HOH A O   1 
HETATM 994  O  O   . HOH D 3 .   ? 3.574   -4.371  -8.789  1.00 53.36 ? 346 HOH A O   1 
HETATM 995  O  O   . HOH D 3 .   ? 9.728   3.596   10.818  1.00 53.43 ? 347 HOH A O   1 
HETATM 996  O  O   . HOH D 3 .   ? 9.256   5.682   15.181  1.00 53.49 ? 348 HOH A O   1 
HETATM 997  O  O   . HOH D 3 .   ? 17.547  8.014   5.202   1.00 53.50 ? 349 HOH A O   1 
HETATM 998  O  O   . HOH D 3 .   ? 4.389   10.006  7.608   1.00 53.57 ? 350 HOH A O   1 
HETATM 999  O  O   . HOH D 3 .   ? -1.181  -6.238  6.962   1.00 53.58 ? 351 HOH A O   1 
HETATM 1000 O  O   . HOH D 3 .   ? 2.456   3.904   15.275  1.00 53.92 ? 352 HOH A O   1 
HETATM 1001 O  O   . HOH D 3 .   ? 16.883  9.761   -2.368  1.00 53.98 ? 353 HOH A O   1 
HETATM 1002 O  O   . HOH D 3 .   ? 9.393   2.328   -7.021  1.00 54.00 ? 354 HOH A O   1 
HETATM 1003 O  O   . HOH D 3 .   ? 10.548  6.110   -10.133 1.00 54.12 ? 355 HOH A O   1 
HETATM 1004 O  O   . HOH D 3 .   ? 5.434   7.491   12.195  1.00 54.40 ? 356 HOH A O   1 
HETATM 1005 O  O   . HOH D 3 .   ? -22.148 10.213  3.206   1.00 54.65 ? 357 HOH A O   1 
HETATM 1006 O  O   . HOH D 3 .   ? -6.908  13.816  7.433   1.00 54.76 ? 358 HOH A O   1 
HETATM 1007 O  O   . HOH D 3 .   ? 15.883  -13.433 4.973   1.00 54.84 ? 359 HOH A O   1 
HETATM 1008 O  O   . HOH D 3 .   ? 4.560   -2.511  -9.681  1.00 55.21 ? 360 HOH A O   1 
HETATM 1009 O  O   . HOH D 3 .   ? -26.024 -0.859  1.766   1.00 55.33 ? 361 HOH A O   1 
HETATM 1010 O  O   . HOH D 3 .   ? 4.081   3.240   -14.022 1.00 55.65 ? 362 HOH A O   1 
HETATM 1011 O  O   . HOH D 3 .   ? 7.587   10.224  -0.048  1.00 56.42 ? 363 HOH A O   1 
HETATM 1012 O  O   . HOH D 3 .   ? 1.854   -10.806 -7.084  1.00 56.55 ? 364 HOH A O   1 
HETATM 1013 O  O   . HOH D 3 .   ? 2.510   5.640   -15.616 1.00 56.72 ? 365 HOH A O   1 
HETATM 1014 O  O   . HOH D 3 .   ? -12.185 2.147   -13.176 1.00 57.13 ? 366 HOH A O   1 
HETATM 1015 O  O   . HOH D 3 .   ? -23.781 0.948   -3.336  1.00 57.18 ? 367 HOH A O   1 
HETATM 1016 O  O   . HOH D 3 .   ? 22.891  -8.568  4.717   1.00 57.23 ? 368 HOH A O   1 
HETATM 1017 O  O   . HOH D 3 .   ? -18.215 5.685   -8.802  1.00 57.33 ? 369 HOH A O   1 
HETATM 1018 O  O   . HOH D 3 .   ? 18.081  4.636   -4.818  1.00 57.69 ? 370 HOH A O   1 
HETATM 1019 O  O   . HOH D 3 .   ? -16.638 12.000  -0.402  1.00 57.99 ? 371 HOH A O   1 
HETATM 1020 O  O   . HOH D 3 .   ? -17.585 13.529  -2.039  1.00 58.38 ? 372 HOH A O   1 
HETATM 1021 O  O   . HOH D 3 .   ? -3.247  13.151  -0.352  1.00 58.47 ? 373 HOH A O   1 
HETATM 1022 O  O   . HOH D 3 .   ? 1.471   -11.242 -13.610 1.00 58.57 ? 374 HOH A O   1 
HETATM 1023 O  O   . HOH D 3 .   ? -20.283 -7.469  -1.756  1.00 58.64 ? 375 HOH A O   1 
HETATM 1024 O  O   . HOH D 3 .   ? 18.251  -1.911  -1.145  1.00 58.73 ? 376 HOH A O   1 
HETATM 1025 O  O   . HOH D 3 .   ? -13.818 14.716  3.289   1.00 59.29 ? 377 HOH A O   1 
HETATM 1026 O  O   . HOH D 3 .   ? -5.583  -10.196 2.951   1.00 59.36 ? 378 HOH A O   1 
HETATM 1027 O  O   . HOH D 3 .   ? -21.286 5.896   -7.678  1.00 59.55 ? 379 HOH A O   1 
HETATM 1028 O  O   . HOH D 3 .   ? 17.652  5.489   -1.285  1.00 59.57 ? 380 HOH A O   1 
HETATM 1029 O  O   . HOH D 3 .   ? 4.492   6.193   -14.097 1.00 60.06 ? 381 HOH A O   1 
HETATM 1030 O  O   . HOH D 3 .   ? 7.632   -17.737 -2.570  1.00 60.25 ? 382 HOH A O   1 
HETATM 1031 O  O   . HOH D 3 .   ? -10.968 6.722   -10.099 1.00 60.27 ? 383 HOH A O   1 
HETATM 1032 O  O   . HOH D 3 .   ? 21.873  -11.320 5.783   1.00 60.28 ? 384 HOH A O   1 
HETATM 1033 O  O   . HOH D 3 .   ? 7.705   -1.823  -10.921 1.00 60.32 ? 385 HOH A O   1 
HETATM 1034 O  O   . HOH D 3 .   ? -21.057 5.540   -3.316  1.00 60.33 ? 386 HOH A O   1 
HETATM 1035 O  O   . HOH D 3 .   ? 22.140  0.657   -1.247  1.00 60.51 ? 387 HOH A O   1 
HETATM 1036 O  O   . HOH D 3 .   ? 0.640   4.128   13.605  1.00 60.55 ? 388 HOH A O   1 
HETATM 1037 O  O   . HOH D 3 .   ? 12.569  -13.949 5.603   1.00 60.76 ? 389 HOH A O   1 
HETATM 1038 O  O   . HOH D 3 .   ? -2.589  -2.608  14.583  1.00 61.24 ? 390 HOH A O   1 
HETATM 1039 O  O   . HOH D 3 .   ? 6.514   0.072   -10.223 1.00 61.73 ? 391 HOH A O   1 
HETATM 1040 O  O   . HOH D 3 .   ? -1.971  4.327   11.072  1.00 61.93 ? 392 HOH A O   1 
HETATM 1041 O  O   . HOH D 3 .   ? 0.713   -7.720  8.520   1.00 62.01 ? 393 HOH A O   1 
HETATM 1042 O  O   . HOH D 3 .   ? 5.170   7.858   -0.597  1.00 62.54 ? 394 HOH A O   1 
HETATM 1043 O  O   . HOH D 3 .   ? 6.183   -5.684  -14.134 1.00 62.70 ? 395 HOH A O   1 
HETATM 1044 O  O   . HOH D 3 .   ? 4.558   -2.413  -12.412 1.00 62.74 ? 396 HOH A O   1 
HETATM 1045 O  O   . HOH D 3 .   ? 1.361   -4.819  -17.062 1.00 62.83 ? 397 HOH A O   1 
HETATM 1046 O  O   . HOH D 3 .   ? 5.486   -17.279 -4.072  1.00 63.06 ? 398 HOH A O   1 
HETATM 1047 O  O   . HOH D 3 .   ? 12.836  7.708   4.339   1.00 63.31 ? 399 HOH A O   1 
HETATM 1048 O  O   . HOH D 3 .   ? -20.057 7.538   -5.124  1.00 63.33 ? 400 HOH A O   1 
HETATM 1049 O  O   . HOH D 3 .   ? -8.658  0.491   -11.945 1.00 63.40 ? 401 HOH A O   1 
HETATM 1050 O  O   . HOH D 3 .   ? 13.174  8.771   1.334   1.00 63.44 ? 402 HOH A O   1 
HETATM 1051 O  O   . HOH D 3 .   ? 2.712   -8.989  -13.946 1.00 64.38 ? 403 HOH A O   1 
HETATM 1052 O  O   . HOH D 3 .   ? -8.887  -5.654  -9.196  1.00 65.64 ? 404 HOH A O   1 
HETATM 1053 O  O   . HOH D 3 .   ? -6.283  -11.395 -5.251  1.00 65.96 ? 405 HOH A O   1 
HETATM 1054 O  O   . HOH D 3 .   ? 5.481   1.958   -11.241 1.00 67.15 ? 406 HOH A O   1 
HETATM 1055 O  O   . HOH D 3 .   ? 5.029   -18.595 -2.014  1.00 67.91 ? 407 HOH A O   1 
HETATM 1056 O  O   . HOH D 3 .   ? 3.538   -7.820  -8.183  1.00 68.16 ? 408 HOH A O   1 
HETATM 1057 O  O   . HOH D 3 .   ? 0.123   -4.733  14.309  1.00 68.62 ? 409 HOH A O   1 
HETATM 1058 O  O   . HOH D 3 .   ? -4.262  -2.074  13.203  1.00 68.84 ? 410 HOH A O   1 
HETATM 1059 O  O   . HOH D 3 .   ? -14.980 18.140  3.186   1.00 68.98 ? 411 HOH A O   1 
HETATM 1060 O  O   . HOH D 3 .   ? 21.070  -0.850  -9.807  1.00 69.69 ? 412 HOH A O   1 
HETATM 1061 O  O   . HOH D 3 .   ? -21.551 9.008   -2.230  1.00 69.91 ? 413 HOH A O   1 
HETATM 1062 O  O   . HOH D 3 .   ? -16.302 -0.849  -6.789  1.00 69.97 ? 414 HOH A O   1 
HETATM 1063 O  O   . HOH D 3 .   ? -2.475  -0.063  10.538  1.00 70.24 ? 415 HOH A O   1 
HETATM 1064 O  O   . HOH D 3 .   ? -8.382  12.148  -9.226  1.00 70.84 ? 416 HOH A O   1 
HETATM 1065 O  O   . HOH D 3 .   ? -24.018 -0.396  1.115   1.00 70.92 ? 417 HOH A O   1 
HETATM 1066 O  O   . HOH D 3 .   ? 0.707   -8.852  -7.618  1.00 71.51 ? 418 HOH A O   1 
HETATM 1067 O  O   . HOH D 3 .   ? 21.010  -6.060  5.991   1.00 72.44 ? 419 HOH A O   1 
HETATM 1068 O  O   . HOH D 3 .   ? -1.260  -10.565 -2.533  1.00 73.72 ? 420 HOH A O   1 
HETATM 1069 O  O   . HOH D 3 .   ? 5.309   10.260  12.497  1.00 74.65 ? 421 HOH A O   1 
HETATM 1070 O  O   . HOH D 3 .   ? -7.864  -14.569 -5.083  1.00 74.76 ? 422 HOH A O   1 
HETATM 1071 O  O   . HOH D 3 .   ? -27.299 -0.823  -0.233  1.00 76.06 ? 423 HOH A O   1 
HETATM 1072 O  O   . HOH D 3 .   ? -6.096  11.069  -3.966  1.00 76.88 ? 424 HOH A O   1 
HETATM 1073 O  O   . HOH D 3 .   ? 15.639  6.205   1.352   1.00 77.26 ? 425 HOH A O   1 
# 
